data_2YKX
#
_entry.id   2YKX
#
_cell.length_a   183.761
_cell.length_b   94.422
_cell.length_c   103.729
_cell.angle_alpha   90.00
_cell.angle_beta   113.65
_cell.angle_gamma   90.00
#
_symmetry.space_group_name_H-M   'C 1 2 1'
#
loop_
_entity.id
_entity.type
_entity.pdbx_description
1 polymer BETA-TRANSAMINASE
2 non-polymer "PYRIDOXAL-5'-PHOSPHATE"
3 non-polymer '2-OXOGLUTARIC ACID'
4 non-polymer GLYCEROL
5 non-polymer 1,2-ETHANEDIOL
6 water water
#
_entity_poly.entity_id   1
_entity_poly.type   'polypeptide(L)'
_entity_poly.pdbx_seq_one_letter_code
;MGSSHHHHHHSSGLVPRGSHMNEPIGEPGRSPASDTAEKAQAIAAARNTFARDNPVSAGHHERARRSMPGGNTRSILFHR
PFPLVIAQGTGSRFQDVDGHAYVNFLGEYTAGLFGHSHPVIRAAVERALAVGLNLSTQTENEALFAEAVCDRFPSIDLVR
FTNSGTEANLMALATATAITGRKTVLAFDGGYHGGLLNFASGHAPTNAPYHVVLGVYNDVEGTADLLKRHGHDCAAILVE
PMLGAGGCVPAERAFLDLLRAEASRCGALLIFDEVMTSRLSGGGAQEMLGISADLTTLGKYIGGGMSFGAFGGRRDLMER
FDPARDGAFAHAGTFNNNILTMSAGHAALTQIYTRQAASDLSASGDRFRANLNRIAVENQAPLQFTGLGSLGTIHFSRAP
IRSAGDVRAADQQLKELFFFHMLRKGIYLAPRGMYALSLEIADAGRDAFAEALADFIGEQRALLM
;
_entity_poly.pdbx_strand_id   A,B,C
#
loop_
_chem_comp.id
_chem_comp.type
_chem_comp.name
_chem_comp.formula
AKG non-polymer '2-OXOGLUTARIC ACID' 'C5 H6 O5'
EDO non-polymer 1,2-ETHANEDIOL 'C2 H6 O2'
GOL non-polymer GLYCEROL 'C3 H8 O3'
PLP non-polymer PYRIDOXAL-5'-PHOSPHATE 'C8 H10 N O6 P'
#
# COMPACT_ATOMS: atom_id res chain seq x y z
N SER A 34 16.68 20.66 45.80
CA SER A 34 17.98 19.92 45.95
C SER A 34 17.78 18.58 46.69
N ASP A 35 18.73 17.66 46.47
CA ASP A 35 18.65 16.32 47.06
C ASP A 35 18.79 16.34 48.58
N THR A 36 17.95 15.54 49.25
CA THR A 36 18.07 15.34 50.70
C THR A 36 18.24 13.85 51.01
N ALA A 37 18.86 13.57 52.16
CA ALA A 37 19.04 12.20 52.64
C ALA A 37 17.70 11.51 52.91
N GLU A 38 16.75 12.30 53.41
CA GLU A 38 15.41 11.83 53.73
C GLU A 38 14.69 11.27 52.50
N LYS A 39 14.72 12.05 51.41
CA LYS A 39 14.11 11.64 50.15
C LYS A 39 14.86 10.46 49.51
N ALA A 40 16.19 10.46 49.64
CA ALA A 40 17.01 9.37 49.11
C ALA A 40 16.72 8.05 49.82
N GLN A 41 16.50 8.11 51.12
CA GLN A 41 16.18 6.93 51.92
C GLN A 41 14.80 6.39 51.52
N ALA A 42 13.85 7.29 51.28
CA ALA A 42 12.52 6.93 50.83
C ALA A 42 12.56 6.24 49.47
N ILE A 43 13.38 6.75 48.56
CA ILE A 43 13.55 6.16 47.23
C ILE A 43 14.19 4.76 47.34
N ALA A 44 15.22 4.65 48.18
CA ALA A 44 15.87 3.35 48.42
C ALA A 44 14.86 2.31 48.89
N ALA A 45 14.01 2.70 49.85
CA ALA A 45 12.95 1.84 50.36
C ALA A 45 11.98 1.41 49.24
N ALA A 46 11.58 2.38 48.41
CA ALA A 46 10.68 2.12 47.29
C ALA A 46 11.30 1.17 46.28
N ARG A 47 12.56 1.41 45.94
CA ARG A 47 13.31 0.54 45.03
C ARG A 47 13.49 -0.86 45.59
N ASN A 48 13.74 -0.95 46.90
CA ASN A 48 13.94 -2.24 47.56
C ASN A 48 12.66 -3.08 47.56
N THR A 49 11.53 -2.44 47.85
CA THR A 49 10.21 -3.08 47.79
C THR A 49 9.92 -3.54 46.36
N PHE A 50 10.15 -2.66 45.40
CA PHE A 50 10.00 -2.98 43.98
C PHE A 50 10.83 -4.22 43.61
N ALA A 51 12.09 -4.23 44.05
CA ALA A 51 13.02 -5.34 43.79
C ALA A 51 12.53 -6.66 44.38
N ARG A 52 12.14 -6.63 45.66
CA ARG A 52 11.68 -7.83 46.36
C ARG A 52 10.41 -8.41 45.75
N ASP A 53 9.53 -7.53 45.27
CA ASP A 53 8.24 -7.95 44.72
C ASP A 53 8.31 -8.41 43.27
N ASN A 54 9.41 -8.10 42.59
CA ASN A 54 9.58 -8.48 41.19
C ASN A 54 10.85 -9.29 40.89
N PRO A 55 11.02 -10.47 41.54
CA PRO A 55 12.24 -11.26 41.32
C PRO A 55 12.38 -11.83 39.91
N VAL A 56 11.26 -12.16 39.26
CA VAL A 56 11.31 -12.70 37.89
C VAL A 56 11.82 -11.64 36.92
N SER A 57 11.30 -10.41 37.05
CA SER A 57 11.81 -9.26 36.28
C SER A 57 13.30 -9.03 36.56
N ALA A 58 13.69 -9.11 37.82
CA ALA A 58 15.09 -8.94 38.21
C ALA A 58 16.00 -9.94 37.49
N GLY A 59 15.55 -11.20 37.46
CA GLY A 59 16.27 -12.28 36.79
C GLY A 59 16.39 -12.09 35.29
N HIS A 60 15.32 -11.60 34.66
N HIS A 60 15.30 -11.61 34.68
CA HIS A 60 15.33 -11.35 33.23
CA HIS A 60 15.25 -11.31 33.25
C HIS A 60 16.30 -10.25 32.83
C HIS A 60 16.29 -10.25 32.85
N HIS A 61 16.43 -9.23 33.69
CA HIS A 61 17.38 -8.13 33.46
C HIS A 61 18.82 -8.65 33.36
N GLU A 62 19.22 -9.50 34.29
CA GLU A 62 20.56 -10.10 34.28
C GLU A 62 20.80 -10.94 33.02
N ARG A 63 19.77 -11.68 32.61
CA ARG A 63 19.81 -12.48 31.39
C ARG A 63 19.95 -11.57 30.15
N ALA A 64 19.12 -10.53 30.08
CA ALA A 64 19.11 -9.63 28.93
C ALA A 64 20.44 -8.91 28.71
N ARG A 65 21.19 -8.69 29.79
CA ARG A 65 22.50 -8.04 29.76
C ARG A 65 23.54 -8.78 28.93
N ARG A 66 23.30 -10.07 28.69
CA ARG A 66 24.23 -10.89 27.91
C ARG A 66 24.14 -10.65 26.40
N SER A 67 23.05 -10.04 25.94
N SER A 67 23.04 -10.07 25.94
CA SER A 67 22.82 -9.87 24.51
CA SER A 67 22.80 -9.90 24.50
C SER A 67 22.58 -8.43 24.07
C SER A 67 22.58 -8.43 24.08
N MET A 68 22.12 -7.60 25.01
CA MET A 68 21.91 -6.17 24.74
C MET A 68 22.66 -5.34 25.79
N PRO A 69 23.20 -4.18 25.40
CA PRO A 69 23.93 -3.34 26.37
C PRO A 69 23.01 -2.96 27.53
N GLY A 70 23.40 -3.36 28.73
CA GLY A 70 22.57 -3.16 29.92
C GLY A 70 21.22 -3.83 29.86
N GLY A 71 21.09 -4.86 29.03
CA GLY A 71 19.81 -5.54 28.81
C GLY A 71 18.75 -4.65 28.20
N ASN A 72 19.19 -3.72 27.35
CA ASN A 72 18.35 -2.62 26.90
C ASN A 72 18.48 -2.36 25.40
N THR A 73 17.38 -1.99 24.76
CA THR A 73 17.41 -1.59 23.35
C THR A 73 16.62 -0.29 23.08
N ARG A 74 16.02 0.25 24.13
CA ARG A 74 15.38 1.57 24.14
C ARG A 74 15.75 2.20 25.47
N SER A 75 16.64 3.19 25.42
CA SER A 75 17.18 3.83 26.64
C SER A 75 16.10 4.22 27.65
N ILE A 76 14.98 4.75 27.16
CA ILE A 76 13.90 5.26 28.03
C ILE A 76 13.21 4.16 28.86
N LEU A 77 13.33 2.92 28.41
CA LEU A 77 12.70 1.80 29.12
C LEU A 77 13.47 1.38 30.35
N PHE A 78 14.75 1.77 30.43
CA PHE A 78 15.55 1.46 31.62
C PHE A 78 15.32 2.42 32.77
N HIS A 79 15.14 1.86 33.96
CA HIS A 79 15.25 2.59 35.21
C HIS A 79 15.78 1.65 36.29
N ARG A 80 16.41 2.22 37.31
CA ARG A 80 16.88 1.45 38.46
C ARG A 80 15.72 1.04 39.37
N PRO A 81 15.84 -0.11 40.07
CA PRO A 81 16.96 -1.05 40.05
C PRO A 81 17.00 -1.91 38.79
N PHE A 82 15.84 -2.04 38.15
CA PHE A 82 15.68 -2.76 36.88
C PHE A 82 14.27 -2.44 36.37
N PRO A 83 14.03 -2.57 35.06
CA PRO A 83 12.69 -2.32 34.54
C PRO A 83 11.77 -3.54 34.69
N LEU A 84 10.46 -3.28 34.70
CA LEU A 84 9.47 -4.36 34.69
C LEU A 84 9.46 -5.05 33.33
N VAL A 85 9.42 -6.38 33.37
CA VAL A 85 9.21 -7.17 32.16
C VAL A 85 7.75 -7.60 32.14
N ILE A 86 7.06 -7.26 31.05
CA ILE A 86 5.64 -7.55 30.90
C ILE A 86 5.43 -8.85 30.12
N ALA A 87 4.44 -9.63 30.55
CA ALA A 87 4.14 -10.92 29.91
C ALA A 87 3.09 -10.78 28.82
N GLN A 88 2.02 -10.02 29.12
CA GLN A 88 0.85 -9.97 28.26
C GLN A 88 0.03 -8.72 28.58
N GLY A 89 -0.69 -8.21 27.58
CA GLY A 89 -1.62 -7.12 27.80
C GLY A 89 -2.79 -7.09 26.83
N THR A 90 -3.96 -6.71 27.34
CA THR A 90 -5.15 -6.48 26.52
C THR A 90 -5.77 -5.14 26.92
N GLY A 91 -6.34 -4.43 25.95
CA GLY A 91 -6.99 -3.15 26.22
C GLY A 91 -6.04 -2.17 26.88
N SER A 92 -6.46 -1.61 28.02
CA SER A 92 -5.64 -0.66 28.77
C SER A 92 -4.76 -1.31 29.84
N ARG A 93 -4.82 -2.63 29.94
CA ARG A 93 -4.17 -3.34 31.03
C ARG A 93 -3.05 -4.26 30.59
N PHE A 94 -2.02 -4.39 31.43
CA PHE A 94 -1.02 -5.44 31.24
C PHE A 94 -0.61 -6.12 32.55
N GLN A 95 0.08 -7.25 32.42
CA GLN A 95 0.54 -8.01 33.58
C GLN A 95 2.03 -8.26 33.43
N ASP A 96 2.79 -8.00 34.50
CA ASP A 96 4.21 -8.27 34.48
C ASP A 96 4.51 -9.76 34.71
N VAL A 97 5.77 -10.15 34.56
CA VAL A 97 6.18 -11.55 34.69
C VAL A 97 6.09 -12.06 36.12
N ASP A 98 5.84 -11.15 37.07
CA ASP A 98 5.66 -11.52 38.48
C ASP A 98 4.19 -11.56 38.91
N GLY A 99 3.28 -11.42 37.94
CA GLY A 99 1.85 -11.58 38.18
C GLY A 99 1.06 -10.34 38.57
N HIS A 100 1.71 -9.18 38.62
CA HIS A 100 1.03 -7.93 38.98
C HIS A 100 0.34 -7.34 37.76
N ALA A 101 -0.87 -6.83 37.97
CA ALA A 101 -1.66 -6.18 36.92
C ALA A 101 -1.59 -4.66 37.04
N TYR A 102 -1.55 -3.98 35.91
CA TYR A 102 -1.49 -2.51 35.88
C TYR A 102 -2.42 -1.93 34.82
N VAL A 103 -2.91 -0.72 35.06
CA VAL A 103 -3.52 0.08 34.02
C VAL A 103 -2.43 0.92 33.35
N ASN A 104 -2.35 0.85 32.02
CA ASN A 104 -1.29 1.52 31.27
C ASN A 104 -1.63 2.96 30.94
N PHE A 105 -1.13 3.88 31.76
CA PHE A 105 -1.30 5.32 31.52
C PHE A 105 -0.16 5.91 30.70
N LEU A 106 0.89 5.13 30.47
CA LEU A 106 2.01 5.57 29.64
C LEU A 106 1.63 5.63 28.16
N GLY A 107 0.89 4.63 27.69
CA GLY A 107 0.40 4.58 26.31
C GLY A 107 1.51 4.73 25.29
N GLU A 108 2.58 3.96 25.49
CA GLU A 108 3.75 3.92 24.60
C GLU A 108 4.24 5.32 24.21
N TYR A 109 4.38 6.18 25.22
CA TYR A 109 4.84 7.56 25.02
C TYR A 109 4.08 8.28 23.92
N THR A 110 2.75 8.13 23.95
CA THR A 110 1.77 8.70 22.99
C THR A 110 1.49 7.84 21.76
N ALA A 111 2.35 6.85 21.47
CA ALA A 111 2.16 5.97 20.31
C ALA A 111 1.03 4.97 20.52
N GLY A 112 0.83 4.57 21.77
CA GLY A 112 -0.10 3.49 22.12
C GLY A 112 -1.50 3.99 22.40
N LEU A 113 -2.03 4.78 21.46
CA LEU A 113 -3.33 5.41 21.59
C LEU A 113 -4.51 4.42 21.58
N PHE A 114 -4.27 3.21 21.08
CA PHE A 114 -5.34 2.25 20.79
C PHE A 114 -5.41 1.13 21.81
N GLY A 115 -4.56 1.20 22.83
CA GLY A 115 -4.44 0.13 23.80
C GLY A 115 -3.66 -1.04 23.22
N HIS A 116 -3.75 -2.19 23.90
CA HIS A 116 -2.91 -3.33 23.56
C HIS A 116 -3.50 -4.30 22.54
N SER A 117 -4.79 -4.16 22.25
CA SER A 117 -5.52 -5.14 21.44
C SER A 117 -6.78 -4.57 20.79
N HIS A 118 -6.63 -3.42 20.12
CA HIS A 118 -7.76 -2.78 19.47
C HIS A 118 -8.27 -3.62 18.31
N PRO A 119 -9.59 -3.95 18.30
CA PRO A 119 -10.11 -4.85 17.26
C PRO A 119 -10.02 -4.27 15.84
N VAL A 120 -10.13 -2.94 15.72
CA VAL A 120 -10.05 -2.29 14.42
C VAL A 120 -8.62 -2.33 13.89
N ILE A 121 -7.65 -2.13 14.78
CA ILE A 121 -6.24 -2.29 14.43
C ILE A 121 -5.97 -3.75 14.02
N ARG A 122 -6.46 -4.70 14.80
CA ARG A 122 -6.28 -6.12 14.48
C ARG A 122 -6.85 -6.46 13.10
N ALA A 123 -8.02 -5.92 12.79
CA ALA A 123 -8.66 -6.12 11.48
C ALA A 123 -7.80 -5.56 10.35
N ALA A 124 -7.20 -4.39 10.58
CA ALA A 124 -6.29 -3.78 9.62
C ALA A 124 -5.04 -4.63 9.39
N VAL A 125 -4.51 -5.22 10.47
CA VAL A 125 -3.37 -6.13 10.39
C VAL A 125 -3.72 -7.37 9.55
N GLU A 126 -4.91 -7.93 9.81
CA GLU A 126 -5.40 -9.07 9.04
C GLU A 126 -5.58 -8.74 7.55
N ARG A 127 -6.08 -7.53 7.28
CA ARG A 127 -6.25 -7.05 5.92
CA ARG A 127 -6.26 -7.05 5.91
C ARG A 127 -4.91 -6.93 5.20
N ALA A 128 -3.91 -6.41 5.93
CA ALA A 128 -2.56 -6.24 5.39
C ALA A 128 -1.93 -7.57 5.01
N LEU A 129 -2.12 -8.57 5.88
CA LEU A 129 -1.63 -9.93 5.63
C LEU A 129 -2.29 -10.55 4.39
N ALA A 130 -3.58 -10.25 4.21
CA ALA A 130 -4.34 -10.74 3.04
C ALA A 130 -3.83 -10.11 1.74
N VAL A 131 -3.45 -8.83 1.81
CA VAL A 131 -2.84 -8.12 0.68
C VAL A 131 -1.48 -8.75 0.34
N GLY A 132 -0.67 -8.98 1.37
CA GLY A 132 0.64 -9.60 1.18
C GLY A 132 1.75 -8.72 1.73
N LEU A 133 2.74 -9.38 2.33
CA LEU A 133 3.87 -8.69 2.93
C LEU A 133 5.01 -8.56 1.94
N ASN A 134 5.82 -7.51 2.12
CA ASN A 134 7.06 -7.30 1.35
C ASN A 134 6.86 -7.44 -0.16
N LEU A 135 5.82 -6.79 -0.67
CA LEU A 135 5.44 -6.90 -2.08
C LEU A 135 6.39 -6.19 -3.05
N SER A 136 7.37 -5.46 -2.52
CA SER A 136 8.48 -4.89 -3.31
C SER A 136 8.03 -3.83 -4.31
N THR A 137 6.81 -3.32 -4.11
CA THR A 137 6.16 -2.40 -5.04
C THR A 137 5.20 -1.48 -4.28
N GLN A 138 4.68 -0.48 -4.99
CA GLN A 138 3.63 0.37 -4.44
C GLN A 138 2.32 -0.38 -4.44
N THR A 139 1.50 -0.15 -3.41
CA THR A 139 0.12 -0.57 -3.42
C THR A 139 -0.75 0.67 -3.24
N GLU A 140 -2.05 0.52 -3.48
CA GLU A 140 -3.00 1.60 -3.29
C GLU A 140 -3.06 2.06 -1.83
N ASN A 141 -2.74 1.17 -0.91
CA ASN A 141 -2.84 1.44 0.51
C ASN A 141 -1.98 2.62 0.99
N GLU A 142 -0.81 2.80 0.40
CA GLU A 142 0.03 3.95 0.74
C GLU A 142 -0.58 5.28 0.31
N ALA A 143 -1.24 5.28 -0.86
CA ALA A 143 -1.89 6.47 -1.38
C ALA A 143 -3.10 6.87 -0.53
N LEU A 144 -3.86 5.87 -0.10
CA LEU A 144 -5.04 6.08 0.74
C LEU A 144 -4.65 6.65 2.11
N PHE A 145 -3.55 6.13 2.67
CA PHE A 145 -3.01 6.62 3.94
C PHE A 145 -2.50 8.06 3.81
N ALA A 146 -1.78 8.35 2.72
CA ALA A 146 -1.28 9.70 2.46
C ALA A 146 -2.40 10.71 2.31
N GLU A 147 -3.49 10.30 1.65
CA GLU A 147 -4.67 11.16 1.50
C GLU A 147 -5.30 11.47 2.85
N ALA A 148 -5.38 10.46 3.72
CA ALA A 148 -5.91 10.62 5.07
C ALA A 148 -5.09 11.62 5.88
N VAL A 149 -3.77 11.53 5.77
CA VAL A 149 -2.86 12.47 6.44
C VAL A 149 -3.06 13.89 5.91
N CYS A 150 -3.02 14.04 4.58
CA CYS A 150 -3.20 15.36 3.96
C CYS A 150 -4.55 16.00 4.26
N ASP A 151 -5.61 15.18 4.32
CA ASP A 151 -6.97 15.66 4.58
C ASP A 151 -7.11 16.40 5.92
N ARG A 152 -6.53 15.83 6.98
CA ARG A 152 -6.76 16.38 8.32
C ARG A 152 -5.69 17.35 8.82
N PHE A 153 -4.49 17.27 8.29
CA PHE A 153 -3.44 18.21 8.70
C PHE A 153 -3.34 19.39 7.73
N PRO A 154 -3.75 20.58 8.19
CA PRO A 154 -4.04 21.74 7.34
C PRO A 154 -2.84 22.34 6.61
N SER A 155 -1.63 22.11 7.11
CA SER A 155 -0.41 22.64 6.48
C SER A 155 0.37 21.58 5.69
N ILE A 156 -0.11 20.34 5.71
CA ILE A 156 0.52 19.26 4.94
C ILE A 156 -0.19 19.09 3.59
N ASP A 157 0.43 19.63 2.54
CA ASP A 157 -0.07 19.52 1.17
C ASP A 157 0.33 18.18 0.55
N LEU A 158 1.56 17.77 0.85
CA LEU A 158 2.11 16.49 0.41
C LEU A 158 2.87 15.87 1.58
N VAL A 159 2.94 14.55 1.60
CA VAL A 159 3.58 13.82 2.69
C VAL A 159 4.40 12.64 2.17
N ARG A 160 5.43 12.27 2.91
CA ARG A 160 6.17 11.04 2.68
C ARG A 160 6.32 10.31 4.00
N PHE A 161 6.25 8.98 3.95
CA PHE A 161 6.32 8.15 5.15
C PHE A 161 7.73 7.66 5.44
N THR A 162 8.05 7.59 6.72
CA THR A 162 9.31 7.08 7.21
C THR A 162 9.04 5.95 8.22
N ASN A 163 10.09 5.44 8.84
CA ASN A 163 9.98 4.32 9.77
C ASN A 163 10.03 4.73 11.23
N SER A 164 10.16 6.03 11.46
CA SER A 164 10.23 6.58 12.82
C SER A 164 10.09 8.09 12.77
N GLY A 165 9.79 8.68 13.92
CA GLY A 165 9.80 10.13 14.07
C GLY A 165 11.20 10.70 13.91
N THR A 166 12.21 9.92 14.34
CA THR A 166 13.62 10.31 14.16
C THR A 166 13.95 10.50 12.69
N GLU A 167 13.56 9.53 11.86
CA GLU A 167 13.77 9.63 10.41
C GLU A 167 13.01 10.81 9.82
N ALA A 168 11.79 11.02 10.30
CA ALA A 168 10.95 12.13 9.84
C ALA A 168 11.65 13.47 10.07
N ASN A 169 12.15 13.68 11.29
CA ASN A 169 12.87 14.91 11.62
C ASN A 169 14.20 15.06 10.89
N LEU A 170 14.93 13.96 10.73
CA LEU A 170 16.17 13.97 9.93
C LEU A 170 15.89 14.35 8.48
N MET A 171 14.82 13.81 7.92
CA MET A 171 14.42 14.13 6.54
C MET A 171 13.98 15.59 6.40
N ALA A 172 13.33 16.12 7.44
CA ALA A 172 12.91 17.51 7.44
C ALA A 172 14.12 18.46 7.45
N LEU A 173 15.15 18.08 8.21
CA LEU A 173 16.41 18.85 8.23
C LEU A 173 17.18 18.72 6.93
N ALA A 174 17.20 17.51 6.38
CA ALA A 174 17.80 17.25 5.07
C ALA A 174 17.16 18.11 3.99
N THR A 175 15.83 18.19 4.02
CA THR A 175 15.05 19.03 3.11
C THR A 175 15.44 20.50 3.28
N ALA A 176 15.44 20.98 4.51
CA ALA A 176 15.73 22.39 4.81
C ALA A 176 17.13 22.79 4.36
N THR A 177 18.13 22.01 4.74
CA THR A 177 19.51 22.30 4.39
C THR A 177 19.75 22.24 2.87
N ALA A 178 19.19 21.23 2.21
CA ALA A 178 19.34 21.06 0.77
C ALA A 178 18.65 22.19 -0.02
N ILE A 179 17.45 22.59 0.41
CA ILE A 179 16.70 23.67 -0.23
C ILE A 179 17.36 25.03 -0.04
N THR A 180 17.71 25.34 1.21
CA THR A 180 18.26 26.67 1.55
C THR A 180 19.74 26.80 1.23
N GLY A 181 20.45 25.68 1.19
CA GLY A 181 21.91 25.69 1.02
C GLY A 181 22.66 26.08 2.28
N ARG A 182 21.93 26.17 3.40
CA ARG A 182 22.50 26.64 4.67
C ARG A 182 22.76 25.48 5.63
N LYS A 183 23.55 25.74 6.67
CA LYS A 183 23.95 24.69 7.61
C LYS A 183 23.38 24.84 9.02
N THR A 184 23.04 26.05 9.43
CA THR A 184 22.63 26.28 10.83
C THR A 184 21.19 25.87 11.11
N VAL A 185 21.00 25.12 12.19
CA VAL A 185 19.67 24.72 12.66
C VAL A 185 19.43 25.31 14.04
N LEU A 186 18.33 26.03 14.20
CA LEU A 186 17.92 26.51 15.50
C LEU A 186 16.94 25.52 16.13
N ALA A 187 17.33 24.99 17.28
CA ALA A 187 16.46 24.13 18.08
C ALA A 187 16.47 24.66 19.50
N PHE A 188 15.83 23.94 20.41
CA PHE A 188 15.69 24.44 21.76
C PHE A 188 16.09 23.44 22.82
N ASP A 189 16.79 23.94 23.84
CA ASP A 189 17.16 23.16 25.02
C ASP A 189 15.89 22.53 25.61
N GLY A 190 15.95 21.22 25.89
CA GLY A 190 14.79 20.48 26.34
C GLY A 190 14.03 19.81 25.20
N GLY A 191 14.33 20.23 23.98
CA GLY A 191 13.67 19.68 22.78
C GLY A 191 14.11 18.26 22.46
N TYR A 192 13.15 17.44 22.02
CA TYR A 192 13.45 16.09 21.60
C TYR A 192 12.88 15.81 20.21
N HIS A 193 13.75 15.45 19.28
CA HIS A 193 13.35 15.22 17.89
C HIS A 193 13.82 13.87 17.40
N GLY A 194 14.14 12.98 18.34
CA GLY A 194 14.56 11.62 18.01
C GLY A 194 15.93 11.28 18.58
N GLY A 195 16.35 10.04 18.34
CA GLY A 195 17.58 9.49 18.89
C GLY A 195 18.85 10.22 18.45
N LEU A 196 18.86 10.69 17.20
CA LEU A 196 19.99 11.43 16.66
C LEU A 196 19.81 12.95 16.78
N LEU A 197 18.69 13.37 17.37
CA LEU A 197 18.37 14.79 17.50
C LEU A 197 17.80 15.06 18.89
N ASN A 198 18.56 14.65 19.90
CA ASN A 198 18.15 14.71 21.29
C ASN A 198 18.79 15.90 22.00
N PHE A 199 17.98 16.89 22.36
CA PHE A 199 18.46 18.08 23.07
C PHE A 199 17.80 18.24 24.44
N ALA A 200 17.21 17.14 24.93
CA ALA A 200 16.55 17.10 26.24
C ALA A 200 17.49 17.51 27.38
N SER A 201 18.77 17.15 27.25
CA SER A 201 19.81 17.58 28.19
C SER A 201 20.90 18.35 27.44
N GLY A 202 20.49 19.27 26.56
CA GLY A 202 21.41 20.04 25.75
C GLY A 202 22.06 19.20 24.67
N HIS A 203 23.26 19.59 24.25
CA HIS A 203 23.98 18.84 23.22
C HIS A 203 24.43 17.48 23.74
N ALA A 204 24.32 16.48 22.87
CA ALA A 204 24.77 15.11 23.17
C ALA A 204 25.76 14.70 22.08
N PRO A 205 26.87 14.02 22.47
CA PRO A 205 27.91 13.69 21.49
C PRO A 205 27.45 12.72 20.40
N THR A 206 26.35 12.01 20.62
CA THR A 206 25.83 11.05 19.65
C THR A 206 24.87 11.66 18.62
N ASN A 207 24.42 12.89 18.85
CA ASN A 207 23.54 13.56 17.90
C ASN A 207 24.18 13.70 16.52
N ALA A 208 23.36 13.58 15.48
CA ALA A 208 23.83 13.80 14.10
C ALA A 208 24.44 15.20 14.01
N PRO A 209 25.59 15.34 13.32
CA PRO A 209 26.39 16.56 13.38
C PRO A 209 25.87 17.74 12.55
N TYR A 210 24.56 17.97 12.60
CA TYR A 210 24.00 19.22 12.07
C TYR A 210 24.52 20.35 12.94
N HIS A 211 24.73 21.52 12.33
CA HIS A 211 25.17 22.68 13.10
C HIS A 211 24.00 23.28 13.86
N VAL A 212 23.77 22.74 15.07
CA VAL A 212 22.62 23.12 15.87
C VAL A 212 22.97 24.17 16.93
N VAL A 213 22.22 25.29 16.90
CA VAL A 213 22.29 26.31 17.93
C VAL A 213 21.06 26.14 18.83
N LEU A 214 21.30 26.06 20.14
CA LEU A 214 20.21 25.84 21.08
C LEU A 214 19.75 27.12 21.76
N GLY A 215 18.45 27.38 21.64
CA GLY A 215 17.81 28.47 22.38
C GLY A 215 17.12 27.96 23.61
N VAL A 216 16.54 28.88 24.38
CA VAL A 216 15.73 28.53 25.53
C VAL A 216 14.27 28.56 25.12
N TYR A 217 13.56 27.46 25.41
CA TYR A 217 12.15 27.33 25.08
C TYR A 217 11.33 28.44 25.72
N ASN A 218 10.43 29.04 24.95
CA ASN A 218 9.55 30.15 25.39
C ASN A 218 10.25 31.48 25.68
N ASP A 219 11.55 31.56 25.38
CA ASP A 219 12.32 32.78 25.62
C ASP A 219 12.29 33.66 24.37
N VAL A 220 11.38 34.62 24.35
CA VAL A 220 11.20 35.49 23.19
C VAL A 220 12.45 36.37 22.94
N GLU A 221 12.89 37.11 23.96
CA GLU A 221 14.02 38.03 23.81
C GLU A 221 15.32 37.30 23.47
N GLY A 222 15.63 36.24 24.24
CA GLY A 222 16.82 35.43 23.99
C GLY A 222 16.86 34.81 22.61
N THR A 223 15.72 34.28 22.17
CA THR A 223 15.62 33.64 20.85
C THR A 223 15.71 34.67 19.73
N ALA A 224 15.10 35.83 19.93
CA ALA A 224 15.22 36.95 19.00
C ALA A 224 16.68 37.34 18.77
N ASP A 225 17.45 37.37 19.86
CA ASP A 225 18.89 37.68 19.80
C ASP A 225 19.66 36.65 18.98
N LEU A 226 19.36 35.37 19.20
CA LEU A 226 19.99 34.28 18.45
C LEU A 226 19.70 34.35 16.96
N LEU A 227 18.47 34.70 16.61
CA LEU A 227 18.07 34.81 15.21
C LEU A 227 18.70 36.02 14.52
N LYS A 228 18.99 37.07 15.29
CA LYS A 228 19.72 38.22 14.76
C LYS A 228 21.16 37.84 14.39
N ARG A 229 21.79 37.03 15.24
CA ARG A 229 23.14 36.51 14.98
C ARG A 229 23.17 35.46 13.87
N HIS A 230 22.25 34.49 13.94
CA HIS A 230 22.33 33.27 13.12
C HIS A 230 21.32 33.17 11.96
N GLY A 231 20.29 34.02 12.00
CA GLY A 231 19.16 33.93 11.05
C GLY A 231 19.50 33.82 9.58
N HIS A 232 20.46 34.61 9.12
CA HIS A 232 20.83 34.64 7.70
C HIS A 232 21.41 33.31 7.19
N ASP A 233 21.95 32.51 8.10
CA ASP A 233 22.46 31.17 7.74
C ASP A 233 21.64 30.03 8.36
N CYS A 234 20.44 30.35 8.80
N CYS A 234 20.45 30.35 8.85
CA CYS A 234 19.55 29.36 9.40
CA CYS A 234 19.58 29.33 9.43
C CYS A 234 18.77 28.61 8.33
C CYS A 234 18.78 28.61 8.35
N ALA A 235 19.04 27.32 8.20
CA ALA A 235 18.32 26.46 7.25
C ALA A 235 16.91 26.19 7.78
N ALA A 236 16.82 26.02 9.11
CA ALA A 236 15.59 25.61 9.73
C ALA A 236 15.50 26.05 11.19
N ILE A 237 14.26 26.25 11.63
CA ILE A 237 13.95 26.32 13.05
C ILE A 237 13.13 25.07 13.35
N LEU A 238 13.64 24.23 14.24
CA LEU A 238 12.99 22.97 14.59
C LEU A 238 12.45 23.07 16.02
N VAL A 239 11.15 22.91 16.17
CA VAL A 239 10.50 23.12 17.47
C VAL A 239 9.22 22.27 17.63
N GLU A 240 9.04 21.73 18.83
CA GLU A 240 7.78 21.12 19.21
C GLU A 240 6.86 22.21 19.74
N PRO A 241 5.57 22.17 19.36
CA PRO A 241 4.58 23.12 19.90
C PRO A 241 4.31 22.91 21.39
N MET A 242 4.80 21.79 21.92
CA MET A 242 4.82 21.49 23.34
C MET A 242 5.99 20.53 23.55
N LEU A 243 6.92 20.88 24.44
CA LEU A 243 7.99 19.95 24.77
C LEU A 243 7.35 18.67 25.27
N GLY A 244 7.69 17.55 24.63
CA GLY A 244 7.11 16.27 24.97
C GLY A 244 7.93 15.57 26.04
N ALA A 245 9.03 14.95 25.60
CA ALA A 245 10.00 14.33 26.51
C ALA A 245 10.57 15.35 27.48
N GLY A 246 10.63 16.61 27.04
CA GLY A 246 11.12 17.73 27.85
C GLY A 246 10.21 18.14 29.01
N GLY A 247 8.99 17.60 29.06
CA GLY A 247 8.13 17.74 30.24
C GLY A 247 6.70 18.17 30.05
N CYS A 248 6.15 17.94 28.86
CA CYS A 248 4.80 18.42 28.50
C CYS A 248 4.66 19.91 28.81
N VAL A 249 5.56 20.68 28.19
CA VAL A 249 5.65 22.12 28.43
C VAL A 249 5.08 22.86 27.22
N PRO A 250 3.87 23.43 27.36
CA PRO A 250 3.25 24.10 26.22
C PRO A 250 4.04 25.34 25.77
N ALA A 251 4.15 25.53 24.46
CA ALA A 251 4.73 26.73 23.91
C ALA A 251 3.73 27.87 24.03
N GLU A 252 4.23 29.05 24.37
CA GLU A 252 3.40 30.24 24.46
C GLU A 252 3.27 30.86 23.07
N ARG A 253 2.12 31.47 22.80
CA ARG A 253 1.82 32.03 21.48
C ARG A 253 2.89 33.02 21.01
N ALA A 254 3.33 33.90 21.89
CA ALA A 254 4.34 34.92 21.57
C ALA A 254 5.64 34.30 21.06
N PHE A 255 6.01 33.16 21.66
CA PHE A 255 7.20 32.41 21.27
C PHE A 255 7.04 31.82 19.86
N LEU A 256 5.94 31.12 19.62
CA LEU A 256 5.69 30.54 18.29
C LEU A 256 5.47 31.61 17.21
N ASP A 257 4.88 32.73 17.60
CA ASP A 257 4.72 33.87 16.69
C ASP A 257 6.07 34.42 16.22
N LEU A 258 7.00 34.58 17.16
CA LEU A 258 8.36 35.00 16.83
C LEU A 258 9.01 34.04 15.83
N LEU A 259 8.91 32.74 16.09
CA LEU A 259 9.53 31.73 15.23
C LEU A 259 8.95 31.76 13.82
N ARG A 260 7.63 31.90 13.73
CA ARG A 260 6.97 31.99 12.42
C ARG A 260 7.37 33.25 11.66
N ALA A 261 7.38 34.39 12.35
CA ALA A 261 7.75 35.66 11.74
C ALA A 261 9.19 35.65 11.25
N GLU A 262 10.10 35.19 12.11
CA GLU A 262 11.52 35.25 11.81
C GLU A 262 12.00 34.19 10.83
N ALA A 263 11.37 33.01 10.83
CA ALA A 263 11.66 31.99 9.83
C ALA A 263 11.40 32.56 8.43
N SER A 264 10.23 33.18 8.26
CA SER A 264 9.87 33.82 7.00
C SER A 264 10.86 34.95 6.64
N ARG A 265 11.19 35.78 7.61
CA ARG A 265 12.09 36.92 7.38
C ARG A 265 13.48 36.50 6.90
N CYS A 266 14.06 35.52 7.60
CA CYS A 266 15.43 35.09 7.35
CA CYS A 266 15.44 35.14 7.30
C CYS A 266 15.54 34.08 6.20
N GLY A 267 14.42 33.42 5.89
CA GLY A 267 14.38 32.41 4.83
C GLY A 267 14.71 31.02 5.35
N ALA A 268 14.48 30.81 6.65
CA ALA A 268 14.58 29.49 7.25
C ALA A 268 13.26 28.76 7.14
N LEU A 269 13.31 27.44 7.05
CA LEU A 269 12.08 26.64 7.09
C LEU A 269 11.68 26.41 8.54
N LEU A 270 10.46 26.81 8.90
CA LEU A 270 9.92 26.49 10.21
C LEU A 270 9.41 25.05 10.19
N ILE A 271 10.02 24.21 11.02
CA ILE A 271 9.58 22.82 11.15
C ILE A 271 8.93 22.62 12.51
N PHE A 272 7.63 22.34 12.48
CA PHE A 272 6.92 21.95 13.70
C PHE A 272 7.02 20.44 13.85
N ASP A 273 7.69 20.01 14.93
CA ASP A 273 7.75 18.61 15.28
C ASP A 273 6.47 18.27 16.04
N GLU A 274 5.52 17.68 15.34
CA GLU A 274 4.23 17.31 15.93
C GLU A 274 4.09 15.80 16.18
N VAL A 275 5.23 15.10 16.32
CA VAL A 275 5.19 13.66 16.61
C VAL A 275 4.26 13.37 17.81
N MET A 276 4.35 14.20 18.84
CA MET A 276 3.41 14.10 19.98
C MET A 276 2.18 14.99 19.86
N THR A 277 2.37 16.26 19.47
CA THR A 277 1.28 17.24 19.52
C THR A 277 0.19 17.02 18.46
N SER A 278 0.47 16.21 17.45
CA SER A 278 -0.49 15.98 16.36
C SER A 278 -1.86 15.45 16.84
N ARG A 279 -1.87 14.77 17.99
CA ARG A 279 -3.09 14.18 18.53
C ARG A 279 -4.05 15.21 19.13
N LEU A 280 -3.53 16.40 19.45
CA LEU A 280 -4.26 17.37 20.28
C LEU A 280 -5.56 17.89 19.67
N SER A 281 -5.61 17.93 18.34
N SER A 281 -5.61 17.89 18.34
CA SER A 281 -6.86 18.15 17.62
CA SER A 281 -6.84 18.19 17.60
C SER A 281 -6.81 17.35 16.32
C SER A 281 -6.81 17.35 16.32
N GLY A 282 -7.88 17.43 15.52
CA GLY A 282 -7.91 16.77 14.21
C GLY A 282 -6.73 17.17 13.34
N GLY A 283 -6.35 18.45 13.41
CA GLY A 283 -5.21 18.96 12.66
C GLY A 283 -4.03 19.36 13.53
N GLY A 284 -3.90 18.70 14.68
CA GLY A 284 -2.78 18.94 15.59
C GLY A 284 -2.74 20.33 16.19
N ALA A 285 -1.54 20.73 16.63
CA ALA A 285 -1.35 22.04 17.26
C ALA A 285 -1.56 23.18 16.27
N GLN A 286 -1.19 22.96 15.01
CA GLN A 286 -1.33 23.98 13.98
C GLN A 286 -2.79 24.40 13.72
N GLU A 287 -3.71 23.45 13.80
CA GLU A 287 -5.14 23.77 13.71
C GLU A 287 -5.58 24.60 14.93
N MET A 288 -5.13 24.17 16.11
CA MET A 288 -5.45 24.86 17.37
C MET A 288 -4.94 26.30 17.39
N LEU A 289 -3.72 26.50 16.88
CA LEU A 289 -3.05 27.79 16.96
C LEU A 289 -3.40 28.74 15.82
N GLY A 290 -3.71 28.19 14.65
CA GLY A 290 -3.84 28.99 13.44
C GLY A 290 -2.48 29.46 12.96
N ILE A 291 -1.45 28.70 13.28
CA ILE A 291 -0.09 28.96 12.80
C ILE A 291 0.33 27.78 11.94
N SER A 292 0.86 28.07 10.75
CA SER A 292 1.27 27.04 9.81
C SER A 292 2.80 26.97 9.71
N ALA A 293 3.34 25.78 9.92
CA ALA A 293 4.76 25.53 9.72
C ALA A 293 5.02 25.22 8.25
N ASP A 294 6.26 25.40 7.81
CA ASP A 294 6.63 25.11 6.44
C ASP A 294 6.71 23.60 6.20
N LEU A 295 7.25 22.90 7.20
CA LEU A 295 7.24 21.45 7.24
C LEU A 295 6.72 20.98 8.59
N THR A 296 6.08 19.81 8.58
CA THR A 296 5.56 19.20 9.79
C THR A 296 6.03 17.76 9.83
N THR A 297 6.52 17.34 10.99
CA THR A 297 6.89 15.95 11.21
C THR A 297 5.86 15.25 12.09
N LEU A 298 5.62 13.99 11.78
CA LEU A 298 4.62 13.18 12.46
C LEU A 298 5.22 11.85 12.84
N GLY A 299 4.60 11.18 13.81
CA GLY A 299 5.07 9.88 14.23
C GLY A 299 4.14 9.20 15.19
N LYS A 300 4.68 8.21 15.89
CA LYS A 300 4.02 7.50 16.99
C LYS A 300 2.63 6.95 16.60
N TYR A 301 1.54 7.45 17.19
CA TYR A 301 0.19 6.84 17.04
C TYR A 301 -0.37 6.75 15.62
N ILE A 302 0.05 7.65 14.72
CA ILE A 302 -0.61 7.81 13.41
C ILE A 302 -0.54 6.53 12.56
N GLY A 303 0.49 5.72 12.77
CA GLY A 303 0.62 4.44 12.06
C GLY A 303 -0.12 3.29 12.71
N GLY A 304 -1.07 3.62 13.59
CA GLY A 304 -1.91 2.61 14.23
C GLY A 304 -1.21 1.71 15.23
N GLY A 305 -0.05 2.15 15.72
CA GLY A 305 0.76 1.34 16.64
C GLY A 305 1.88 0.59 15.94
N MET A 306 1.90 0.64 14.61
CA MET A 306 2.96 0.05 13.80
C MET A 306 4.09 1.06 13.67
N SER A 307 5.27 0.58 13.24
CA SER A 307 6.39 1.47 12.95
C SER A 307 5.91 2.59 12.04
N PHE A 308 6.29 3.82 12.37
CA PHE A 308 5.76 4.96 11.64
C PHE A 308 6.47 6.27 11.93
N GLY A 309 6.65 7.04 10.88
CA GLY A 309 6.96 8.47 10.94
C GLY A 309 6.49 9.07 9.62
N ALA A 310 6.44 10.39 9.56
CA ALA A 310 6.14 11.08 8.31
C ALA A 310 6.66 12.50 8.35
N PHE A 311 7.11 12.99 7.18
CA PHE A 311 7.37 14.41 7.01
C PHE A 311 6.58 14.93 5.83
N GLY A 312 5.98 16.10 6.02
CA GLY A 312 5.18 16.74 4.98
C GLY A 312 5.17 18.24 5.18
N GLY A 313 4.41 18.94 4.34
CA GLY A 313 4.33 20.38 4.45
C GLY A 313 3.92 21.02 3.15
N ARG A 314 4.38 22.25 2.95
CA ARG A 314 4.00 23.05 1.79
C ARG A 314 4.40 22.36 0.49
N ARG A 315 3.48 22.41 -0.48
CA ARG A 315 3.62 21.72 -1.77
C ARG A 315 4.96 21.99 -2.46
N ASP A 316 5.31 23.26 -2.61
CA ASP A 316 6.52 23.67 -3.33
C ASP A 316 7.82 23.14 -2.70
N LEU A 317 7.80 22.92 -1.38
CA LEU A 317 8.93 22.32 -0.69
C LEU A 317 8.97 20.81 -0.91
N MET A 318 7.83 20.15 -0.66
CA MET A 318 7.74 18.69 -0.78
C MET A 318 7.91 18.19 -2.21
N GLU A 319 7.55 19.01 -3.19
CA GLU A 319 7.69 18.67 -4.62
C GLU A 319 9.14 18.43 -5.05
N ARG A 320 10.10 18.87 -4.23
CA ARG A 320 11.52 18.61 -4.51
C ARG A 320 11.85 17.12 -4.48
N PHE A 321 10.95 16.33 -3.91
CA PHE A 321 11.11 14.87 -3.82
C PHE A 321 10.41 14.08 -4.94
N ASP A 322 9.72 14.79 -5.84
CA ASP A 322 9.11 14.17 -7.01
C ASP A 322 10.19 13.55 -7.89
N PRO A 323 10.24 12.20 -7.96
CA PRO A 323 11.36 11.54 -8.64
C PRO A 323 11.45 11.82 -10.14
N ALA A 324 10.38 12.36 -10.72
CA ALA A 324 10.36 12.70 -12.15
C ALA A 324 11.01 14.05 -12.45
N ARG A 325 11.23 14.85 -11.40
CA ARG A 325 11.88 16.15 -11.54
C ARG A 325 13.38 16.02 -11.73
N ASP A 326 13.95 16.90 -12.57
CA ASP A 326 15.40 16.98 -12.69
C ASP A 326 15.99 17.56 -11.42
N GLY A 327 17.00 16.90 -10.88
CA GLY A 327 17.61 17.29 -9.61
C GLY A 327 16.76 16.96 -8.40
N ALA A 328 15.86 15.99 -8.58
CA ALA A 328 14.99 15.54 -7.50
C ALA A 328 15.79 15.07 -6.30
N PHE A 329 15.33 15.41 -5.10
CA PHE A 329 15.91 14.84 -3.89
C PHE A 329 15.40 13.41 -3.76
N ALA A 330 16.26 12.54 -3.25
CA ALA A 330 15.88 11.16 -3.00
C ALA A 330 15.43 11.01 -1.55
N HIS A 331 14.40 10.20 -1.33
CA HIS A 331 14.03 9.76 0.00
C HIS A 331 13.76 8.27 -0.01
N ALA A 332 14.66 7.53 0.63
CA ALA A 332 14.63 6.08 0.61
C ALA A 332 14.12 5.50 1.91
N GLY A 333 14.01 4.18 1.97
CA GLY A 333 13.62 3.49 3.20
C GLY A 333 12.81 2.24 2.88
N THR A 334 13.43 1.08 3.08
CA THR A 334 12.81 -0.20 2.77
C THR A 334 11.37 -0.34 3.26
N PHE A 335 11.14 0.02 4.51
CA PHE A 335 9.84 -0.21 5.14
C PHE A 335 8.92 1.02 5.17
N ASN A 336 9.31 2.08 4.45
CA ASN A 336 8.52 3.31 4.38
C ASN A 336 7.04 3.07 4.07
N ASN A 337 6.79 2.20 3.10
CA ASN A 337 5.45 1.90 2.62
C ASN A 337 4.94 0.53 3.04
N ASN A 338 5.50 -0.03 4.11
CA ASN A 338 5.14 -1.39 4.52
C ASN A 338 3.64 -1.53 4.74
N ILE A 339 3.08 -2.64 4.27
CA ILE A 339 1.63 -2.81 4.20
C ILE A 339 0.94 -2.71 5.57
N LEU A 340 1.61 -3.16 6.62
CA LEU A 340 1.04 -3.12 7.96
C LEU A 340 0.81 -1.69 8.44
N THR A 341 1.84 -0.85 8.31
CA THR A 341 1.73 0.55 8.68
C THR A 341 0.70 1.29 7.82
N MET A 342 0.71 1.03 6.50
CA MET A 342 -0.23 1.68 5.59
C MET A 342 -1.68 1.34 5.94
N SER A 343 -1.94 0.07 6.27
N SER A 343 -1.93 0.07 6.26
CA SER A 343 -3.28 -0.41 6.60
CA SER A 343 -3.28 -0.41 6.60
C SER A 343 -3.74 0.03 7.98
C SER A 343 -3.72 0.06 7.99
N ALA A 344 -2.87 -0.17 8.98
CA ALA A 344 -3.18 0.21 10.37
C ALA A 344 -3.31 1.73 10.52
N GLY A 345 -2.46 2.47 9.82
CA GLY A 345 -2.46 3.92 9.87
C GLY A 345 -3.73 4.54 9.30
N HIS A 346 -4.15 4.03 8.14
CA HIS A 346 -5.40 4.49 7.52
C HIS A 346 -6.58 4.23 8.45
N ALA A 347 -6.62 3.03 9.04
CA ALA A 347 -7.66 2.68 10.01
C ALA A 347 -7.60 3.58 11.24
N ALA A 348 -6.39 3.87 11.71
CA ALA A 348 -6.18 4.74 12.87
C ALA A 348 -6.79 6.13 12.65
N LEU A 349 -6.53 6.72 11.48
CA LEU A 349 -6.98 8.07 11.18
C LEU A 349 -8.44 8.16 10.74
N THR A 350 -8.93 7.16 10.01
CA THR A 350 -10.26 7.24 9.41
C THR A 350 -11.34 6.43 10.14
N GLN A 351 -10.94 5.38 10.84
CA GLN A 351 -11.90 4.48 11.48
C GLN A 351 -11.93 4.56 13.01
N ILE A 352 -10.84 5.04 13.61
CA ILE A 352 -10.76 5.11 15.08
C ILE A 352 -10.62 6.55 15.57
N TYR A 353 -9.43 7.13 15.35
CA TYR A 353 -9.13 8.46 15.86
C TYR A 353 -9.43 9.52 14.82
N THR A 354 -10.73 9.71 14.57
CA THR A 354 -11.21 10.74 13.68
C THR A 354 -10.91 12.11 14.28
N ARG A 355 -11.13 13.16 13.48
CA ARG A 355 -10.95 14.52 13.97
C ARG A 355 -11.81 14.80 15.20
N GLN A 356 -13.07 14.32 15.19
CA GLN A 356 -13.95 14.48 16.34
C GLN A 356 -13.45 13.72 17.56
N ALA A 357 -12.96 12.50 17.33
CA ALA A 357 -12.41 11.67 18.39
C ALA A 357 -11.22 12.36 19.06
N ALA A 358 -10.46 13.12 18.26
CA ALA A 358 -9.33 13.90 18.77
C ALA A 358 -9.77 15.04 19.68
N SER A 359 -10.78 15.79 19.24
N SER A 359 -10.79 15.78 19.24
CA SER A 359 -11.39 16.85 20.05
CA SER A 359 -11.37 16.85 20.05
C SER A 359 -11.93 16.28 21.36
C SER A 359 -11.96 16.30 21.36
N ASP A 360 -12.63 15.15 21.26
CA ASP A 360 -13.24 14.48 22.42
C ASP A 360 -12.21 14.01 23.44
N LEU A 361 -11.14 13.37 22.97
CA LEU A 361 -10.09 12.87 23.87
C LEU A 361 -9.31 14.01 24.53
N SER A 362 -9.05 15.07 23.78
CA SER A 362 -8.36 16.25 24.31
C SER A 362 -9.20 16.93 25.39
N ALA A 363 -10.50 17.06 25.15
CA ALA A 363 -11.43 17.58 26.16
C ALA A 363 -11.42 16.71 27.41
N SER A 364 -11.47 15.40 27.20
CA SER A 364 -11.39 14.42 28.28
C SER A 364 -10.07 14.56 29.06
N GLY A 365 -8.97 14.73 28.34
CA GLY A 365 -7.66 14.92 28.95
C GLY A 365 -7.57 16.22 29.73
N ASP A 366 -8.16 17.29 29.18
CA ASP A 366 -8.18 18.59 29.85
C ASP A 366 -8.91 18.54 31.19
N ARG A 367 -10.04 17.83 31.24
CA ARG A 367 -10.79 17.64 32.48
C ARG A 367 -10.00 16.81 33.48
N PHE A 368 -9.36 15.75 32.98
CA PHE A 368 -8.50 14.88 33.78
C PHE A 368 -7.37 15.69 34.42
N ARG A 369 -6.63 16.44 33.61
CA ARG A 369 -5.49 17.23 34.09
C ARG A 369 -5.94 18.31 35.08
N ALA A 370 -7.08 18.94 34.80
CA ALA A 370 -7.64 19.95 35.69
C ALA A 370 -7.99 19.35 37.05
N ASN A 371 -8.58 18.16 37.04
CA ASN A 371 -8.92 17.44 38.27
C ASN A 371 -7.67 17.10 39.10
N LEU A 372 -6.61 16.64 38.43
CA LEU A 372 -5.33 16.35 39.07
C LEU A 372 -4.75 17.59 39.74
N ASN A 373 -4.79 18.72 39.05
CA ASN A 373 -4.33 19.99 39.59
C ASN A 373 -5.21 20.53 40.71
N ARG A 374 -6.51 20.26 40.61
CA ARG A 374 -7.45 20.59 41.68
C ARG A 374 -7.11 19.83 42.98
N ILE A 375 -6.83 18.54 42.86
CA ILE A 375 -6.39 17.72 43.99
C ILE A 375 -5.11 18.27 44.63
N ALA A 376 -4.18 18.72 43.79
CA ALA A 376 -2.93 19.33 44.27
C ALA A 376 -3.17 20.61 45.06
N VAL A 377 -3.96 21.51 44.50
CA VAL A 377 -4.27 22.81 45.11
C VAL A 377 -5.06 22.67 46.42
N GLU A 378 -6.03 21.76 46.44
CA GLU A 378 -6.85 21.53 47.64
C GLU A 378 -6.06 20.93 48.80
N ASN A 379 -4.98 20.24 48.49
CA ASN A 379 -4.11 19.65 49.50
C ASN A 379 -2.84 20.48 49.74
N GLN A 380 -2.79 21.65 49.10
CA GLN A 380 -1.65 22.57 49.18
C GLN A 380 -0.32 21.90 48.82
N ALA A 381 -0.38 20.96 47.88
CA ALA A 381 0.76 20.15 47.48
C ALA A 381 1.68 20.90 46.53
N PRO A 382 3.01 20.80 46.75
CA PRO A 382 3.97 21.47 45.88
C PRO A 382 4.19 20.67 44.59
N LEU A 383 3.12 20.44 43.85
CA LEU A 383 3.17 19.70 42.59
C LEU A 383 2.12 20.19 41.62
N GLN A 384 2.39 19.99 40.33
CA GLN A 384 1.45 20.34 39.28
C GLN A 384 1.55 19.36 38.12
N PHE A 385 0.51 19.32 37.30
CA PHE A 385 0.53 18.59 36.04
C PHE A 385 0.46 19.59 34.89
N THR A 386 1.47 19.53 34.02
CA THR A 386 1.50 20.39 32.84
C THR A 386 1.21 19.58 31.59
N GLY A 387 0.76 20.26 30.55
CA GLY A 387 0.48 19.59 29.29
C GLY A 387 -0.70 20.17 28.54
N LEU A 388 -1.16 19.42 27.54
CA LEU A 388 -2.29 19.81 26.71
C LEU A 388 -3.12 18.58 26.39
N GLY A 389 -4.43 18.75 26.31
CA GLY A 389 -5.32 17.65 25.95
C GLY A 389 -5.08 16.41 26.80
N SER A 390 -4.82 15.30 26.13
CA SER A 390 -4.66 14.00 26.80
C SER A 390 -3.21 13.71 27.22
N LEU A 391 -2.36 14.74 27.20
CA LEU A 391 -0.96 14.61 27.57
C LEU A 391 -0.64 15.43 28.81
N GLY A 392 0.07 14.81 29.75
CA GLY A 392 0.44 15.49 31.00
C GLY A 392 1.66 14.91 31.66
N THR A 393 2.38 15.75 32.38
CA THR A 393 3.55 15.33 33.17
C THR A 393 3.50 16.01 34.54
N ILE A 394 3.78 15.23 35.59
CA ILE A 394 3.90 15.79 36.94
C ILE A 394 5.20 16.56 37.09
N HIS A 395 5.15 17.69 37.78
CA HIS A 395 6.35 18.43 38.16
C HIS A 395 6.21 18.86 39.61
N PHE A 396 7.21 18.54 40.42
CA PHE A 396 7.20 18.94 41.81
C PHE A 396 7.80 20.32 41.98
N SER A 397 6.98 21.31 41.66
CA SER A 397 7.32 22.73 41.71
C SER A 397 6.03 23.53 41.72
N ARG A 398 6.08 24.70 42.35
CA ARG A 398 4.95 25.62 42.38
C ARG A 398 5.10 26.68 41.29
N ALA A 399 6.31 26.76 40.73
CA ALA A 399 6.65 27.78 39.74
C ALA A 399 6.03 27.49 38.37
N PRO A 400 5.83 28.53 37.54
CA PRO A 400 5.39 28.32 36.16
C PRO A 400 6.41 27.48 35.39
N ILE A 401 5.95 26.41 34.76
CA ILE A 401 6.84 25.53 34.00
C ILE A 401 6.82 25.98 32.53
N ARG A 402 7.87 26.67 32.11
CA ARG A 402 7.90 27.32 30.81
C ARG A 402 9.08 26.92 29.92
N SER A 403 10.16 26.43 30.53
CA SER A 403 11.36 26.04 29.81
C SER A 403 11.99 24.80 30.43
N ALA A 404 13.04 24.28 29.79
CA ALA A 404 13.78 23.12 30.29
C ALA A 404 14.33 23.37 31.68
N GLY A 405 14.83 24.59 31.91
CA GLY A 405 15.35 25.01 33.22
C GLY A 405 14.35 24.83 34.35
N ASP A 406 13.09 25.16 34.08
CA ASP A 406 12.02 25.03 35.08
C ASP A 406 11.76 23.56 35.41
N VAL A 407 11.79 22.71 34.39
CA VAL A 407 11.58 21.28 34.54
C VAL A 407 12.70 20.67 35.38
N ARG A 408 13.94 21.04 35.06
CA ARG A 408 15.12 20.53 35.76
C ARG A 408 15.18 21.01 37.22
N ALA A 409 14.70 22.22 37.47
CA ALA A 409 14.71 22.82 38.82
C ALA A 409 13.67 22.19 39.75
N ALA A 410 12.66 21.54 39.17
CA ALA A 410 11.64 20.85 39.95
C ALA A 410 12.25 19.64 40.66
N ASP A 411 11.60 19.18 41.72
CA ASP A 411 12.14 18.11 42.55
C ASP A 411 12.13 16.75 41.85
N GLN A 412 13.33 16.26 41.53
CA GLN A 412 13.50 15.02 40.78
C GLN A 412 13.39 13.77 41.65
N GLN A 413 13.69 13.94 42.94
CA GLN A 413 13.57 12.84 43.90
C GLN A 413 12.10 12.48 44.13
N LEU A 414 11.27 13.49 44.34
CA LEU A 414 9.83 13.28 44.53
C LEU A 414 9.19 12.68 43.27
N LYS A 415 9.72 13.05 42.12
CA LYS A 415 9.29 12.51 40.83
C LYS A 415 9.48 10.99 40.79
N GLU A 416 10.66 10.53 41.19
CA GLU A 416 10.96 9.10 41.21
C GLU A 416 10.09 8.37 42.23
N LEU A 417 9.91 8.99 43.39
CA LEU A 417 9.08 8.45 44.46
C LEU A 417 7.63 8.26 43.98
N PHE A 418 7.15 9.21 43.18
CA PHE A 418 5.81 9.18 42.62
C PHE A 418 5.62 7.99 41.68
N PHE A 419 6.61 7.74 40.83
CA PHE A 419 6.57 6.61 39.89
C PHE A 419 6.36 5.28 40.61
N PHE A 420 7.18 5.01 41.63
CA PHE A 420 7.09 3.75 42.36
C PHE A 420 5.79 3.61 43.16
N HIS A 421 5.30 4.74 43.67
CA HIS A 421 4.01 4.78 44.37
C HIS A 421 2.88 4.33 43.45
N MET A 422 2.82 4.92 42.26
CA MET A 422 1.78 4.58 41.28
C MET A 422 1.84 3.10 40.90
N LEU A 423 3.05 2.57 40.75
CA LEU A 423 3.24 1.13 40.49
C LEU A 423 2.59 0.26 41.57
N ARG A 424 2.84 0.59 42.83
CA ARG A 424 2.25 -0.16 43.95
C ARG A 424 0.73 -0.09 43.92
N LYS A 425 0.19 1.01 43.41
CA LYS A 425 -1.25 1.19 43.24
C LYS A 425 -1.80 0.59 41.95
N GLY A 426 -0.95 -0.14 41.22
CA GLY A 426 -1.35 -0.81 39.97
C GLY A 426 -1.58 0.15 38.82
N ILE A 427 -0.86 1.27 38.84
CA ILE A 427 -0.95 2.27 37.77
C ILE A 427 0.44 2.46 37.16
N TYR A 428 0.56 2.20 35.86
CA TYR A 428 1.83 2.38 35.17
C TYR A 428 1.84 3.67 34.35
N LEU A 429 2.79 4.55 34.66
CA LEU A 429 3.10 5.69 33.80
C LEU A 429 4.62 5.76 33.63
N ALA A 430 5.08 6.72 32.83
CA ALA A 430 6.51 6.91 32.60
C ALA A 430 7.25 7.17 33.91
N PRO A 431 8.47 6.62 34.05
CA PRO A 431 9.34 6.99 35.18
C PRO A 431 9.43 8.50 35.40
N ARG A 432 9.45 9.27 34.31
CA ARG A 432 9.54 10.74 34.38
C ARG A 432 8.21 11.42 34.74
N GLY A 433 7.17 10.61 34.99
CA GLY A 433 5.89 11.14 35.47
C GLY A 433 4.94 11.62 34.38
N MET A 434 5.14 11.13 33.16
CA MET A 434 4.27 11.47 32.05
C MET A 434 3.21 10.40 31.82
N TYR A 435 1.98 10.85 31.58
CA TYR A 435 0.93 9.99 31.07
C TYR A 435 0.52 10.43 29.66
N ALA A 436 0.03 9.48 28.88
CA ALA A 436 -0.55 9.77 27.58
C ALA A 436 -1.79 8.90 27.45
N LEU A 437 -2.94 9.52 27.68
CA LEU A 437 -4.21 8.79 27.73
C LEU A 437 -4.52 8.10 26.41
N SER A 438 -4.70 6.79 26.47
CA SER A 438 -5.15 6.01 25.33
C SER A 438 -6.67 6.10 25.24
N LEU A 439 -7.22 5.62 24.13
CA LEU A 439 -8.67 5.58 23.94
C LEU A 439 -9.35 4.52 24.80
N GLU A 440 -8.53 3.67 25.43
CA GLU A 440 -9.04 2.58 26.27
C GLU A 440 -9.14 2.95 27.75
N ILE A 441 -8.59 4.09 28.13
CA ILE A 441 -8.73 4.62 29.50
C ILE A 441 -10.17 5.07 29.73
N ALA A 442 -10.80 4.53 30.77
CA ALA A 442 -12.17 4.87 31.11
C ALA A 442 -12.26 5.52 32.49
N ASP A 443 -13.49 5.73 32.98
CA ASP A 443 -13.74 6.33 34.29
C ASP A 443 -12.96 5.64 35.42
N ALA A 444 -13.02 4.32 35.45
CA ALA A 444 -12.37 3.53 36.50
C ALA A 444 -10.87 3.80 36.58
N GLY A 445 -10.23 3.90 35.41
CA GLY A 445 -8.80 4.17 35.33
C GLY A 445 -8.47 5.57 35.83
N ARG A 446 -9.22 6.56 35.34
CA ARG A 446 -9.02 7.95 35.72
C ARG A 446 -9.27 8.18 37.21
N ASP A 447 -10.31 7.53 37.75
CA ASP A 447 -10.61 7.60 39.18
C ASP A 447 -9.48 7.01 40.02
N ALA A 448 -8.98 5.84 39.61
CA ALA A 448 -7.88 5.17 40.30
C ALA A 448 -6.62 6.02 40.33
N PHE A 449 -6.33 6.69 39.20
CA PHE A 449 -5.20 7.61 39.09
C PHE A 449 -5.33 8.77 40.09
N ALA A 450 -6.50 9.41 40.08
CA ALA A 450 -6.79 10.54 40.96
C ALA A 450 -6.73 10.16 42.44
N GLU A 451 -7.28 8.99 42.77
CA GLU A 451 -7.24 8.45 44.13
C GLU A 451 -5.81 8.17 44.58
N ALA A 452 -5.01 7.60 43.66
CA ALA A 452 -3.62 7.27 43.94
C ALA A 452 -2.77 8.52 44.16
N LEU A 453 -3.08 9.59 43.43
CA LEU A 453 -2.41 10.88 43.61
C LEU A 453 -2.71 11.47 44.99
N ALA A 454 -3.99 11.45 45.38
CA ALA A 454 -4.42 11.89 46.70
C ALA A 454 -3.72 11.08 47.80
N ASP A 455 -3.63 9.77 47.60
CA ASP A 455 -2.92 8.87 48.52
C ASP A 455 -1.45 9.25 48.66
N PHE A 456 -0.80 9.55 47.53
CA PHE A 456 0.61 9.97 47.54
C PHE A 456 0.82 11.25 48.35
N ILE A 457 -0.06 12.22 48.15
CA ILE A 457 0.00 13.50 48.86
C ILE A 457 -0.14 13.29 50.38
N GLY A 458 -1.11 12.45 50.76
CA GLY A 458 -1.31 12.08 52.18
C GLY A 458 -0.11 11.36 52.78
N GLU A 459 0.28 10.27 52.14
CA GLU A 459 1.36 9.39 52.65
C GLU A 459 2.75 10.04 52.67
N GLN A 460 3.00 10.98 51.76
CA GLN A 460 4.31 11.62 51.66
C GLN A 460 4.33 13.06 52.17
N ARG A 461 3.36 13.40 53.01
CA ARG A 461 3.19 14.75 53.55
C ARG A 461 4.47 15.33 54.17
N ALA A 462 5.22 14.48 54.87
CA ALA A 462 6.47 14.88 55.54
C ALA A 462 7.55 15.35 54.56
N LEU A 463 7.55 14.75 53.37
CA LEU A 463 8.52 15.10 52.33
C LEU A 463 8.03 16.21 51.41
N LEU A 464 6.78 16.62 51.58
CA LEU A 464 6.17 17.66 50.76
C LEU A 464 6.06 18.97 51.53
N THR B 36 23.01 5.21 -27.85
CA THR B 36 22.70 5.46 -29.28
C THR B 36 21.23 5.90 -29.46
N ALA B 37 20.92 6.36 -30.66
CA ALA B 37 19.56 6.75 -31.03
C ALA B 37 18.65 5.53 -31.18
N GLU B 38 19.24 4.42 -31.63
CA GLU B 38 18.49 3.18 -31.80
C GLU B 38 18.02 2.62 -30.45
N LYS B 39 18.91 2.66 -29.45
CA LYS B 39 18.57 2.22 -28.11
C LYS B 39 17.55 3.15 -27.44
N ALA B 40 17.65 4.44 -27.71
CA ALA B 40 16.72 5.44 -27.20
C ALA B 40 15.30 5.22 -27.73
N GLN B 41 15.20 4.90 -29.03
CA GLN B 41 13.92 4.59 -29.66
C GLN B 41 13.33 3.28 -29.15
N ALA B 42 14.20 2.32 -28.86
CA ALA B 42 13.79 1.05 -28.27
C ALA B 42 13.23 1.25 -26.86
N ILE B 43 13.86 2.15 -26.10
CA ILE B 43 13.39 2.50 -24.76
C ILE B 43 12.04 3.22 -24.83
N ALA B 44 11.92 4.16 -25.76
CA ALA B 44 10.65 4.85 -26.01
C ALA B 44 9.53 3.86 -26.33
N ALA B 45 9.83 2.88 -27.17
CA ALA B 45 8.87 1.84 -27.54
C ALA B 45 8.49 0.94 -26.35
N ALA B 46 9.48 0.60 -25.53
CA ALA B 46 9.26 -0.24 -24.35
C ALA B 46 8.42 0.48 -23.29
N ARG B 47 8.71 1.76 -23.07
CA ARG B 47 7.93 2.59 -22.15
C ARG B 47 6.48 2.74 -22.60
N ASN B 48 6.28 2.91 -23.91
N ASN B 48 6.29 2.91 -23.92
CA ASN B 48 4.95 3.02 -24.50
CA ASN B 48 4.96 3.02 -24.51
C ASN B 48 4.13 1.74 -24.39
C ASN B 48 4.14 1.74 -24.36
N THR B 49 4.78 0.59 -24.59
CA THR B 49 4.14 -0.72 -24.45
C THR B 49 3.74 -0.95 -22.99
N PHE B 50 4.66 -0.67 -22.08
CA PHE B 50 4.39 -0.74 -20.64
C PHE B 50 3.19 0.15 -20.26
N ALA B 51 3.15 1.36 -20.81
CA ALA B 51 2.05 2.29 -20.57
C ALA B 51 0.72 1.74 -21.08
N ARG B 52 0.71 1.23 -22.31
CA ARG B 52 -0.48 0.61 -22.92
C ARG B 52 -0.96 -0.62 -22.15
N ASP B 53 0.00 -1.41 -21.64
CA ASP B 53 -0.29 -2.61 -20.86
C ASP B 53 -0.95 -2.27 -19.52
N ASN B 54 -0.65 -1.10 -18.98
CA ASN B 54 -0.95 -0.77 -17.57
C ASN B 54 -1.70 0.55 -17.32
N PRO B 55 -2.86 0.75 -17.99
CA PRO B 55 -3.60 2.00 -17.77
C PRO B 55 -4.17 2.17 -16.35
N VAL B 56 -4.49 1.07 -15.67
CA VAL B 56 -5.00 1.17 -14.30
C VAL B 56 -3.90 1.69 -13.36
N SER B 57 -2.69 1.13 -13.45
CA SER B 57 -1.54 1.67 -12.72
C SER B 57 -1.29 3.15 -13.04
N ALA B 58 -1.48 3.53 -14.31
CA ALA B 58 -1.34 4.91 -14.73
C ALA B 58 -2.36 5.83 -14.03
N GLY B 59 -3.59 5.35 -13.94
CA GLY B 59 -4.65 6.05 -13.20
C GLY B 59 -4.29 6.25 -11.74
N HIS B 60 -3.83 5.18 -11.09
CA HIS B 60 -3.37 5.23 -9.70
C HIS B 60 -2.29 6.28 -9.50
N HIS B 61 -1.33 6.34 -10.42
CA HIS B 61 -0.20 7.26 -10.33
C HIS B 61 -0.66 8.72 -10.29
N GLU B 62 -1.58 9.07 -11.18
CA GLU B 62 -2.10 10.43 -11.24
C GLU B 62 -2.81 10.85 -9.95
N ARG B 63 -3.56 9.92 -9.36
CA ARG B 63 -4.23 10.18 -8.07
C ARG B 63 -3.23 10.27 -6.93
N ALA B 64 -2.23 9.38 -6.94
CA ALA B 64 -1.22 9.33 -5.88
C ALA B 64 -0.38 10.61 -5.81
N ARG B 65 -0.18 11.25 -6.96
CA ARG B 65 0.56 12.51 -7.06
C ARG B 65 -0.04 13.67 -6.27
N ARG B 66 -1.32 13.54 -5.90
CA ARG B 66 -2.01 14.60 -5.18
C ARG B 66 -1.70 14.64 -3.68
N SER B 67 -1.12 13.56 -3.15
CA SER B 67 -0.86 13.45 -1.71
CA SER B 67 -0.86 13.46 -1.72
C SER B 67 0.60 13.15 -1.38
N MET B 68 1.33 12.60 -2.34
CA MET B 68 2.76 12.29 -2.16
C MET B 68 3.54 12.88 -3.33
N PRO B 69 4.76 13.39 -3.08
CA PRO B 69 5.58 13.94 -4.15
C PRO B 69 5.85 12.88 -5.22
N GLY B 70 5.38 13.13 -6.44
CA GLY B 70 5.49 12.17 -7.53
C GLY B 70 4.72 10.87 -7.28
N GLY B 71 3.73 10.94 -6.40
CA GLY B 71 2.96 9.77 -5.99
C GLY B 71 3.83 8.70 -5.35
N ASN B 72 4.87 9.16 -4.64
CA ASN B 72 5.98 8.33 -4.23
C ASN B 72 6.34 8.53 -2.77
N THR B 73 6.70 7.44 -2.08
CA THR B 73 7.20 7.52 -0.70
C THR B 73 8.50 6.71 -0.48
N ARG B 74 8.95 6.03 -1.53
CA ARG B 74 10.27 5.39 -1.59
C ARG B 74 10.80 5.66 -2.98
N SER B 75 11.86 6.47 -3.08
CA SER B 75 12.37 6.90 -4.38
C SER B 75 12.65 5.73 -5.36
N ILE B 76 13.19 4.64 -4.83
CA ILE B 76 13.56 3.47 -5.65
C ILE B 76 12.35 2.83 -6.36
N LEU B 77 11.15 3.06 -5.82
CA LEU B 77 9.94 2.47 -6.39
C LEU B 77 9.46 3.18 -7.65
N PHE B 78 9.88 4.43 -7.84
CA PHE B 78 9.54 5.14 -9.07
C PHE B 78 10.44 4.74 -10.23
N HIS B 79 9.81 4.52 -11.38
CA HIS B 79 10.50 4.46 -12.66
C HIS B 79 9.59 5.04 -13.74
N ARG B 80 10.19 5.44 -14.86
CA ARG B 80 9.43 5.93 -16.02
C ARG B 80 8.77 4.76 -16.74
N PRO B 81 7.61 5.00 -17.39
CA PRO B 81 6.84 6.26 -17.40
C PRO B 81 6.09 6.47 -16.09
N PHE B 82 5.79 5.35 -15.42
CA PHE B 82 5.17 5.34 -14.08
C PHE B 82 5.38 3.95 -13.49
N PRO B 83 5.36 3.82 -12.15
CA PRO B 83 5.54 2.50 -11.55
C PRO B 83 4.26 1.66 -11.55
N LEU B 84 4.42 0.34 -11.44
CA LEU B 84 3.27 -0.55 -11.24
C LEU B 84 2.67 -0.33 -9.86
N VAL B 85 1.35 -0.49 -9.77
CA VAL B 85 0.72 -0.64 -8.47
C VAL B 85 0.29 -2.10 -8.35
N ILE B 86 0.70 -2.74 -7.26
CA ILE B 86 0.36 -4.13 -7.02
C ILE B 86 -0.89 -4.24 -6.13
N ALA B 87 -1.74 -5.21 -6.44
CA ALA B 87 -3.00 -5.40 -5.74
C ALA B 87 -2.89 -6.41 -4.60
N GLN B 88 -2.19 -7.50 -4.85
CA GLN B 88 -2.16 -8.65 -3.96
C GLN B 88 -1.00 -9.56 -4.32
N GLY B 89 -0.47 -10.25 -3.31
CA GLY B 89 0.57 -11.25 -3.53
C GLY B 89 0.53 -12.39 -2.55
N THR B 90 0.87 -13.58 -3.05
CA THR B 90 1.02 -14.77 -2.22
CA THR B 90 0.96 -14.81 -2.26
C THR B 90 2.24 -15.55 -2.65
N GLY B 91 3.02 -16.00 -1.66
CA GLY B 91 4.27 -16.72 -1.92
C GLY B 91 5.23 -15.87 -2.72
N SER B 92 5.66 -16.42 -3.86
CA SER B 92 6.62 -15.73 -4.73
C SER B 92 5.94 -14.90 -5.82
N ARG B 93 4.60 -14.92 -5.84
CA ARG B 93 3.86 -14.28 -6.92
C ARG B 93 3.08 -13.07 -6.47
N PHE B 94 2.97 -12.07 -7.35
CA PHE B 94 2.02 -10.99 -7.14
C PHE B 94 1.26 -10.59 -8.40
N GLN B 95 0.23 -9.78 -8.21
CA GLN B 95 -0.65 -9.36 -9.29
C GLN B 95 -0.75 -7.84 -9.27
N ASP B 96 -0.56 -7.20 -10.43
CA ASP B 96 -0.73 -5.75 -10.49
C ASP B 96 -2.20 -5.38 -10.63
N VAL B 97 -2.50 -4.08 -10.57
CA VAL B 97 -3.90 -3.59 -10.59
C VAL B 97 -4.57 -3.77 -11.96
N ASP B 98 -3.76 -4.00 -12.99
CA ASP B 98 -4.29 -4.35 -14.31
C ASP B 98 -4.56 -5.84 -14.45
N GLY B 99 -4.20 -6.59 -13.42
CA GLY B 99 -4.43 -8.04 -13.36
C GLY B 99 -3.28 -8.91 -13.85
N HIS B 100 -2.17 -8.30 -14.25
CA HIS B 100 -1.01 -9.07 -14.71
C HIS B 100 -0.35 -9.79 -13.54
N ALA B 101 0.07 -11.03 -13.75
CA ALA B 101 0.78 -11.79 -12.73
C ALA B 101 2.27 -11.83 -13.00
N TYR B 102 3.07 -11.84 -11.92
CA TYR B 102 4.52 -11.88 -12.00
C TYR B 102 5.10 -12.80 -10.93
N VAL B 103 6.27 -13.36 -11.21
CA VAL B 103 7.10 -13.94 -10.16
C VAL B 103 8.01 -12.84 -9.61
N ASN B 104 8.04 -12.69 -8.30
CA ASN B 104 8.79 -11.63 -7.65
C ASN B 104 10.24 -12.00 -7.36
N PHE B 105 11.12 -11.65 -8.28
CA PHE B 105 12.56 -11.88 -8.12
C PHE B 105 13.26 -10.76 -7.35
N LEU B 106 12.55 -9.65 -7.11
CA LEU B 106 13.11 -8.53 -6.36
C LEU B 106 13.23 -8.83 -4.86
N GLY B 107 12.19 -9.46 -4.31
CA GLY B 107 12.18 -9.85 -2.91
C GLY B 107 12.49 -8.70 -1.96
N GLU B 108 11.79 -7.59 -2.17
CA GLU B 108 11.88 -6.38 -1.35
C GLU B 108 13.33 -5.94 -1.11
N TYR B 109 14.13 -5.95 -2.19
CA TYR B 109 15.54 -5.56 -2.13
C TYR B 109 16.31 -6.29 -1.03
N THR B 110 16.06 -7.61 -0.95
CA THR B 110 16.66 -8.55 0.04
C THR B 110 15.89 -8.71 1.36
N ALA B 111 14.96 -7.79 1.64
CA ALA B 111 14.15 -7.87 2.87
C ALA B 111 13.06 -8.94 2.78
N GLY B 112 12.57 -9.18 1.56
CA GLY B 112 11.40 -10.02 1.35
C GLY B 112 11.77 -11.47 1.12
N LEU B 113 12.58 -12.00 2.04
CA LEU B 113 13.16 -13.33 1.96
C LEU B 113 12.12 -14.46 2.11
N PHE B 114 10.99 -14.12 2.71
CA PHE B 114 10.00 -15.11 3.13
C PHE B 114 8.80 -15.17 2.19
N GLY B 115 8.88 -14.43 1.08
CA GLY B 115 7.74 -14.30 0.18
C GLY B 115 6.66 -13.42 0.78
N HIS B 116 5.48 -13.44 0.16
CA HIS B 116 4.40 -12.51 0.54
C HIS B 116 3.46 -13.00 1.63
N SER B 117 3.53 -14.30 1.97
CA SER B 117 2.55 -14.90 2.87
C SER B 117 3.09 -16.13 3.60
N HIS B 118 4.27 -16.00 4.20
CA HIS B 118 4.89 -17.13 4.89
C HIS B 118 4.09 -17.50 6.13
N PRO B 119 3.71 -18.79 6.26
CA PRO B 119 2.87 -19.23 7.38
C PRO B 119 3.54 -19.08 8.75
N VAL B 120 4.86 -19.24 8.80
CA VAL B 120 5.60 -19.10 10.06
C VAL B 120 5.67 -17.63 10.50
N ILE B 121 5.89 -16.74 9.53
CA ILE B 121 5.81 -15.29 9.79
C ILE B 121 4.40 -14.91 10.23
N ARG B 122 3.39 -15.43 9.55
CA ARG B 122 2.00 -15.19 9.94
C ARG B 122 1.75 -15.64 11.38
N ALA B 123 2.23 -16.82 11.74
CA ALA B 123 2.09 -17.34 13.10
C ALA B 123 2.76 -16.44 14.12
N ALA B 124 3.93 -15.90 13.77
CA ALA B 124 4.67 -14.97 14.64
C ALA B 124 3.90 -13.66 14.85
N VAL B 125 3.25 -13.18 13.79
CA VAL B 125 2.42 -11.98 13.86
C VAL B 125 1.25 -12.21 14.82
N GLU B 126 0.59 -13.35 14.67
CA GLU B 126 -0.52 -13.73 15.55
C GLU B 126 -0.09 -13.85 17.01
N ARG B 127 1.09 -14.42 17.24
CA ARG B 127 1.65 -14.55 18.59
C ARG B 127 1.95 -13.18 19.20
N ALA B 128 2.45 -12.26 18.37
CA ALA B 128 2.73 -10.90 18.80
C ALA B 128 1.46 -10.19 19.25
N LEU B 129 0.39 -10.33 18.47
CA LEU B 129 -0.91 -9.75 18.81
C LEU B 129 -1.47 -10.32 20.10
N ALA B 130 -1.26 -11.61 20.33
CA ALA B 130 -1.68 -12.28 21.56
C ALA B 130 -0.93 -11.75 22.78
N VAL B 131 0.35 -11.45 22.61
CA VAL B 131 1.16 -10.81 23.66
C VAL B 131 0.63 -9.40 23.95
N GLY B 132 0.40 -8.63 22.88
CA GLY B 132 -0.17 -7.30 23.03
C GLY B 132 0.67 -6.24 22.35
N LEU B 133 -0.01 -5.27 21.73
CA LEU B 133 0.67 -4.21 21.00
C LEU B 133 0.94 -3.00 21.91
N ASN B 134 2.03 -2.29 21.61
CA ASN B 134 2.37 -1.03 22.29
C ASN B 134 2.31 -1.11 23.81
N LEU B 135 2.92 -2.17 24.35
CA LEU B 135 2.88 -2.46 25.78
C LEU B 135 3.73 -1.51 26.65
N SER B 136 4.47 -0.63 25.99
CA SER B 136 5.18 0.49 26.66
C SER B 136 6.27 0.02 27.61
N THR B 137 6.65 -1.26 27.48
CA THR B 137 7.56 -1.93 28.39
C THR B 137 8.34 -3.00 27.63
N GLN B 138 9.36 -3.55 28.29
CA GLN B 138 10.09 -4.68 27.73
C GLN B 138 9.30 -5.96 27.94
N THR B 139 9.45 -6.90 27.02
CA THR B 139 8.98 -8.27 27.20
C THR B 139 10.19 -9.19 26.98
N GLU B 140 10.00 -10.49 27.23
CA GLU B 140 11.06 -11.48 27.03
C GLU B 140 11.48 -11.58 25.57
N ASN B 141 10.57 -11.20 24.68
CA ASN B 141 10.74 -11.39 23.24
C ASN B 141 11.94 -10.65 22.64
N GLU B 142 12.17 -9.42 23.09
CA GLU B 142 13.33 -8.67 22.61
C GLU B 142 14.65 -9.33 23.01
N ALA B 143 14.71 -9.85 24.24
CA ALA B 143 15.89 -10.58 24.72
C ALA B 143 16.12 -11.85 23.90
N LEU B 144 15.05 -12.60 23.65
CA LEU B 144 15.12 -13.82 22.84
C LEU B 144 15.63 -13.53 21.43
N PHE B 145 15.16 -12.43 20.84
CA PHE B 145 15.56 -12.02 19.49
C PHE B 145 17.02 -11.59 19.50
N ALA B 146 17.40 -10.75 20.46
CA ALA B 146 18.79 -10.34 20.64
C ALA B 146 19.74 -11.52 20.83
N GLU B 147 19.30 -12.53 21.59
CA GLU B 147 20.09 -13.74 21.80
C GLU B 147 20.33 -14.49 20.49
N ALA B 148 19.29 -14.58 19.67
CA ALA B 148 19.40 -15.24 18.36
C ALA B 148 20.37 -14.52 17.44
N VAL B 149 20.32 -13.19 17.46
CA VAL B 149 21.21 -12.35 16.65
C VAL B 149 22.67 -12.51 17.08
N CYS B 150 22.94 -12.36 18.39
CA CYS B 150 24.30 -12.50 18.91
C CYS B 150 24.86 -13.91 18.65
N ASP B 151 24.01 -14.93 18.76
CA ASP B 151 24.40 -16.31 18.49
C ASP B 151 24.83 -16.50 17.03
N ARG B 152 24.06 -15.90 16.11
CA ARG B 152 24.29 -16.08 14.67
C ARG B 152 25.53 -15.37 14.14
N PHE B 153 25.77 -14.16 14.62
CA PHE B 153 26.80 -13.32 14.03
C PHE B 153 28.06 -13.21 14.90
N PRO B 154 29.18 -13.76 14.39
CA PRO B 154 30.40 -14.03 15.15
C PRO B 154 31.10 -12.80 15.75
N SER B 155 30.90 -11.63 15.17
CA SER B 155 31.51 -10.41 15.71
C SER B 155 30.54 -9.54 16.52
N ILE B 156 29.29 -9.97 16.63
CA ILE B 156 28.29 -9.24 17.42
C ILE B 156 28.17 -9.85 18.82
N ASP B 157 28.85 -9.23 19.79
CA ASP B 157 28.78 -9.64 21.19
C ASP B 157 27.52 -9.10 21.86
N LEU B 158 27.16 -7.87 21.50
CA LEU B 158 25.95 -7.22 22.01
C LEU B 158 25.29 -6.48 20.86
N VAL B 159 23.96 -6.34 20.91
CA VAL B 159 23.21 -5.75 19.81
C VAL B 159 22.10 -4.83 20.33
N ARG B 160 21.74 -3.83 19.52
CA ARG B 160 20.56 -3.01 19.77
C ARG B 160 19.74 -2.91 18.49
N PHE B 161 18.42 -2.96 18.64
CA PHE B 161 17.53 -2.92 17.49
C PHE B 161 17.11 -1.49 17.15
N THR B 162 17.01 -1.22 15.86
CA THR B 162 16.54 0.05 15.35
C THR B 162 15.31 -0.21 14.48
N ASN B 163 14.84 0.82 13.79
CA ASN B 163 13.64 0.72 12.98
C ASN B 163 13.93 0.62 11.50
N SER B 164 15.21 0.68 11.14
CA SER B 164 15.67 0.64 9.76
C SER B 164 17.18 0.42 9.71
N GLY B 165 17.67 0.01 8.55
CA GLY B 165 19.12 -0.07 8.30
C GLY B 165 19.77 1.30 8.32
N THR B 166 19.04 2.32 7.86
CA THR B 166 19.53 3.70 7.91
C THR B 166 19.82 4.11 9.35
N GLU B 167 18.85 3.87 10.24
CA GLU B 167 19.04 4.14 11.67
C GLU B 167 20.20 3.35 12.26
N ALA B 168 20.36 2.09 11.85
CA ALA B 168 21.45 1.25 12.32
C ALA B 168 22.82 1.84 11.96
N ASN B 169 22.97 2.25 10.69
CA ASN B 169 24.21 2.87 10.23
C ASN B 169 24.49 4.24 10.83
N LEU B 170 23.44 5.04 11.00
CA LEU B 170 23.57 6.34 11.68
C LEU B 170 24.04 6.14 13.12
N MET B 171 23.48 5.15 13.80
CA MET B 171 23.88 4.82 15.18
C MET B 171 25.32 4.29 15.25
N ALA B 172 25.72 3.53 14.24
CA ALA B 172 27.11 3.03 14.18
C ALA B 172 28.08 4.20 14.03
N LEU B 173 27.72 5.17 13.20
CA LEU B 173 28.52 6.38 13.03
C LEU B 173 28.50 7.25 14.28
N ALA B 174 27.33 7.36 14.92
CA ALA B 174 27.19 8.05 16.21
C ALA B 174 28.11 7.42 17.26
N THR B 175 28.16 6.10 17.28
CA THR B 175 29.03 5.36 18.19
C THR B 175 30.50 5.67 17.92
N ALA B 176 30.90 5.56 16.65
CA ALA B 176 32.30 5.73 16.25
C ALA B 176 32.81 7.13 16.55
N THR B 177 32.02 8.14 16.19
CA THR B 177 32.42 9.53 16.39
C THR B 177 32.48 9.90 17.87
N ALA B 178 31.49 9.45 18.64
CA ALA B 178 31.42 9.73 20.07
C ALA B 178 32.52 9.04 20.88
N ILE B 179 32.83 7.78 20.55
CA ILE B 179 33.89 7.05 21.23
C ILE B 179 35.28 7.63 20.92
N THR B 180 35.56 7.85 19.64
CA THR B 180 36.88 8.31 19.21
C THR B 180 37.07 9.82 19.40
N GLY B 181 35.97 10.56 19.40
CA GLY B 181 36.02 12.03 19.44
C GLY B 181 36.46 12.62 18.11
N ARG B 182 36.44 11.80 17.06
CA ARG B 182 36.88 12.22 15.73
C ARG B 182 35.69 12.42 14.80
N LYS B 183 35.92 13.13 13.69
CA LYS B 183 34.85 13.55 12.80
C LYS B 183 34.84 12.87 11.43
N THR B 184 35.99 12.42 10.95
CA THR B 184 36.08 11.93 9.57
C THR B 184 35.61 10.49 9.41
N VAL B 185 34.75 10.28 8.43
CA VAL B 185 34.24 8.95 8.10
C VAL B 185 34.71 8.60 6.69
N LEU B 186 35.40 7.47 6.56
CA LEU B 186 35.75 6.95 5.25
C LEU B 186 34.65 6.01 4.76
N ALA B 187 34.08 6.34 3.61
CA ALA B 187 33.13 5.46 2.94
C ALA B 187 33.52 5.38 1.48
N PHE B 188 32.72 4.69 0.68
CA PHE B 188 33.12 4.44 -0.70
C PHE B 188 32.08 4.81 -1.73
N ASP B 189 32.55 5.42 -2.81
CA ASP B 189 31.72 5.78 -3.96
C ASP B 189 31.00 4.52 -4.43
N GLY B 190 29.68 4.62 -4.58
CA GLY B 190 28.84 3.46 -4.90
C GLY B 190 28.24 2.83 -3.66
N GLY B 191 28.78 3.18 -2.49
CA GLY B 191 28.30 2.66 -1.23
C GLY B 191 26.91 3.18 -0.88
N TYR B 192 26.08 2.30 -0.34
CA TYR B 192 24.75 2.69 0.12
C TYR B 192 24.54 2.22 1.55
N HIS B 193 24.24 3.17 2.43
CA HIS B 193 24.12 2.88 3.85
C HIS B 193 22.81 3.42 4.42
N GLY B 194 21.86 3.69 3.52
CA GLY B 194 20.57 4.21 3.90
C GLY B 194 20.28 5.54 3.22
N GLY B 195 19.04 6.01 3.36
CA GLY B 195 18.61 7.23 2.69
C GLY B 195 19.50 8.43 2.96
N LEU B 196 19.84 8.65 4.23
CA LEU B 196 20.71 9.76 4.66
C LEU B 196 22.21 9.46 4.56
N LEU B 197 22.56 8.26 4.11
CA LEU B 197 23.97 7.89 3.92
C LEU B 197 24.13 7.21 2.56
N ASN B 198 23.64 7.89 1.53
CA ASN B 198 23.59 7.37 0.17
C ASN B 198 24.72 7.92 -0.67
N PHE B 199 25.69 7.07 -0.98
CA PHE B 199 26.84 7.46 -1.79
C PHE B 199 26.88 6.72 -3.12
N ALA B 200 25.74 6.16 -3.52
CA ALA B 200 25.61 5.42 -4.77
C ALA B 200 25.99 6.27 -5.99
N SER B 201 25.75 7.57 -5.90
CA SER B 201 26.14 8.52 -6.93
C SER B 201 27.02 9.63 -6.36
N GLY B 202 27.95 9.24 -5.48
CA GLY B 202 28.81 10.18 -4.78
C GLY B 202 28.04 10.92 -3.71
N HIS B 203 28.49 12.13 -3.39
CA HIS B 203 27.83 12.93 -2.37
C HIS B 203 26.46 13.40 -2.81
N ALA B 204 25.54 13.49 -1.86
CA ALA B 204 24.19 14.01 -2.10
C ALA B 204 23.89 15.09 -1.08
N PRO B 205 23.22 16.18 -1.51
CA PRO B 205 23.00 17.33 -0.64
C PRO B 205 22.10 17.04 0.56
N THR B 206 21.34 15.94 0.48
CA THR B 206 20.44 15.51 1.55
C THR B 206 21.08 14.59 2.57
N ASN B 207 22.28 14.08 2.27
CA ASN B 207 22.98 13.19 3.20
C ASN B 207 23.23 13.87 4.54
N ALA B 208 23.11 13.10 5.61
CA ALA B 208 23.45 13.55 6.95
C ALA B 208 24.88 14.11 6.93
N PRO B 209 25.09 15.30 7.52
CA PRO B 209 26.33 16.06 7.33
C PRO B 209 27.53 15.54 8.13
N TYR B 210 27.74 14.23 8.16
CA TYR B 210 28.99 13.66 8.67
C TYR B 210 30.09 14.05 7.71
N HIS B 211 31.32 14.22 8.24
CA HIS B 211 32.44 14.54 7.39
C HIS B 211 32.92 13.29 6.66
N VAL B 212 32.29 13.02 5.51
CA VAL B 212 32.54 11.81 4.76
C VAL B 212 33.55 12.06 3.65
N VAL B 213 34.62 11.27 3.66
CA VAL B 213 35.56 11.20 2.54
C VAL B 213 35.27 9.92 1.78
N LEU B 214 35.09 10.03 0.46
CA LEU B 214 34.77 8.87 -0.36
C LEU B 214 35.99 8.32 -1.10
N GLY B 215 36.21 7.03 -0.94
CA GLY B 215 37.24 6.33 -1.70
C GLY B 215 36.62 5.56 -2.84
N VAL B 216 37.45 4.87 -3.61
CA VAL B 216 36.99 4.00 -4.68
C VAL B 216 36.95 2.57 -4.15
N TYR B 217 35.80 1.92 -4.31
CA TYR B 217 35.60 0.55 -3.86
C TYR B 217 36.63 -0.37 -4.52
N ASN B 218 37.22 -1.25 -3.72
CA ASN B 218 38.24 -2.21 -4.17
C ASN B 218 39.59 -1.61 -4.60
N ASP B 219 39.74 -0.29 -4.42
CA ASP B 219 40.97 0.39 -4.82
C ASP B 219 41.94 0.45 -3.64
N VAL B 220 42.88 -0.49 -3.61
CA VAL B 220 43.82 -0.62 -2.50
C VAL B 220 44.75 0.59 -2.39
N GLU B 221 45.41 0.93 -3.49
CA GLU B 221 46.41 2.01 -3.47
C GLU B 221 45.79 3.38 -3.13
N GLY B 222 44.69 3.71 -3.80
CA GLY B 222 44.00 4.98 -3.58
C GLY B 222 43.44 5.11 -2.17
N THR B 223 42.90 4.01 -1.65
CA THR B 223 42.35 3.98 -0.29
C THR B 223 43.46 4.07 0.76
N ALA B 224 44.59 3.42 0.50
CA ALA B 224 45.75 3.51 1.37
C ALA B 224 46.22 4.96 1.48
N ASP B 225 46.27 5.66 0.35
CA ASP B 225 46.64 7.08 0.31
C ASP B 225 45.70 7.93 1.15
N LEU B 226 44.39 7.71 1.01
CA LEU B 226 43.38 8.45 1.75
C LEU B 226 43.51 8.23 3.26
N LEU B 227 43.79 6.99 3.65
CA LEU B 227 43.97 6.64 5.05
C LEU B 227 45.27 7.23 5.63
N LYS B 228 46.26 7.44 4.77
CA LYS B 228 47.47 8.17 5.14
C LYS B 228 47.15 9.62 5.46
N ARG B 229 46.32 10.23 4.62
CA ARG B 229 45.97 11.65 4.76
C ARG B 229 44.94 11.92 5.85
N HIS B 230 43.99 11.00 6.02
CA HIS B 230 42.84 11.22 6.90
C HIS B 230 42.82 10.38 8.18
N GLY B 231 43.73 9.40 8.27
CA GLY B 231 43.77 8.45 9.39
C GLY B 231 43.75 9.04 10.79
N HIS B 232 44.40 10.19 10.94
CA HIS B 232 44.49 10.88 12.24
C HIS B 232 43.14 11.31 12.81
N ASP B 233 42.22 11.70 11.92
CA ASP B 233 40.89 12.17 12.35
C ASP B 233 39.79 11.17 11.93
N CYS B 234 40.19 9.96 11.56
CA CYS B 234 39.21 8.97 11.11
C CYS B 234 38.49 8.28 12.27
N ALA B 235 37.21 8.59 12.42
CA ALA B 235 36.37 7.95 13.43
C ALA B 235 35.97 6.54 13.00
N ALA B 236 35.72 6.38 11.71
CA ALA B 236 35.18 5.12 11.18
C ALA B 236 35.51 4.89 9.71
N ILE B 237 35.65 3.62 9.36
CA ILE B 237 35.56 3.18 7.98
C ILE B 237 34.23 2.43 7.85
N LEU B 238 33.39 2.90 6.94
CA LEU B 238 32.07 2.32 6.72
C LEU B 238 32.02 1.68 5.34
N VAL B 239 31.77 0.37 5.29
CA VAL B 239 31.84 -0.38 4.04
C VAL B 239 30.93 -1.62 4.03
N GLU B 240 30.31 -1.86 2.88
CA GLU B 240 29.59 -3.10 2.62
C GLU B 240 30.60 -4.14 2.12
N PRO B 241 30.49 -5.40 2.60
CA PRO B 241 31.33 -6.49 2.08
C PRO B 241 31.02 -6.83 0.62
N MET B 242 29.90 -6.30 0.12
CA MET B 242 29.54 -6.34 -1.29
C MET B 242 28.64 -5.14 -1.53
N LEU B 243 28.97 -4.30 -2.51
CA LEU B 243 28.09 -3.19 -2.88
C LEU B 243 26.73 -3.76 -3.25
N GLY B 244 25.68 -3.33 -2.55
CA GLY B 244 24.33 -3.84 -2.79
C GLY B 244 23.64 -3.03 -3.85
N ALA B 245 23.09 -1.89 -3.46
CA ALA B 245 22.48 -0.94 -4.38
C ALA B 245 23.48 -0.47 -5.44
N GLY B 246 24.77 -0.49 -5.09
CA GLY B 246 25.85 -0.11 -6.01
C GLY B 246 26.10 -1.07 -7.15
N GLY B 247 25.46 -2.25 -7.10
CA GLY B 247 25.48 -3.18 -8.24
C GLY B 247 25.91 -4.62 -7.97
N CYS B 248 25.73 -5.09 -6.73
CA CYS B 248 26.16 -6.43 -6.33
C CYS B 248 27.62 -6.69 -6.70
N VAL B 249 28.49 -5.83 -6.19
CA VAL B 249 29.92 -5.83 -6.50
C VAL B 249 30.68 -6.33 -5.28
N PRO B 250 31.18 -7.58 -5.33
CA PRO B 250 31.89 -8.15 -4.18
C PRO B 250 33.17 -7.39 -3.84
N ALA B 251 33.42 -7.19 -2.56
CA ALA B 251 34.70 -6.66 -2.10
C ALA B 251 35.76 -7.74 -2.27
N GLU B 252 36.94 -7.32 -2.69
CA GLU B 252 38.07 -8.22 -2.81
C GLU B 252 38.76 -8.35 -1.45
N ARG B 253 39.36 -9.50 -1.19
CA ARG B 253 40.01 -9.77 0.09
C ARG B 253 41.07 -8.72 0.42
N ALA B 254 41.91 -8.38 -0.56
CA ALA B 254 42.98 -7.39 -0.38
C ALA B 254 42.46 -6.03 0.10
N PHE B 255 41.33 -5.61 -0.45
CA PHE B 255 40.65 -4.36 -0.08
C PHE B 255 40.20 -4.38 1.38
N LEU B 256 39.50 -5.43 1.78
CA LEU B 256 39.00 -5.55 3.15
C LEU B 256 40.12 -5.74 4.18
N ASP B 257 41.17 -6.48 3.79
CA ASP B 257 42.36 -6.64 4.62
C ASP B 257 43.03 -5.29 4.91
N LEU B 258 43.12 -4.45 3.88
CA LEU B 258 43.63 -3.08 4.04
C LEU B 258 42.82 -2.32 5.07
N LEU B 259 41.50 -2.34 4.92
CA LEU B 259 40.60 -1.61 5.81
C LEU B 259 40.70 -2.07 7.26
N ARG B 260 40.78 -3.39 7.47
CA ARG B 260 40.91 -3.95 8.81
C ARG B 260 42.24 -3.53 9.46
N ALA B 261 43.33 -3.65 8.71
CA ALA B 261 44.65 -3.29 9.21
C ALA B 261 44.78 -1.80 9.52
N GLU B 262 44.31 -0.95 8.61
CA GLU B 262 44.42 0.49 8.78
C GLU B 262 43.49 1.07 9.84
N ALA B 263 42.28 0.52 9.94
CA ALA B 263 41.36 0.90 11.01
C ALA B 263 42.02 0.66 12.37
N SER B 264 42.56 -0.55 12.55
CA SER B 264 43.25 -0.91 13.79
C SER B 264 44.47 -0.02 14.05
N ARG B 265 45.23 0.28 13.00
CA ARG B 265 46.44 1.10 13.13
C ARG B 265 46.14 2.54 13.56
N CYS B 266 45.16 3.17 12.93
N CYS B 266 45.15 3.15 12.92
CA CYS B 266 44.86 4.58 13.20
CA CYS B 266 44.82 4.56 13.16
C CYS B 266 43.81 4.77 14.31
C CYS B 266 43.82 4.75 14.31
N GLY B 267 43.21 3.67 14.75
CA GLY B 267 42.23 3.71 15.85
C GLY B 267 40.82 4.08 15.41
N ALA B 268 40.51 3.87 14.14
CA ALA B 268 39.16 4.05 13.63
C ALA B 268 38.37 2.77 13.80
N LEU B 269 37.06 2.89 13.98
CA LEU B 269 36.20 1.72 14.04
C LEU B 269 35.84 1.27 12.63
N LEU B 270 36.15 0.01 12.33
CA LEU B 270 35.73 -0.58 11.06
C LEU B 270 34.28 -1.03 11.23
N ILE B 271 33.41 -0.49 10.39
CA ILE B 271 32.00 -0.85 10.39
C ILE B 271 31.66 -1.61 9.10
N PHE B 272 31.24 -2.85 9.26
CA PHE B 272 30.74 -3.63 8.14
C PHE B 272 29.23 -3.48 8.05
N ASP B 273 28.77 -2.87 6.97
CA ASP B 273 27.34 -2.75 6.71
C ASP B 273 26.86 -4.04 6.07
N GLU B 274 26.29 -4.91 6.88
CA GLU B 274 25.83 -6.22 6.40
C GLU B 274 24.31 -6.28 6.23
N VAL B 275 23.68 -5.14 6.00
CA VAL B 275 22.22 -5.11 5.81
C VAL B 275 21.80 -6.08 4.71
N MET B 276 22.57 -6.16 3.63
CA MET B 276 22.31 -7.14 2.57
C MET B 276 23.13 -8.41 2.72
N THR B 277 24.41 -8.27 3.05
CA THR B 277 25.34 -9.40 3.03
C THR B 277 25.15 -10.43 4.17
N SER B 278 24.44 -10.04 5.22
CA SER B 278 24.25 -10.93 6.38
C SER B 278 23.59 -12.26 6.02
N ARG B 279 22.81 -12.27 4.93
CA ARG B 279 22.12 -13.48 4.49
C ARG B 279 23.05 -14.53 3.89
N LEU B 280 24.25 -14.12 3.46
CA LEU B 280 25.10 -14.97 2.61
C LEU B 280 25.52 -16.28 3.27
N SER B 281 25.66 -16.25 4.60
N SER B 281 25.64 -16.25 4.59
CA SER B 281 25.83 -17.44 5.41
CA SER B 281 25.85 -17.44 5.41
C SER B 281 25.08 -17.23 6.72
C SER B 281 25.17 -17.21 6.74
N GLY B 282 25.09 -18.25 7.58
CA GLY B 282 24.49 -18.14 8.91
C GLY B 282 25.05 -16.98 9.72
N GLY B 283 26.35 -16.70 9.53
CA GLY B 283 27.01 -15.58 10.20
C GLY B 283 27.46 -14.46 9.26
N GLY B 284 26.76 -14.30 8.14
CA GLY B 284 27.05 -13.22 7.18
C GLY B 284 28.39 -13.34 6.49
N ALA B 285 28.84 -12.24 5.90
CA ALA B 285 30.13 -12.21 5.20
C ALA B 285 31.32 -12.43 6.15
N GLN B 286 31.21 -11.91 7.36
CA GLN B 286 32.31 -12.02 8.34
C GLN B 286 32.67 -13.46 8.68
N GLU B 287 31.65 -14.31 8.81
CA GLU B 287 31.85 -15.74 8.99
C GLU B 287 32.58 -16.36 7.80
N MET B 288 32.17 -16.00 6.59
CA MET B 288 32.75 -16.53 5.35
C MET B 288 34.19 -16.04 5.15
N LEU B 289 34.47 -14.81 5.56
CA LEU B 289 35.77 -14.18 5.31
C LEU B 289 36.79 -14.42 6.40
N GLY B 290 36.34 -14.62 7.63
CA GLY B 290 37.23 -14.69 8.78
C GLY B 290 37.85 -13.33 9.08
N ILE B 291 37.12 -12.27 8.75
CA ILE B 291 37.50 -10.90 9.08
C ILE B 291 36.42 -10.35 10.00
N SER B 292 36.83 -9.73 11.10
CA SER B 292 35.88 -9.16 12.05
C SER B 292 35.91 -7.64 12.05
N ALA B 293 34.74 -7.05 11.81
CA ALA B 293 34.57 -5.60 11.95
C ALA B 293 34.34 -5.27 13.42
N ASP B 294 34.63 -4.03 13.80
CA ASP B 294 34.40 -3.56 15.16
C ASP B 294 32.92 -3.37 15.45
N LEU B 295 32.20 -2.89 14.45
CA LEU B 295 30.75 -2.79 14.51
C LEU B 295 30.14 -3.37 13.25
N THR B 296 28.96 -3.95 13.39
CA THR B 296 28.23 -4.54 12.28
C THR B 296 26.82 -3.99 12.30
N THR B 297 26.33 -3.59 11.12
CA THR B 297 24.95 -3.15 11.01
C THR B 297 24.15 -4.17 10.21
N LEU B 298 22.89 -4.30 10.58
CA LEU B 298 21.99 -5.31 10.02
C LEU B 298 20.65 -4.67 9.69
N GLY B 299 19.88 -5.32 8.83
CA GLY B 299 18.58 -4.81 8.47
C GLY B 299 17.80 -5.75 7.59
N LYS B 300 16.79 -5.20 6.92
CA LYS B 300 15.99 -5.92 5.91
C LYS B 300 15.41 -7.27 6.45
N TYR B 301 15.84 -8.40 5.91
CA TYR B 301 15.16 -9.70 6.17
C TYR B 301 15.13 -10.16 7.64
N ILE B 302 16.09 -9.73 8.45
CA ILE B 302 16.26 -10.29 9.81
C ILE B 302 15.04 -10.08 10.73
N GLY B 303 14.27 -9.03 10.49
CA GLY B 303 13.06 -8.76 11.27
C GLY B 303 11.81 -9.47 10.75
N GLY B 304 12.01 -10.47 9.90
CA GLY B 304 10.91 -11.30 9.39
C GLY B 304 10.00 -10.60 8.39
N GLY B 305 10.47 -9.49 7.82
CA GLY B 305 9.66 -8.69 6.93
C GLY B 305 9.02 -7.50 7.62
N MET B 306 9.20 -7.41 8.94
CA MET B 306 8.73 -6.27 9.72
C MET B 306 9.77 -5.17 9.68
N SER B 307 9.39 -3.96 10.06
CA SER B 307 10.34 -2.86 10.22
C SER B 307 11.50 -3.35 11.09
N PHE B 308 12.72 -3.12 10.63
CA PHE B 308 13.88 -3.65 11.31
C PHE B 308 15.21 -3.01 10.93
N GLY B 309 16.05 -2.86 11.94
CA GLY B 309 17.47 -2.58 11.77
C GLY B 309 18.16 -3.03 13.05
N ALA B 310 19.47 -3.17 13.00
CA ALA B 310 20.24 -3.44 14.22
C ALA B 310 21.70 -3.01 14.07
N PHE B 311 22.26 -2.49 15.15
CA PHE B 311 23.70 -2.32 15.21
C PHE B 311 24.26 -3.07 16.42
N GLY B 312 25.39 -3.73 16.19
CA GLY B 312 26.06 -4.49 17.23
C GLY B 312 27.54 -4.56 16.96
N GLY B 313 28.26 -5.31 17.78
CA GLY B 313 29.69 -5.45 17.58
C GLY B 313 30.41 -5.83 18.85
N ARG B 314 31.67 -5.39 18.94
CA ARG B 314 32.54 -5.69 20.08
C ARG B 314 31.89 -5.24 21.40
N ARG B 315 31.95 -6.12 22.39
CA ARG B 315 31.30 -5.87 23.69
C ARG B 315 31.67 -4.54 24.32
N ASP B 316 32.97 -4.21 24.36
CA ASP B 316 33.44 -2.98 25.02
C ASP B 316 32.96 -1.71 24.33
N LEU B 317 32.74 -1.78 23.02
CA LEU B 317 32.16 -0.67 22.27
C LEU B 317 30.67 -0.52 22.56
N MET B 318 29.94 -1.63 22.46
CA MET B 318 28.49 -1.64 22.66
C MET B 318 28.07 -1.35 24.10
N GLU B 319 28.92 -1.70 25.07
CA GLU B 319 28.63 -1.45 26.48
C GLU B 319 28.48 0.04 26.79
N ARG B 320 28.97 0.89 25.88
CA ARG B 320 28.82 2.35 26.02
C ARG B 320 27.35 2.78 25.99
N PHE B 321 26.47 1.88 25.53
CA PHE B 321 25.02 2.13 25.47
C PHE B 321 24.23 1.54 26.65
N ASP B 322 24.92 0.92 27.59
CA ASP B 322 24.29 0.46 28.82
C ASP B 322 23.77 1.70 29.56
N PRO B 323 22.43 1.83 29.69
CA PRO B 323 21.84 3.05 30.26
C PRO B 323 22.26 3.31 31.70
N ALA B 324 22.78 2.29 32.37
CA ALA B 324 23.18 2.38 33.78
C ALA B 324 24.63 2.84 34.00
N ARG B 325 25.44 2.83 32.94
CA ARG B 325 26.85 3.23 33.05
CA ARG B 325 26.84 3.24 33.06
C ARG B 325 26.98 4.76 33.13
N ASP B 326 28.07 5.22 33.73
CA ASP B 326 28.38 6.64 33.82
CA ASP B 326 28.38 6.64 33.82
C ASP B 326 28.76 7.19 32.44
N GLY B 327 28.10 8.28 32.04
CA GLY B 327 28.33 8.86 30.72
C GLY B 327 27.77 7.99 29.61
N ALA B 328 26.68 7.29 29.90
CA ALA B 328 26.02 6.40 28.94
C ALA B 328 25.59 7.15 27.68
N PHE B 329 25.81 6.53 26.53
CA PHE B 329 25.22 7.03 25.29
C PHE B 329 23.77 6.59 25.26
N ALA B 330 22.90 7.47 24.79
CA ALA B 330 21.49 7.17 24.67
C ALA B 330 21.19 6.63 23.28
N HIS B 331 20.38 5.57 23.22
CA HIS B 331 19.81 5.12 21.96
C HIS B 331 18.32 4.89 22.13
N ALA B 332 17.55 5.84 21.61
CA ALA B 332 16.10 5.83 21.75
C ALA B 332 15.45 5.25 20.50
N GLY B 333 14.12 5.24 20.50
CA GLY B 333 13.35 4.82 19.33
C GLY B 333 12.10 4.09 19.74
N THR B 334 10.95 4.75 19.56
CA THR B 334 9.66 4.22 20.01
C THR B 334 9.43 2.76 19.63
N PHE B 335 9.70 2.41 18.38
CA PHE B 335 9.39 1.08 17.88
C PHE B 335 10.58 0.11 17.84
N ASN B 336 11.69 0.50 18.45
CA ASN B 336 12.90 -0.34 18.51
C ASN B 336 12.61 -1.78 18.94
N ASN B 337 11.81 -1.92 19.99
CA ASN B 337 11.49 -3.22 20.57
C ASN B 337 10.07 -3.69 20.25
N ASN B 338 9.47 -3.17 19.19
CA ASN B 338 8.07 -3.47 18.87
C ASN B 338 7.84 -4.98 18.75
N ILE B 339 6.73 -5.44 19.31
CA ILE B 339 6.48 -6.87 19.49
C ILE B 339 6.44 -7.66 18.18
N LEU B 340 5.92 -7.03 17.12
CA LEU B 340 5.84 -7.68 15.80
C LEU B 340 7.24 -8.01 15.25
N THR B 341 8.14 -7.05 15.31
CA THR B 341 9.52 -7.25 14.85
C THR B 341 10.24 -8.27 15.73
N MET B 342 10.06 -8.15 17.04
CA MET B 342 10.72 -9.08 17.98
C MET B 342 10.28 -10.52 17.73
N SER B 343 8.98 -10.72 17.52
N SER B 343 8.98 -10.72 17.53
CA SER B 343 8.41 -12.04 17.29
CA SER B 343 8.42 -12.06 17.29
C SER B 343 8.76 -12.61 15.91
C SER B 343 8.79 -12.60 15.90
N ALA B 344 8.50 -11.83 14.86
CA ALA B 344 8.76 -12.26 13.48
C ALA B 344 10.26 -12.44 13.21
N GLY B 345 11.06 -11.57 13.80
CA GLY B 345 12.52 -11.65 13.69
C GLY B 345 13.08 -12.91 14.33
N HIS B 346 12.61 -13.23 15.54
CA HIS B 346 13.05 -14.46 16.21
C HIS B 346 12.67 -15.69 15.39
N ALA B 347 11.46 -15.69 14.84
CA ALA B 347 11.01 -16.78 13.97
C ALA B 347 11.84 -16.86 12.68
N ALA B 348 12.16 -15.69 12.12
CA ALA B 348 12.97 -15.59 10.90
C ALA B 348 14.32 -16.29 11.04
N LEU B 349 15.00 -16.04 12.16
CA LEU B 349 16.33 -16.61 12.39
C LEU B 349 16.33 -18.06 12.90
N THR B 350 15.44 -18.36 13.83
CA THR B 350 15.47 -19.66 14.52
C THR B 350 14.60 -20.75 13.88
N GLN B 351 13.60 -20.34 13.11
CA GLN B 351 12.64 -21.30 12.53
C GLN B 351 12.71 -21.41 11.01
N ILE B 352 12.92 -20.27 10.34
CA ILE B 352 12.85 -20.23 8.88
C ILE B 352 14.24 -20.18 8.25
N TYR B 353 14.90 -19.04 8.38
CA TYR B 353 16.20 -18.85 7.76
C TYR B 353 17.31 -19.21 8.75
N THR B 354 17.45 -20.51 8.97
CA THR B 354 18.46 -21.08 9.84
C THR B 354 19.82 -21.04 9.12
N ARG B 355 20.87 -21.45 9.82
CA ARG B 355 22.21 -21.52 9.21
C ARG B 355 22.21 -22.43 7.99
N GLN B 356 21.53 -23.57 8.08
CA GLN B 356 21.43 -24.50 6.97
C GLN B 356 20.65 -23.90 5.80
N ALA B 357 19.53 -23.24 6.10
CA ALA B 357 18.73 -22.57 5.07
C ALA B 357 19.55 -21.51 4.33
N ALA B 358 20.39 -20.79 5.08
CA ALA B 358 21.28 -19.77 4.52
C ALA B 358 22.30 -20.39 3.55
N SER B 359 22.93 -21.48 3.98
N SER B 359 22.93 -21.48 3.98
CA SER B 359 23.90 -22.20 3.16
CA SER B 359 23.90 -22.22 3.16
C SER B 359 23.24 -22.75 1.89
C SER B 359 23.26 -22.77 1.90
N ASP B 360 22.07 -23.33 2.04
CA ASP B 360 21.31 -23.90 0.92
C ASP B 360 20.89 -22.84 -0.11
N LEU B 361 20.34 -21.73 0.37
CA LEU B 361 19.90 -20.65 -0.52
C LEU B 361 21.05 -19.96 -1.25
N SER B 362 22.18 -19.80 -0.57
CA SER B 362 23.37 -19.22 -1.21
C SER B 362 23.92 -20.14 -2.29
N ALA B 363 23.95 -21.44 -2.01
CA ALA B 363 24.36 -22.45 -3.00
C ALA B 363 23.41 -22.45 -4.19
N SER B 364 22.10 -22.41 -3.90
CA SER B 364 21.06 -22.28 -4.91
C SER B 364 21.29 -21.04 -5.78
N GLY B 365 21.56 -19.92 -5.12
CA GLY B 365 21.81 -18.64 -5.80
C GLY B 365 23.06 -18.67 -6.66
N ASP B 366 24.12 -19.30 -6.15
CA ASP B 366 25.35 -19.47 -6.91
C ASP B 366 25.12 -20.26 -8.20
N ARG B 367 24.37 -21.36 -8.09
CA ARG B 367 24.01 -22.17 -9.25
C ARG B 367 23.17 -21.38 -10.25
N PHE B 368 22.22 -20.62 -9.72
CA PHE B 368 21.36 -19.75 -10.53
C PHE B 368 22.16 -18.71 -11.31
N ARG B 369 23.04 -17.98 -10.61
CA ARG B 369 23.87 -16.95 -11.21
C ARG B 369 24.82 -17.55 -12.26
N ALA B 370 25.40 -18.70 -11.95
CA ALA B 370 26.28 -19.43 -12.88
C ALA B 370 25.53 -19.81 -14.16
N ASN B 371 24.30 -20.30 -13.99
CA ASN B 371 23.44 -20.63 -15.14
C ASN B 371 23.15 -19.42 -16.02
N LEU B 372 22.84 -18.29 -15.41
CA LEU B 372 22.59 -17.05 -16.14
C LEU B 372 23.83 -16.58 -16.92
N ASN B 373 24.99 -16.68 -16.28
CA ASN B 373 26.26 -16.32 -16.92
C ASN B 373 26.65 -17.30 -18.03
N ARG B 374 26.33 -18.58 -17.83
CA ARG B 374 26.51 -19.63 -18.85
C ARG B 374 25.69 -19.30 -20.10
N ILE B 375 24.44 -18.90 -19.90
CA ILE B 375 23.55 -18.51 -21.01
C ILE B 375 24.11 -17.32 -21.78
N ALA B 376 24.63 -16.33 -21.05
CA ALA B 376 25.29 -15.16 -21.65
C ALA B 376 26.48 -15.58 -22.52
N VAL B 377 27.35 -16.41 -21.96
CA VAL B 377 28.56 -16.88 -22.65
C VAL B 377 28.23 -17.71 -23.90
N GLU B 378 27.28 -18.63 -23.76
CA GLU B 378 26.81 -19.48 -24.87
C GLU B 378 26.31 -18.68 -26.07
N ASN B 379 25.71 -17.52 -25.78
CA ASN B 379 25.13 -16.66 -26.81
C ASN B 379 26.01 -15.46 -27.17
N GLN B 380 27.23 -15.45 -26.64
CA GLN B 380 28.20 -14.37 -26.88
C GLN B 380 27.61 -13.00 -26.53
N ALA B 381 26.81 -12.96 -25.48
CA ALA B 381 26.12 -11.73 -25.07
C ALA B 381 27.05 -10.84 -24.25
N PRO B 382 27.09 -9.53 -24.59
CA PRO B 382 27.92 -8.58 -23.85
C PRO B 382 27.25 -8.18 -22.53
N LEU B 383 27.06 -9.17 -21.66
CA LEU B 383 26.43 -8.96 -20.36
C LEU B 383 26.91 -9.99 -19.35
N GLN B 384 26.77 -9.66 -18.07
CA GLN B 384 27.11 -10.56 -16.98
C GLN B 384 26.24 -10.30 -15.77
N PHE B 385 26.20 -11.27 -14.87
CA PHE B 385 25.55 -11.11 -13.57
C PHE B 385 26.62 -11.19 -12.49
N THR B 386 26.72 -10.13 -11.70
CA THR B 386 27.66 -10.09 -10.58
C THR B 386 26.90 -10.31 -9.29
N GLY B 387 27.59 -10.80 -8.27
CA GLY B 387 26.97 -10.96 -6.95
C GLY B 387 27.53 -12.11 -6.15
N LEU B 388 26.82 -12.44 -5.07
CA LEU B 388 27.20 -13.52 -4.16
C LEU B 388 25.94 -14.23 -3.68
N GLY B 389 26.02 -15.54 -3.52
CA GLY B 389 24.89 -16.33 -3.04
C GLY B 389 23.63 -16.07 -3.83
N SER B 390 22.55 -15.73 -3.13
CA SER B 390 21.24 -15.51 -3.74
C SER B 390 21.01 -14.06 -4.21
N LEU B 391 22.08 -13.28 -4.29
CA LEU B 391 22.00 -11.88 -4.73
C LEU B 391 22.76 -11.68 -6.03
N GLY B 392 22.13 -11.00 -6.98
CA GLY B 392 22.76 -10.75 -8.27
C GLY B 392 22.23 -9.53 -9.00
N THR B 393 23.07 -8.94 -9.82
CA THR B 393 22.70 -7.80 -10.67
C THR B 393 23.30 -7.97 -12.06
N ILE B 394 22.49 -7.67 -13.08
CA ILE B 394 22.96 -7.66 -14.47
C ILE B 394 23.77 -6.40 -14.76
N HIS B 395 24.84 -6.56 -15.53
CA HIS B 395 25.62 -5.44 -16.03
C HIS B 395 25.91 -5.67 -17.50
N PHE B 396 25.57 -4.67 -18.33
CA PHE B 396 25.80 -4.80 -19.76
C PHE B 396 27.23 -4.36 -20.12
N SER B 397 28.15 -5.24 -19.74
CA SER B 397 29.58 -5.11 -19.94
C SER B 397 30.20 -6.46 -19.63
N ARG B 398 31.30 -6.78 -20.31
CA ARG B 398 32.07 -7.99 -20.00
C ARG B 398 33.42 -7.63 -19.35
N ALA B 399 33.61 -6.35 -19.06
CA ALA B 399 34.75 -5.89 -18.27
C ALA B 399 34.59 -6.31 -16.81
N PRO B 400 35.71 -6.36 -16.05
CA PRO B 400 35.59 -6.65 -14.62
C PRO B 400 34.75 -5.58 -13.92
N ILE B 401 33.80 -6.02 -13.10
CA ILE B 401 32.97 -5.09 -12.34
C ILE B 401 33.49 -5.07 -10.91
N ARG B 402 34.30 -4.05 -10.60
CA ARG B 402 35.05 -3.99 -9.35
C ARG B 402 34.76 -2.74 -8.52
N SER B 403 34.27 -1.69 -9.18
CA SER B 403 33.92 -0.45 -8.50
C SER B 403 32.70 0.23 -9.12
N ALA B 404 32.25 1.31 -8.48
CA ALA B 404 31.13 2.11 -8.97
C ALA B 404 31.34 2.59 -10.40
N GLY B 405 32.59 2.97 -10.72
CA GLY B 405 32.96 3.39 -12.06
C GLY B 405 32.67 2.34 -13.12
N ASP B 406 32.98 1.08 -12.81
CA ASP B 406 32.72 -0.04 -13.71
C ASP B 406 31.22 -0.25 -13.95
N VAL B 407 30.44 -0.15 -12.87
CA VAL B 407 28.99 -0.26 -12.94
C VAL B 407 28.38 0.81 -13.84
N ARG B 408 28.84 2.05 -13.65
CA ARG B 408 28.36 3.20 -14.43
C ARG B 408 28.74 3.14 -15.90
N ALA B 409 29.94 2.59 -16.18
CA ALA B 409 30.47 2.48 -17.54
C ALA B 409 29.73 1.43 -18.37
N ALA B 410 29.03 0.52 -17.69
CA ALA B 410 28.22 -0.48 -18.37
C ALA B 410 27.02 0.21 -19.04
N ASP B 411 26.45 -0.45 -20.04
CA ASP B 411 25.37 0.13 -20.84
C ASP B 411 24.08 0.27 -20.02
N GLN B 412 23.71 1.51 -19.73
CA GLN B 412 22.53 1.81 -18.91
C GLN B 412 21.23 1.71 -19.71
N GLN B 413 21.31 1.92 -21.01
CA GLN B 413 20.15 1.85 -21.89
C GLN B 413 19.63 0.41 -22.02
N LEU B 414 20.55 -0.53 -22.18
CA LEU B 414 20.21 -1.95 -22.26
C LEU B 414 19.64 -2.44 -20.94
N LYS B 415 20.16 -1.90 -19.84
CA LYS B 415 19.65 -2.19 -18.50
C LYS B 415 18.17 -1.87 -18.38
N GLU B 416 17.76 -0.70 -18.87
CA GLU B 416 16.35 -0.30 -18.84
C GLU B 416 15.49 -1.18 -19.73
N LEU B 417 15.99 -1.51 -20.92
CA LEU B 417 15.32 -2.42 -21.85
C LEU B 417 15.10 -3.80 -21.25
N PHE B 418 16.11 -4.28 -20.53
CA PHE B 418 16.05 -5.58 -19.86
C PHE B 418 14.91 -5.62 -18.83
N PHE B 419 14.82 -4.58 -18.00
CA PHE B 419 13.73 -4.48 -17.01
C PHE B 419 12.36 -4.62 -17.67
N PHE B 420 12.09 -3.82 -18.70
CA PHE B 420 10.80 -3.88 -19.39
C PHE B 420 10.52 -5.23 -20.04
N HIS B 421 11.55 -5.82 -20.64
CA HIS B 421 11.45 -7.16 -21.23
C HIS B 421 11.00 -8.20 -20.22
N MET B 422 11.66 -8.23 -19.07
CA MET B 422 11.36 -9.23 -18.04
C MET B 422 9.92 -9.10 -17.53
N LEU B 423 9.45 -7.86 -17.38
CA LEU B 423 8.05 -7.59 -17.00
C LEU B 423 7.06 -8.21 -17.97
N ARG B 424 7.33 -8.06 -19.26
CA ARG B 424 6.48 -8.60 -20.32
C ARG B 424 6.43 -10.12 -20.26
N LYS B 425 7.45 -10.72 -19.66
CA LYS B 425 7.53 -12.18 -19.49
C LYS B 425 7.01 -12.63 -18.12
N GLY B 426 6.43 -11.71 -17.36
CA GLY B 426 5.87 -12.03 -16.04
C GLY B 426 6.94 -12.27 -14.98
N ILE B 427 8.07 -11.60 -15.14
CA ILE B 427 9.16 -11.70 -14.18
C ILE B 427 9.49 -10.31 -13.66
N TYR B 428 9.34 -10.12 -12.35
CA TYR B 428 9.62 -8.82 -11.75
C TYR B 428 10.93 -8.81 -10.98
N LEU B 429 11.83 -7.93 -11.39
CA LEU B 429 13.04 -7.65 -10.61
C LEU B 429 13.23 -6.13 -10.56
N ALA B 430 14.26 -5.68 -9.84
CA ALA B 430 14.53 -4.24 -9.74
C ALA B 430 14.74 -3.60 -11.11
N PRO B 431 14.27 -2.35 -11.28
CA PRO B 431 14.60 -1.57 -12.47
C PRO B 431 16.10 -1.54 -12.78
N ARG B 432 16.93 -1.54 -11.74
CA ARG B 432 18.39 -1.53 -11.92
C ARG B 432 18.96 -2.92 -12.25
N GLY B 433 18.08 -3.92 -12.38
CA GLY B 433 18.48 -5.26 -12.80
C GLY B 433 19.00 -6.17 -11.70
N MET B 434 18.62 -5.89 -10.46
CA MET B 434 18.98 -6.73 -9.33
C MET B 434 17.86 -7.70 -8.96
N TYR B 435 18.24 -8.96 -8.71
CA TYR B 435 17.34 -9.91 -8.08
C TYR B 435 17.86 -10.26 -6.69
N ALA B 436 16.94 -10.67 -5.82
CA ALA B 436 17.29 -11.18 -4.51
C ALA B 436 16.36 -12.35 -4.22
N LEU B 437 16.88 -13.56 -4.37
CA LEU B 437 16.05 -14.76 -4.31
C LEU B 437 15.43 -14.93 -2.93
N SER B 438 14.12 -15.07 -2.90
CA SER B 438 13.42 -15.42 -1.67
C SER B 438 13.43 -16.93 -1.52
N LEU B 439 13.03 -17.41 -0.34
CA LEU B 439 12.90 -18.85 -0.07
C LEU B 439 11.73 -19.48 -0.84
N GLU B 440 10.89 -18.64 -1.44
CA GLU B 440 9.72 -19.10 -2.18
C GLU B 440 9.98 -19.31 -3.67
N ILE B 441 11.13 -18.82 -4.15
CA ILE B 441 11.54 -19.05 -5.54
C ILE B 441 11.87 -20.53 -5.74
N ALA B 442 11.28 -21.12 -6.76
CA ALA B 442 11.43 -22.56 -7.03
C ALA B 442 11.90 -22.80 -8.47
N ASP B 443 11.94 -24.08 -8.87
CA ASP B 443 12.38 -24.47 -10.21
C ASP B 443 11.67 -23.70 -11.32
N ALA B 444 10.34 -23.62 -11.25
CA ALA B 444 9.51 -22.97 -12.26
C ALA B 444 9.89 -21.50 -12.48
N GLY B 445 10.10 -20.78 -11.38
CA GLY B 445 10.51 -19.37 -11.44
C GLY B 445 11.90 -19.18 -12.01
N ARG B 446 12.85 -19.96 -11.51
CA ARG B 446 14.24 -19.91 -12.00
C ARG B 446 14.32 -20.27 -13.48
N ASP B 447 13.59 -21.31 -13.89
CA ASP B 447 13.51 -21.72 -15.29
C ASP B 447 12.95 -20.60 -16.17
N ALA B 448 11.90 -19.94 -15.69
CA ALA B 448 11.26 -18.84 -16.42
C ALA B 448 12.21 -17.66 -16.60
N PHE B 449 12.95 -17.33 -15.54
CA PHE B 449 13.93 -16.25 -15.57
C PHE B 449 14.99 -16.53 -16.65
N ALA B 450 15.53 -17.76 -16.63
CA ALA B 450 16.57 -18.16 -17.57
C ALA B 450 16.11 -18.11 -19.02
N GLU B 451 14.89 -18.60 -19.27
CA GLU B 451 14.30 -18.56 -20.61
C GLU B 451 14.09 -17.13 -21.08
N ALA B 452 13.63 -16.27 -20.17
CA ALA B 452 13.41 -14.85 -20.47
C ALA B 452 14.71 -14.13 -20.81
N LEU B 453 15.79 -14.48 -20.11
CA LEU B 453 17.12 -13.94 -20.43
C LEU B 453 17.54 -14.35 -21.84
N ALA B 454 17.41 -15.64 -22.14
CA ALA B 454 17.72 -16.18 -23.47
C ALA B 454 16.90 -15.49 -24.55
N ASP B 455 15.62 -15.26 -24.28
CA ASP B 455 14.73 -14.54 -25.20
C ASP B 455 15.18 -13.10 -25.43
N PHE B 456 15.59 -12.43 -24.35
CA PHE B 456 16.08 -11.05 -24.46
C PHE B 456 17.29 -10.99 -25.38
N ILE B 457 18.26 -11.89 -25.16
CA ILE B 457 19.49 -11.95 -25.94
C ILE B 457 19.17 -12.11 -27.44
N GLY B 458 18.26 -13.03 -27.76
CA GLY B 458 17.85 -13.29 -29.14
C GLY B 458 17.06 -12.16 -29.77
N GLU B 459 16.07 -11.64 -29.05
CA GLU B 459 15.18 -10.58 -29.55
C GLU B 459 15.88 -9.24 -29.68
N GLN B 460 16.86 -8.97 -28.81
CA GLN B 460 17.57 -7.70 -28.81
C GLN B 460 18.99 -7.82 -29.36
N ARG B 461 19.20 -8.86 -30.18
CA ARG B 461 20.52 -9.16 -30.74
C ARG B 461 21.10 -8.01 -31.56
N ALA B 462 20.23 -7.27 -32.24
CA ALA B 462 20.62 -6.11 -33.04
C ALA B 462 21.22 -4.99 -32.18
N LEU B 463 20.74 -4.88 -30.94
CA LEU B 463 21.23 -3.86 -30.01
C LEU B 463 22.40 -4.37 -29.15
N LEU B 464 22.68 -5.66 -29.26
CA LEU B 464 23.77 -6.29 -28.53
C LEU B 464 24.95 -6.58 -29.46
N THR C 36 -42.00 -25.31 -41.26
CA THR C 36 -42.66 -26.55 -41.77
C THR C 36 -43.48 -27.23 -40.67
N ALA C 37 -44.31 -28.19 -41.08
CA ALA C 37 -45.14 -28.96 -40.17
C ALA C 37 -44.31 -29.92 -39.30
N GLU C 38 -43.29 -30.53 -39.88
CA GLU C 38 -42.40 -31.44 -39.15
C GLU C 38 -41.74 -30.76 -37.93
N LYS C 39 -41.32 -29.51 -38.12
CA LYS C 39 -40.66 -28.75 -37.06
C LYS C 39 -41.65 -28.25 -35.99
N ALA C 40 -42.85 -27.86 -36.41
CA ALA C 40 -43.90 -27.47 -35.48
C ALA C 40 -44.36 -28.65 -34.62
N GLN C 41 -44.40 -29.84 -35.21
CA GLN C 41 -44.71 -31.08 -34.49
C GLN C 41 -43.61 -31.42 -33.50
N ALA C 42 -42.36 -31.21 -33.90
CA ALA C 42 -41.21 -31.41 -33.02
C ALA C 42 -41.22 -30.43 -31.86
N ILE C 43 -41.60 -29.18 -32.14
CA ILE C 43 -41.71 -28.16 -31.10
C ILE C 43 -42.84 -28.51 -30.11
N ALA C 44 -43.98 -28.92 -30.65
CA ALA C 44 -45.10 -29.39 -29.84
C ALA C 44 -44.66 -30.50 -28.88
N ALA C 45 -43.95 -31.49 -29.42
CA ALA C 45 -43.43 -32.62 -28.64
C ALA C 45 -42.42 -32.20 -27.57
N ALA C 46 -41.53 -31.27 -27.92
CA ALA C 46 -40.52 -30.77 -26.99
C ALA C 46 -41.15 -29.97 -25.84
N ARG C 47 -42.14 -29.14 -26.16
CA ARG C 47 -42.88 -28.39 -25.14
C ARG C 47 -43.62 -29.32 -24.18
N ASN C 48 -44.22 -30.38 -24.72
CA ASN C 48 -44.93 -31.40 -23.95
C ASN C 48 -44.01 -32.14 -22.98
N THR C 49 -42.83 -32.53 -23.46
CA THR C 49 -41.83 -33.20 -22.64
C THR C 49 -41.36 -32.29 -21.51
N PHE C 50 -41.07 -31.03 -21.86
CA PHE C 50 -40.70 -30.02 -20.89
C PHE C 50 -41.77 -29.86 -19.80
N ALA C 51 -43.03 -29.78 -20.22
CA ALA C 51 -44.17 -29.65 -19.31
C ALA C 51 -44.28 -30.85 -18.37
N ARG C 52 -44.11 -32.04 -18.96
CA ARG C 52 -44.16 -33.31 -18.23
C ARG C 52 -43.01 -33.42 -17.23
N ASP C 53 -41.84 -32.93 -17.63
CA ASP C 53 -40.64 -32.92 -16.79
C ASP C 53 -40.79 -31.96 -15.60
N ASN C 54 -41.58 -30.90 -15.76
CA ASN C 54 -41.57 -29.79 -14.81
C ASN C 54 -42.94 -29.37 -14.23
N PRO C 55 -43.69 -30.33 -13.64
CA PRO C 55 -45.02 -29.98 -13.10
C PRO C 55 -44.99 -28.98 -11.95
N VAL C 56 -43.93 -28.97 -11.15
CA VAL C 56 -43.82 -28.02 -10.05
C VAL C 56 -43.67 -26.59 -10.58
N SER C 57 -42.81 -26.42 -11.58
CA SER C 57 -42.70 -25.13 -12.28
C SER C 57 -44.05 -24.72 -12.87
N ALA C 58 -44.78 -25.69 -13.44
CA ALA C 58 -46.13 -25.43 -13.97
C ALA C 58 -47.07 -24.90 -12.89
N GLY C 59 -47.02 -25.51 -11.70
CA GLY C 59 -47.82 -25.07 -10.55
C GLY C 59 -47.50 -23.65 -10.12
N HIS C 60 -46.21 -23.34 -10.05
CA HIS C 60 -45.74 -21.99 -9.72
C HIS C 60 -46.28 -20.95 -10.71
N HIS C 61 -46.23 -21.26 -12.00
CA HIS C 61 -46.71 -20.35 -13.05
C HIS C 61 -48.17 -19.96 -12.85
N GLU C 62 -49.02 -20.94 -12.56
CA GLU C 62 -50.44 -20.69 -12.35
C GLU C 62 -50.69 -19.75 -11.17
N ARG C 63 -49.90 -19.90 -10.10
CA ARG C 63 -49.98 -19.02 -8.94
C ARG C 63 -49.42 -17.63 -9.23
N ALA C 64 -48.29 -17.57 -9.94
CA ALA C 64 -47.64 -16.30 -10.29
C ALA C 64 -48.55 -15.41 -11.16
N ARG C 65 -49.38 -16.04 -11.98
CA ARG C 65 -50.32 -15.34 -12.85
C ARG C 65 -51.36 -14.50 -12.10
N ARG C 66 -51.54 -14.77 -10.81
CA ARG C 66 -52.53 -14.04 -9.99
C ARG C 66 -52.07 -12.64 -9.58
N SER C 67 -50.76 -12.40 -9.58
N SER C 67 -50.76 -12.38 -9.59
CA SER C 67 -50.20 -11.15 -9.07
CA SER C 67 -50.22 -11.13 -9.08
C SER C 67 -49.37 -10.37 -10.08
C SER C 67 -49.35 -10.36 -10.08
N MET C 68 -48.89 -11.06 -11.11
CA MET C 68 -48.11 -10.42 -12.19
C MET C 68 -48.72 -10.80 -13.53
N PRO C 69 -48.71 -9.86 -14.50
CA PRO C 69 -49.24 -10.18 -15.83
C PRO C 69 -48.48 -11.35 -16.43
N GLY C 70 -49.19 -12.45 -16.68
CA GLY C 70 -48.59 -13.69 -17.18
C GLY C 70 -47.60 -14.33 -16.21
N GLY C 71 -47.71 -13.98 -14.93
CA GLY C 71 -46.77 -14.44 -13.90
C GLY C 71 -45.36 -13.98 -14.19
N ASN C 72 -45.24 -12.78 -14.72
CA ASN C 72 -44.01 -12.32 -15.35
C ASN C 72 -43.67 -10.88 -14.96
N THR C 73 -42.38 -10.61 -14.77
CA THR C 73 -41.93 -9.23 -14.51
C THR C 73 -40.71 -8.83 -15.36
N ARG C 74 -40.21 -9.77 -16.15
CA ARG C 74 -39.21 -9.53 -17.19
C ARG C 74 -39.65 -10.34 -18.40
N SER C 75 -40.09 -9.66 -19.45
CA SER C 75 -40.68 -10.35 -20.62
C SER C 75 -39.81 -11.48 -21.17
N ILE C 76 -38.50 -11.26 -21.21
CA ILE C 76 -37.56 -12.24 -21.76
C ILE C 76 -37.53 -13.57 -20.99
N LEU C 77 -37.97 -13.53 -19.72
CA LEU C 77 -37.99 -14.72 -18.88
C LEU C 77 -39.14 -15.67 -19.23
N PHE C 78 -40.16 -15.15 -19.91
CA PHE C 78 -41.25 -16.00 -20.36
C PHE C 78 -40.92 -16.77 -21.63
N HIS C 79 -41.26 -18.05 -21.62
CA HIS C 79 -41.32 -18.85 -22.84
C HIS C 79 -42.42 -19.90 -22.69
N ARG C 80 -42.94 -20.37 -23.82
CA ARG C 80 -43.93 -21.45 -23.80
C ARG C 80 -43.25 -22.79 -23.49
N PRO C 81 -43.98 -23.73 -22.86
CA PRO C 81 -45.37 -23.61 -22.36
C PRO C 81 -45.45 -22.78 -21.08
N PHE C 82 -44.34 -22.73 -20.34
CA PHE C 82 -44.19 -21.91 -19.14
C PHE C 82 -42.70 -21.87 -18.79
N PRO C 83 -42.26 -20.82 -18.07
CA PRO C 83 -40.83 -20.78 -17.73
C PRO C 83 -40.50 -21.65 -16.52
N LEU C 84 -39.22 -22.04 -16.42
CA LEU C 84 -38.73 -22.72 -15.23
C LEU C 84 -38.72 -21.77 -14.05
N VAL C 85 -38.99 -22.30 -12.87
CA VAL C 85 -38.73 -21.57 -11.63
C VAL C 85 -37.52 -22.23 -10.98
N ILE C 86 -36.53 -21.41 -10.65
CA ILE C 86 -35.30 -21.91 -10.03
C ILE C 86 -35.38 -21.77 -8.51
N ALA C 87 -34.93 -22.82 -7.82
CA ALA C 87 -34.99 -22.87 -6.36
C ALA C 87 -33.75 -22.24 -5.73
N GLN C 88 -32.57 -22.55 -6.28
CA GLN C 88 -31.31 -22.04 -5.77
C GLN C 88 -30.14 -22.38 -6.69
N GLY C 89 -29.03 -21.68 -6.50
CA GLY C 89 -27.83 -21.92 -7.29
C GLY C 89 -26.55 -21.58 -6.56
N THR C 90 -25.48 -22.29 -6.93
CA THR C 90 -24.15 -22.11 -6.37
C THR C 90 -23.18 -22.16 -7.55
N GLY C 91 -22.27 -21.19 -7.63
CA GLY C 91 -21.29 -21.15 -8.72
C GLY C 91 -21.96 -21.04 -10.08
N SER C 92 -21.63 -21.97 -10.98
CA SER C 92 -22.21 -21.98 -12.32
C SER C 92 -23.43 -22.89 -12.43
N ARG C 93 -23.86 -23.43 -11.29
CA ARG C 93 -24.93 -24.44 -11.24
CA ARG C 93 -24.94 -24.41 -11.28
C ARG C 93 -26.19 -23.90 -10.57
N PHE C 94 -27.35 -24.28 -11.10
CA PHE C 94 -28.60 -24.04 -10.40
C PHE C 94 -29.56 -25.23 -10.49
N GLN C 95 -30.58 -25.20 -9.63
CA GLN C 95 -31.54 -26.28 -9.53
C GLN C 95 -32.94 -25.71 -9.66
N ASP C 96 -33.77 -26.31 -10.52
CA ASP C 96 -35.15 -25.86 -10.64
C ASP C 96 -36.02 -26.45 -9.51
N VAL C 97 -37.27 -26.00 -9.42
CA VAL C 97 -38.16 -26.42 -8.34
C VAL C 97 -38.61 -27.88 -8.42
N ASP C 98 -38.39 -28.50 -9.57
CA ASP C 98 -38.61 -29.94 -9.71
C ASP C 98 -37.38 -30.76 -9.30
N GLY C 99 -36.27 -30.07 -9.06
CA GLY C 99 -35.05 -30.72 -8.56
C GLY C 99 -33.97 -30.97 -9.62
N HIS C 100 -34.26 -30.61 -10.87
CA HIS C 100 -33.29 -30.79 -11.96
C HIS C 100 -32.14 -29.80 -11.83
N ALA C 101 -30.93 -30.27 -12.10
CA ALA C 101 -29.73 -29.43 -12.05
C ALA C 101 -29.28 -29.01 -13.46
N TYR C 102 -28.75 -27.79 -13.57
CA TYR C 102 -28.28 -27.25 -14.84
C TYR C 102 -26.96 -26.52 -14.65
N VAL C 103 -26.19 -26.42 -15.72
CA VAL C 103 -25.08 -25.48 -15.78
C VAL C 103 -25.65 -24.23 -16.46
N ASN C 104 -25.44 -23.08 -15.81
CA ASN C 104 -25.99 -21.81 -16.29
C ASN C 104 -25.06 -21.15 -17.32
N PHE C 105 -25.35 -21.39 -18.59
CA PHE C 105 -24.59 -20.74 -19.67
C PHE C 105 -25.17 -19.38 -20.05
N LEU C 106 -26.37 -19.07 -19.55
CA LEU C 106 -26.99 -17.78 -19.81
C LEU C 106 -26.28 -16.64 -19.09
N GLY C 107 -25.92 -16.86 -17.83
CA GLY C 107 -25.20 -15.87 -17.02
C GLY C 107 -25.88 -14.52 -16.99
N GLU C 108 -27.18 -14.53 -16.68
CA GLU C 108 -28.01 -13.31 -16.55
C GLU C 108 -27.85 -12.33 -17.71
N TYR C 109 -27.93 -12.85 -18.93
CA TYR C 109 -27.78 -12.05 -20.14
C TYR C 109 -26.56 -11.13 -20.09
N THR C 110 -25.45 -11.71 -19.61
CA THR C 110 -24.12 -11.07 -19.46
C THR C 110 -23.87 -10.39 -18.10
N ALA C 111 -24.94 -10.15 -17.34
CA ALA C 111 -24.81 -9.52 -16.02
C ALA C 111 -24.22 -10.47 -14.97
N GLY C 112 -24.52 -11.77 -15.14
CA GLY C 112 -24.18 -12.78 -14.13
C GLY C 112 -22.80 -13.38 -14.35
N LEU C 113 -21.80 -12.50 -14.44
CA LEU C 113 -20.42 -12.87 -14.76
C LEU C 113 -19.72 -13.64 -13.63
N PHE C 114 -20.23 -13.52 -12.41
CA PHE C 114 -19.54 -14.02 -11.23
C PHE C 114 -20.14 -15.31 -10.71
N GLY C 115 -21.09 -15.86 -11.45
CA GLY C 115 -21.84 -17.02 -11.00
C GLY C 115 -22.81 -16.66 -9.88
N HIS C 116 -23.35 -17.68 -9.22
CA HIS C 116 -24.44 -17.49 -8.27
C HIS C 116 -24.02 -17.20 -6.83
N SER C 117 -22.75 -17.43 -6.52
CA SER C 117 -22.29 -17.35 -5.13
C SER C 117 -20.81 -16.99 -5.01
N HIS C 118 -20.39 -15.96 -5.74
CA HIS C 118 -18.99 -15.55 -5.74
C HIS C 118 -18.58 -15.01 -4.38
N PRO C 119 -17.52 -15.59 -3.78
CA PRO C 119 -17.12 -15.22 -2.42
C PRO C 119 -16.63 -13.77 -2.29
N VAL C 120 -16.05 -13.22 -3.35
CA VAL C 120 -15.59 -11.82 -3.34
C VAL C 120 -16.80 -10.86 -3.39
N ILE C 121 -17.78 -11.19 -4.22
CA ILE C 121 -19.05 -10.45 -4.24
C ILE C 121 -19.75 -10.49 -2.87
N ARG C 122 -19.82 -11.68 -2.28
CA ARG C 122 -20.39 -11.85 -0.94
C ARG C 122 -19.67 -10.98 0.09
N ALA C 123 -18.34 -10.99 0.05
CA ALA C 123 -17.53 -10.15 0.92
C ALA C 123 -17.85 -8.66 0.76
N ALA C 124 -18.03 -8.22 -0.50
CA ALA C 124 -18.39 -6.84 -0.80
C ALA C 124 -19.77 -6.46 -0.26
N VAL C 125 -20.71 -7.39 -0.34
CA VAL C 125 -22.06 -7.20 0.21
C VAL C 125 -22.01 -7.06 1.72
N GLU C 126 -21.24 -7.93 2.38
CA GLU C 126 -21.03 -7.87 3.82
C GLU C 126 -20.42 -6.54 4.25
N ARG C 127 -19.38 -6.11 3.51
CA ARG C 127 -18.71 -4.84 3.77
C ARG C 127 -19.68 -3.67 3.62
N ALA C 128 -20.54 -3.73 2.60
CA ALA C 128 -21.57 -2.71 2.38
C ALA C 128 -22.55 -2.63 3.55
N LEU C 129 -22.98 -3.78 4.05
CA LEU C 129 -23.86 -3.84 5.21
C LEU C 129 -23.20 -3.23 6.46
N ALA C 130 -21.89 -3.44 6.58
CA ALA C 130 -21.11 -2.89 7.69
C ALA C 130 -20.98 -1.37 7.62
N VAL C 131 -20.89 -0.84 6.40
CA VAL C 131 -20.89 0.61 6.20
C VAL C 131 -22.27 1.19 6.59
N GLY C 132 -23.33 0.56 6.09
CA GLY C 132 -24.67 1.01 6.40
C GLY C 132 -25.48 1.26 5.14
N LEU C 133 -26.74 0.84 5.18
CA LEU C 133 -27.65 0.98 4.05
C LEU C 133 -28.39 2.31 4.09
N ASN C 134 -28.72 2.83 2.91
CA ASN C 134 -29.55 4.04 2.76
C ASN C 134 -29.09 5.22 3.62
N LEU C 135 -27.79 5.49 3.57
CA LEU C 135 -27.16 6.51 4.41
C LEU C 135 -27.53 7.95 4.03
N SER C 136 -28.23 8.10 2.91
CA SER C 136 -28.85 9.39 2.50
C SER C 136 -27.84 10.47 2.15
N THR C 137 -26.60 10.04 1.91
CA THR C 137 -25.47 10.93 1.70
C THR C 137 -24.47 10.24 0.78
N GLN C 138 -23.44 10.99 0.37
CA GLN C 138 -22.32 10.40 -0.36
C GLN C 138 -21.43 9.63 0.59
N THR C 139 -20.87 8.51 0.12
CA THR C 139 -19.78 7.85 0.84
C THR C 139 -18.58 7.81 -0.10
N GLU C 140 -17.43 7.42 0.43
CA GLU C 140 -16.21 7.31 -0.36
C GLU C 140 -16.32 6.22 -1.44
N ASN C 141 -17.17 5.23 -1.17
CA ASN C 141 -17.31 4.06 -2.04
C ASN C 141 -17.72 4.37 -3.47
N GLU C 142 -18.61 5.35 -3.64
CA GLU C 142 -19.03 5.77 -4.97
C GLU C 142 -17.88 6.42 -5.76
N ALA C 143 -17.05 7.20 -5.07
CA ALA C 143 -15.88 7.82 -5.70
C ALA C 143 -14.86 6.75 -6.11
N LEU C 144 -14.64 5.76 -5.25
CA LEU C 144 -13.70 4.67 -5.55
C LEU C 144 -14.17 3.84 -6.74
N PHE C 145 -15.47 3.59 -6.83
CA PHE C 145 -16.06 2.85 -7.94
C PHE C 145 -15.93 3.65 -9.24
N ALA C 146 -16.24 4.94 -9.19
CA ALA C 146 -16.12 5.82 -10.34
C ALA C 146 -14.69 5.89 -10.88
N GLU C 147 -13.72 5.92 -9.96
CA GLU C 147 -12.30 5.86 -10.33
C GLU C 147 -11.96 4.56 -11.06
N ALA C 148 -12.49 3.44 -10.59
CA ALA C 148 -12.27 2.14 -11.21
C ALA C 148 -12.81 2.10 -12.64
N VAL C 149 -13.99 2.68 -12.84
CA VAL C 149 -14.61 2.77 -14.18
C VAL C 149 -13.74 3.63 -15.10
N CYS C 150 -13.42 4.85 -14.64
CA CYS C 150 -12.62 5.79 -15.43
C CYS C 150 -11.23 5.23 -15.78
N ASP C 151 -10.60 4.56 -14.82
CA ASP C 151 -9.26 3.96 -15.02
C ASP C 151 -9.21 3.03 -16.22
N ARG C 152 -10.19 2.14 -16.34
CA ARG C 152 -10.10 1.07 -17.33
C ARG C 152 -10.82 1.33 -18.66
N PHE C 153 -11.77 2.26 -18.68
CA PHE C 153 -12.45 2.59 -19.92
C PHE C 153 -11.87 3.87 -20.54
N PRO C 154 -11.17 3.74 -21.68
CA PRO C 154 -10.30 4.77 -22.23
C PRO C 154 -10.98 6.05 -22.69
N SER C 155 -12.27 5.99 -23.01
CA SER C 155 -12.99 7.18 -23.47
C SER C 155 -13.88 7.80 -22.39
N ILE C 156 -13.94 7.16 -21.23
CA ILE C 156 -14.72 7.68 -20.11
C ILE C 156 -13.84 8.51 -19.18
N ASP C 157 -13.95 9.84 -19.29
CA ASP C 157 -13.20 10.77 -18.46
C ASP C 157 -13.91 11.02 -17.13
N LEU C 158 -15.24 11.11 -17.21
CA LEU C 158 -16.09 11.26 -16.05
C LEU C 158 -17.29 10.34 -16.23
N VAL C 159 -17.87 9.90 -15.12
CA VAL C 159 -18.95 8.93 -15.16
C VAL C 159 -20.02 9.25 -14.11
N ARG C 160 -21.26 8.87 -14.40
CA ARG C 160 -22.34 8.90 -13.42
C ARG C 160 -23.06 7.57 -13.42
N PHE C 161 -23.48 7.13 -12.25
CA PHE C 161 -24.12 5.83 -12.09
C PHE C 161 -25.63 5.94 -12.16
N THR C 162 -26.25 4.91 -12.74
CA THR C 162 -27.71 4.81 -12.83
C THR C 162 -28.15 3.46 -12.25
N ASN C 163 -29.43 3.16 -12.34
CA ASN C 163 -29.98 1.94 -11.75
C ASN C 163 -30.22 0.81 -12.75
N SER C 164 -29.87 1.08 -14.01
CA SER C 164 -30.04 0.13 -15.10
C SER C 164 -29.36 0.66 -16.36
N GLY C 165 -29.09 -0.25 -17.30
CA GLY C 165 -28.57 0.12 -18.61
C GLY C 165 -29.56 0.99 -19.37
N THR C 166 -30.86 0.73 -19.20
CA THR C 166 -31.89 1.57 -19.84
C THR C 166 -31.77 3.02 -19.38
N GLU C 167 -31.65 3.22 -18.07
CA GLU C 167 -31.48 4.56 -17.49
C GLU C 167 -30.23 5.25 -18.02
N ALA C 168 -29.15 4.49 -18.15
CA ALA C 168 -27.89 5.02 -18.69
C ALA C 168 -28.08 5.52 -20.12
N ASN C 169 -28.72 4.70 -20.95
CA ASN C 169 -28.99 5.07 -22.35
C ASN C 169 -29.95 6.24 -22.48
N LEU C 170 -30.99 6.26 -21.65
CA LEU C 170 -31.91 7.39 -21.60
C LEU C 170 -31.17 8.67 -21.20
N MET C 171 -30.25 8.57 -20.23
CA MET C 171 -29.45 9.72 -19.82
C MET C 171 -28.48 10.18 -20.90
N ALA C 172 -27.91 9.23 -21.63
CA ALA C 172 -27.03 9.56 -22.76
C ALA C 172 -27.79 10.33 -23.84
N LEU C 173 -29.02 9.89 -24.11
CA LEU C 173 -29.90 10.58 -25.06
C LEU C 173 -30.33 11.94 -24.54
N ALA C 174 -30.64 12.02 -23.25
CA ALA C 174 -30.97 13.28 -22.58
C ALA C 174 -29.81 14.26 -22.67
N THR C 175 -28.59 13.75 -22.48
CA THR C 175 -27.37 14.54 -22.60
C THR C 175 -27.20 15.09 -24.02
N ALA C 176 -27.32 14.20 -25.00
CA ALA C 176 -27.12 14.55 -26.41
C ALA C 176 -28.13 15.58 -26.90
N THR C 177 -29.41 15.36 -26.60
CA THR C 177 -30.46 16.28 -27.03
C THR C 177 -30.38 17.64 -26.36
N ALA C 178 -30.06 17.66 -25.07
CA ALA C 178 -29.92 18.90 -24.31
C ALA C 178 -28.70 19.72 -24.72
N ILE C 179 -27.58 19.06 -25.00
CA ILE C 179 -26.36 19.75 -25.44
C ILE C 179 -26.48 20.30 -26.87
N THR C 180 -26.97 19.48 -27.79
CA THR C 180 -27.04 19.86 -29.21
C THR C 180 -28.24 20.75 -29.53
N GLY C 181 -29.31 20.63 -28.73
CA GLY C 181 -30.57 21.32 -29.00
C GLY C 181 -31.34 20.67 -30.14
N ARG C 182 -30.94 19.44 -30.50
CA ARG C 182 -31.52 18.71 -31.62
C ARG C 182 -32.37 17.55 -31.13
N LYS C 183 -33.20 16.99 -32.02
CA LYS C 183 -34.18 15.98 -31.62
C LYS C 183 -33.93 14.58 -32.19
N THR C 184 -33.34 14.49 -33.38
CA THR C 184 -33.25 13.21 -34.09
C THR C 184 -32.15 12.31 -33.53
N VAL C 185 -32.51 11.05 -33.31
CA VAL C 185 -31.57 10.02 -32.87
C VAL C 185 -31.48 8.94 -33.93
N LEU C 186 -30.27 8.68 -34.41
CA LEU C 186 -30.06 7.56 -35.30
C LEU C 186 -29.71 6.32 -34.49
N ALA C 187 -30.52 5.28 -34.65
CA ALA C 187 -30.25 3.98 -34.05
C ALA C 187 -30.42 2.93 -35.13
N PHE C 188 -30.31 1.66 -34.76
CA PHE C 188 -30.31 0.60 -35.76
C PHE C 188 -31.29 -0.53 -35.49
N ASP C 189 -31.95 -0.96 -36.55
CA ASP C 189 -32.84 -2.11 -36.53
C ASP C 189 -32.09 -3.32 -35.98
N GLY C 190 -32.68 -3.98 -34.98
CA GLY C 190 -32.02 -5.06 -34.26
C GLY C 190 -31.35 -4.55 -32.99
N GLY C 191 -31.16 -3.24 -32.90
CA GLY C 191 -30.51 -2.61 -31.75
C GLY C 191 -31.35 -2.71 -30.49
N TYR C 192 -30.69 -2.94 -29.36
CA TYR C 192 -31.37 -2.98 -28.07
C TYR C 192 -30.65 -2.11 -27.06
N HIS C 193 -31.38 -1.16 -26.49
CA HIS C 193 -30.78 -0.18 -25.59
C HIS C 193 -31.57 -0.08 -24.29
N GLY C 194 -32.39 -1.09 -24.03
CA GLY C 194 -33.21 -1.15 -22.83
C GLY C 194 -34.69 -1.28 -23.18
N GLY C 195 -35.51 -1.51 -22.16
CA GLY C 195 -36.94 -1.78 -22.36
C GLY C 195 -37.66 -0.69 -23.13
N LEU C 196 -37.36 0.56 -22.81
CA LEU C 196 -37.96 1.74 -23.44
C LEU C 196 -37.24 2.21 -24.70
N LEU C 197 -36.17 1.50 -25.06
CA LEU C 197 -35.39 1.82 -26.26
C LEU C 197 -35.09 0.52 -27.00
N ASN C 198 -36.14 -0.25 -27.24
CA ASN C 198 -36.05 -1.57 -27.84
C ASN C 198 -36.36 -1.52 -29.34
N PHE C 199 -35.34 -1.68 -30.16
CA PHE C 199 -35.49 -1.69 -31.61
C PHE C 199 -35.16 -3.06 -32.21
N ALA C 200 -35.16 -4.09 -31.36
CA ALA C 200 -34.84 -5.46 -31.77
C ALA C 200 -35.80 -5.98 -32.85
N SER C 201 -37.04 -5.47 -32.83
CA SER C 201 -38.03 -5.75 -33.86
C SER C 201 -38.56 -4.46 -34.48
N GLY C 202 -37.67 -3.48 -34.68
CA GLY C 202 -38.06 -2.17 -35.17
C GLY C 202 -38.75 -1.35 -34.09
N HIS C 203 -39.52 -0.35 -34.50
CA HIS C 203 -40.23 0.51 -33.56
C HIS C 203 -41.28 -0.25 -32.76
N ALA C 204 -41.42 0.13 -31.49
CA ALA C 204 -42.40 -0.45 -30.59
C ALA C 204 -43.24 0.67 -29.98
N PRO C 205 -44.57 0.45 -29.85
CA PRO C 205 -45.46 1.50 -29.34
C PRO C 205 -45.14 1.95 -27.91
N THR C 206 -44.46 1.10 -27.14
CA THR C 206 -44.10 1.41 -25.76
C THR C 206 -42.78 2.17 -25.60
N ASN C 207 -41.97 2.21 -26.66
CA ASN C 207 -40.69 2.92 -26.60
C ASN C 207 -40.85 4.39 -26.23
N ALA C 208 -39.89 4.92 -25.47
CA ALA C 208 -39.88 6.35 -25.13
C ALA C 208 -39.87 7.16 -26.43
N PRO C 209 -40.67 8.24 -26.50
CA PRO C 209 -40.93 8.90 -27.78
C PRO C 209 -39.82 9.85 -28.25
N TYR C 210 -38.57 9.41 -28.16
CA TYR C 210 -37.47 10.12 -28.83
C TYR C 210 -37.68 10.00 -30.33
N HIS C 211 -37.31 11.03 -31.08
CA HIS C 211 -37.44 10.97 -32.54
C HIS C 211 -36.34 10.09 -33.11
N VAL C 212 -36.62 8.79 -33.21
CA VAL C 212 -35.64 7.79 -33.62
C VAL C 212 -35.83 7.41 -35.09
N VAL C 213 -34.73 7.49 -35.84
CA VAL C 213 -34.69 6.99 -37.21
C VAL C 213 -33.83 5.73 -37.20
N LEU C 214 -34.37 4.64 -37.75
CA LEU C 214 -33.65 3.35 -37.74
C LEU C 214 -32.95 3.06 -39.06
N GLY C 215 -31.65 2.77 -38.96
CA GLY C 215 -30.88 2.28 -40.10
C GLY C 215 -30.72 0.78 -40.05
N VAL C 216 -29.99 0.24 -41.02
CA VAL C 216 -29.65 -1.18 -41.04
C VAL C 216 -28.24 -1.35 -40.47
N TYR C 217 -28.10 -2.21 -39.47
CA TYR C 217 -26.81 -2.50 -38.86
C TYR C 217 -25.83 -2.96 -39.94
N ASN C 218 -24.61 -2.43 -39.88
CA ASN C 218 -23.53 -2.74 -40.83
C ASN C 218 -23.73 -2.27 -42.27
N ASP C 219 -24.79 -1.52 -42.53
CA ASP C 219 -25.07 -1.01 -43.88
C ASP C 219 -24.45 0.37 -44.05
N VAL C 220 -23.27 0.41 -44.69
CA VAL C 220 -22.53 1.67 -44.85
C VAL C 220 -23.25 2.66 -45.76
N GLU C 221 -23.60 2.23 -46.97
CA GLU C 221 -24.20 3.16 -47.95
C GLU C 221 -25.59 3.65 -47.51
N GLY C 222 -26.39 2.74 -46.98
CA GLY C 222 -27.72 3.08 -46.46
C GLY C 222 -27.66 4.07 -45.30
N THR C 223 -26.72 3.84 -44.39
CA THR C 223 -26.55 4.71 -43.22
C THR C 223 -25.97 6.08 -43.62
N ALA C 224 -25.03 6.08 -44.56
CA ALA C 224 -24.49 7.33 -45.10
C ALA C 224 -25.60 8.21 -45.69
N ASP C 225 -26.52 7.57 -46.40
CA ASP C 225 -27.67 8.25 -46.99
C ASP C 225 -28.56 8.89 -45.90
N LEU C 226 -28.85 8.12 -44.85
CA LEU C 226 -29.66 8.61 -43.73
C LEU C 226 -29.01 9.79 -43.01
N LEU C 227 -27.68 9.76 -42.90
CA LEU C 227 -26.95 10.84 -42.24
C LEU C 227 -26.86 12.11 -43.09
N LYS C 228 -26.89 11.94 -44.42
CA LYS C 228 -27.02 13.09 -45.32
C LYS C 228 -28.39 13.75 -45.15
N ARG C 229 -29.43 12.93 -45.01
CA ARG C 229 -30.80 13.40 -44.85
C ARG C 229 -31.07 14.00 -43.47
N HIS C 230 -30.61 13.32 -42.42
CA HIS C 230 -30.97 13.66 -41.03
C HIS C 230 -29.85 14.33 -40.23
N GLY C 231 -28.62 14.28 -40.74
CA GLY C 231 -27.44 14.74 -40.01
C GLY C 231 -27.55 16.09 -39.34
N HIS C 232 -28.20 17.04 -40.01
CA HIS C 232 -28.37 18.40 -39.50
C HIS C 232 -29.19 18.49 -38.20
N ASP C 233 -30.19 17.62 -38.05
CA ASP C 233 -30.98 17.56 -36.81
C ASP C 233 -30.64 16.35 -35.92
N CYS C 234 -29.51 15.71 -36.20
N CYS C 234 -29.53 15.68 -36.21
CA CYS C 234 -29.10 14.54 -35.43
CA CYS C 234 -29.13 14.52 -35.42
C CYS C 234 -28.42 14.94 -34.12
C CYS C 234 -28.42 14.91 -34.13
N ALA C 235 -29.07 14.64 -33.01
CA ALA C 235 -28.51 14.88 -31.68
C ALA C 235 -27.50 13.81 -31.33
N ALA C 236 -27.77 12.58 -31.76
CA ALA C 236 -26.98 11.43 -31.38
C ALA C 236 -27.08 10.28 -32.37
N ILE C 237 -26.01 9.52 -32.48
CA ILE C 237 -26.05 8.18 -33.07
C ILE C 237 -25.85 7.18 -31.93
N LEU C 238 -26.83 6.30 -31.73
CA LEU C 238 -26.80 5.31 -30.66
C LEU C 238 -26.62 3.91 -31.25
N VAL C 239 -25.56 3.22 -30.84
CA VAL C 239 -25.18 1.95 -31.45
C VAL C 239 -24.38 1.04 -30.51
N GLU C 240 -24.71 -0.25 -30.53
CA GLU C 240 -23.90 -1.27 -29.87
C GLU C 240 -22.76 -1.68 -30.81
N PRO C 241 -21.54 -1.84 -30.28
CA PRO C 241 -20.43 -2.35 -31.10
C PRO C 241 -20.63 -3.81 -31.54
N MET C 242 -21.59 -4.48 -30.91
CA MET C 242 -22.06 -5.79 -31.33
C MET C 242 -23.51 -5.89 -30.90
N LEU C 243 -24.40 -6.23 -31.83
CA LEU C 243 -25.81 -6.44 -31.46
C LEU C 243 -25.85 -7.55 -30.42
N GLY C 244 -26.44 -7.24 -29.27
CA GLY C 244 -26.50 -8.20 -28.17
C GLY C 244 -27.75 -9.03 -28.26
N ALA C 245 -28.85 -8.45 -27.79
CA ALA C 245 -30.17 -9.07 -27.89
C ALA C 245 -30.52 -9.34 -29.36
N GLY C 246 -29.96 -8.54 -30.26
CA GLY C 246 -30.19 -8.68 -31.70
C GLY C 246 -29.49 -9.86 -32.36
N GLY C 247 -28.66 -10.58 -31.60
CA GLY C 247 -28.12 -11.86 -32.07
C GLY C 247 -26.61 -12.06 -32.02
N CYS C 248 -25.92 -11.31 -31.17
CA CYS C 248 -24.45 -11.34 -31.10
C CYS C 248 -23.80 -11.11 -32.46
N VAL C 249 -24.17 -9.98 -33.07
CA VAL C 249 -23.76 -9.61 -34.41
C VAL C 249 -22.69 -8.52 -34.34
N PRO C 250 -21.42 -8.87 -34.61
CA PRO C 250 -20.37 -7.86 -34.51
C PRO C 250 -20.51 -6.74 -35.54
N ALA C 251 -20.25 -5.51 -35.12
CA ALA C 251 -20.17 -4.39 -36.05
C ALA C 251 -18.88 -4.51 -36.83
N GLU C 252 -18.94 -4.16 -38.11
CA GLU C 252 -17.76 -4.12 -38.95
C GLU C 252 -17.09 -2.76 -38.81
N ARG C 253 -15.76 -2.74 -38.93
CA ARG C 253 -14.99 -1.51 -38.74
C ARG C 253 -15.46 -0.37 -39.66
N ALA C 254 -15.72 -0.70 -40.93
CA ALA C 254 -16.18 0.30 -41.91
C ALA C 254 -17.44 1.02 -41.45
N PHE C 255 -18.36 0.24 -40.86
CA PHE C 255 -19.61 0.75 -40.32
C PHE C 255 -19.34 1.71 -39.17
N LEU C 256 -18.56 1.28 -38.19
CA LEU C 256 -18.22 2.14 -37.05
C LEU C 256 -17.39 3.36 -37.43
N ASP C 257 -16.48 3.20 -38.41
CA ASP C 257 -15.69 4.32 -38.92
C ASP C 257 -16.59 5.39 -39.55
N LEU C 258 -17.61 4.95 -40.29
CA LEU C 258 -18.59 5.85 -40.87
C LEU C 258 -19.29 6.66 -39.78
N LEU C 259 -19.77 5.96 -38.76
CA LEU C 259 -20.51 6.61 -37.68
C LEU C 259 -19.67 7.63 -36.93
N ARG C 260 -18.40 7.30 -36.68
CA ARG C 260 -17.49 8.20 -35.98
C ARG C 260 -17.19 9.46 -36.81
N ALA C 261 -16.93 9.27 -38.10
CA ALA C 261 -16.65 10.40 -38.99
C ALA C 261 -17.87 11.30 -39.17
N GLU C 262 -19.03 10.70 -39.37
CA GLU C 262 -20.26 11.46 -39.63
C GLU C 262 -20.80 12.15 -38.40
N ALA C 263 -20.67 11.51 -37.22
CA ALA C 263 -21.05 12.16 -35.97
C ALA C 263 -20.24 13.44 -35.78
N SER C 264 -18.93 13.35 -35.96
CA SER C 264 -18.03 14.49 -35.82
C SER C 264 -18.33 15.58 -36.85
N ARG C 265 -18.61 15.17 -38.10
CA ARG C 265 -18.92 16.11 -39.19
C ARG C 265 -20.20 16.92 -38.95
N CYS C 266 -21.28 16.24 -38.55
N CYS C 266 -21.27 16.23 -38.55
CA CYS C 266 -22.59 16.88 -38.41
CA CYS C 266 -22.59 16.85 -38.40
C CYS C 266 -22.84 17.44 -37.01
C CYS C 266 -22.83 17.44 -37.01
N GLY C 267 -21.99 17.05 -36.05
CA GLY C 267 -22.10 17.55 -34.68
C GLY C 267 -23.05 16.75 -33.80
N ALA C 268 -23.28 15.49 -34.17
CA ALA C 268 -24.04 14.56 -33.35
C ALA C 268 -23.12 13.87 -32.36
N LEU C 269 -23.66 13.49 -31.20
CA LEU C 269 -22.89 12.73 -30.23
C LEU C 269 -22.94 11.25 -30.58
N LEU C 270 -21.78 10.66 -30.79
CA LEU C 270 -21.71 9.22 -30.98
C LEU C 270 -21.76 8.54 -29.62
N ILE C 271 -22.80 7.74 -29.42
CA ILE C 271 -22.98 6.98 -28.19
C ILE C 271 -22.76 5.50 -28.47
N PHE C 272 -21.74 4.93 -27.84
CA PHE C 272 -21.52 3.49 -27.90
C PHE C 272 -22.20 2.85 -26.69
N ASP C 273 -23.22 2.04 -26.96
CA ASP C 273 -23.87 1.26 -25.93
C ASP C 273 -23.02 0.02 -25.68
N GLU C 274 -22.22 0.06 -24.62
CA GLU C 274 -21.33 -1.06 -24.27
C GLU C 274 -21.85 -1.86 -23.07
N VAL C 275 -23.16 -1.83 -22.84
CA VAL C 275 -23.74 -2.57 -21.72
C VAL C 275 -23.29 -4.04 -21.75
N MET C 276 -23.25 -4.63 -22.95
CA MET C 276 -22.73 -5.98 -23.13
C MET C 276 -21.26 -6.02 -23.55
N THR C 277 -20.88 -5.16 -24.49
CA THR C 277 -19.56 -5.27 -25.12
C THR C 277 -18.40 -4.82 -24.22
N SER C 278 -18.71 -4.13 -23.13
CA SER C 278 -17.66 -3.63 -22.22
C SER C 278 -16.78 -4.73 -21.64
N ARG C 279 -17.32 -5.95 -21.56
CA ARG C 279 -16.57 -7.09 -20.99
C ARG C 279 -15.48 -7.64 -21.91
N LEU C 280 -15.55 -7.29 -23.20
CA LEU C 280 -14.76 -7.97 -24.22
C LEU C 280 -13.25 -7.75 -24.10
N SER C 281 -12.86 -6.61 -23.55
CA SER C 281 -11.48 -6.39 -23.10
C SER C 281 -11.52 -5.52 -21.85
N GLY C 282 -10.35 -5.23 -21.29
CA GLY C 282 -10.25 -4.33 -20.15
C GLY C 282 -10.98 -3.02 -20.38
N GLY C 283 -10.84 -2.48 -21.59
CA GLY C 283 -11.51 -1.24 -21.99
C GLY C 283 -12.62 -1.42 -23.00
N GLY C 284 -13.26 -2.58 -22.99
CA GLY C 284 -14.40 -2.88 -23.86
C GLY C 284 -14.05 -2.82 -25.34
N ALA C 285 -15.06 -2.61 -26.17
CA ALA C 285 -14.88 -2.60 -27.62
C ALA C 285 -14.03 -1.42 -28.09
N GLN C 286 -14.14 -0.29 -27.40
CA GLN C 286 -13.40 0.91 -27.78
C GLN C 286 -11.88 0.73 -27.70
N GLU C 287 -11.42 0.02 -26.68
CA GLU C 287 -10.00 -0.36 -26.58
C GLU C 287 -9.58 -1.28 -27.72
N MET C 288 -10.39 -2.30 -28.00
CA MET C 288 -10.12 -3.26 -29.07
C MET C 288 -10.04 -2.57 -30.44
N LEU C 289 -10.94 -1.62 -30.66
CA LEU C 289 -11.11 -0.98 -31.96
C LEU C 289 -10.20 0.24 -32.18
N GLY C 290 -9.83 0.91 -31.09
CA GLY C 290 -9.13 2.20 -31.19
C GLY C 290 -10.05 3.26 -31.78
N ILE C 291 -11.34 3.15 -31.48
CA ILE C 291 -12.33 4.15 -31.86
C ILE C 291 -12.95 4.67 -30.56
N SER C 292 -13.04 5.99 -30.42
CA SER C 292 -13.62 6.58 -29.22
C SER C 292 -15.00 7.17 -29.48
N ALA C 293 -15.99 6.73 -28.71
CA ALA C 293 -17.31 7.35 -28.74
C ALA C 293 -17.29 8.60 -27.87
N ASP C 294 -18.24 9.50 -28.11
CA ASP C 294 -18.39 10.72 -27.32
C ASP C 294 -18.96 10.40 -25.94
N LEU C 295 -19.95 9.52 -25.91
CA LEU C 295 -20.49 9.00 -24.66
C LEU C 295 -20.52 7.47 -24.73
N THR C 296 -20.35 6.85 -23.57
CA THR C 296 -20.39 5.40 -23.47
C THR C 296 -21.36 5.02 -22.36
N THR C 297 -22.23 4.06 -22.65
CA THR C 297 -23.12 3.54 -21.62
C THR C 297 -22.70 2.14 -21.19
N LEU C 298 -22.87 1.88 -19.90
CA LEU C 298 -22.41 0.65 -19.27
C LEU C 298 -23.55 0.08 -18.44
N GLY C 299 -23.50 -1.22 -18.20
CA GLY C 299 -24.51 -1.86 -17.37
C GLY C 299 -24.15 -3.28 -16.99
N LYS C 300 -25.19 -4.03 -16.63
CA LYS C 300 -25.11 -5.48 -16.36
C LYS C 300 -23.97 -5.83 -15.36
N TYR C 301 -22.92 -6.54 -15.78
CA TYR C 301 -21.96 -7.15 -14.83
C TYR C 301 -21.15 -6.18 -13.96
N ILE C 302 -20.95 -4.95 -14.44
CA ILE C 302 -20.01 -4.00 -13.80
C ILE C 302 -20.38 -3.65 -12.34
N GLY C 303 -21.67 -3.73 -12.01
CA GLY C 303 -22.10 -3.53 -10.62
C GLY C 303 -22.00 -4.77 -9.74
N GLY C 304 -21.28 -5.78 -10.21
CA GLY C 304 -21.03 -6.99 -9.42
C GLY C 304 -22.23 -7.91 -9.26
N GLY C 305 -23.23 -7.73 -10.12
CA GLY C 305 -24.47 -8.50 -10.02
C GLY C 305 -25.60 -7.73 -9.35
N MET C 306 -25.26 -6.58 -8.78
CA MET C 306 -26.24 -5.67 -8.19
C MET C 306 -26.85 -4.80 -9.28
N SER C 307 -27.99 -4.17 -8.99
CA SER C 307 -28.59 -3.20 -9.91
C SER C 307 -27.54 -2.20 -10.34
N PHE C 308 -27.44 -1.94 -11.64
CA PHE C 308 -26.39 -1.08 -12.14
C PHE C 308 -26.61 -0.58 -13.56
N GLY C 309 -26.22 0.67 -13.78
CA GLY C 309 -25.98 1.23 -15.09
C GLY C 309 -25.00 2.36 -14.92
N ALA C 310 -24.47 2.87 -16.02
CA ALA C 310 -23.60 4.04 -15.97
C ALA C 310 -23.53 4.73 -17.32
N PHE C 311 -23.45 6.06 -17.29
CA PHE C 311 -23.13 6.82 -18.49
C PHE C 311 -21.94 7.74 -18.24
N GLY C 312 -21.03 7.76 -19.20
CA GLY C 312 -19.81 8.56 -19.09
C GLY C 312 -19.30 8.90 -20.46
N GLY C 313 -18.15 9.57 -20.50
CA GLY C 313 -17.53 9.92 -21.77
C GLY C 313 -16.64 11.13 -21.66
N ARG C 314 -16.62 11.91 -22.74
CA ARG C 314 -15.80 13.11 -22.84
C ARG C 314 -16.04 14.08 -21.68
N ARG C 315 -14.95 14.57 -21.09
CA ARG C 315 -15.01 15.48 -19.96
C ARG C 315 -15.92 16.69 -20.24
N ASP C 316 -15.72 17.33 -21.40
CA ASP C 316 -16.47 18.54 -21.75
C ASP C 316 -17.98 18.31 -21.92
N LEU C 317 -18.36 17.06 -22.16
CA LEU C 317 -19.78 16.70 -22.22
C LEU C 317 -20.32 16.38 -20.83
N MET C 318 -19.60 15.53 -20.10
CA MET C 318 -20.03 15.10 -18.77
C MET C 318 -20.01 16.21 -17.72
N GLU C 319 -19.11 17.18 -17.88
CA GLU C 319 -19.00 18.28 -16.92
C GLU C 319 -20.25 19.16 -16.90
N ARG C 320 -21.12 19.01 -17.90
CA ARG C 320 -22.40 19.70 -17.93
C ARG C 320 -23.31 19.28 -16.77
N PHE C 321 -22.96 18.16 -16.13
CA PHE C 321 -23.71 17.67 -14.96
C PHE C 321 -23.10 18.09 -13.61
N ASP C 322 -22.00 18.84 -13.63
CA ASP C 322 -21.40 19.39 -12.42
C ASP C 322 -22.42 20.34 -11.76
N PRO C 323 -22.96 19.95 -10.58
CA PRO C 323 -24.06 20.72 -9.97
C PRO C 323 -23.68 22.13 -9.54
N ALA C 324 -22.38 22.40 -9.41
CA ALA C 324 -21.88 23.73 -9.03
C ALA C 324 -21.79 24.70 -10.21
N ARG C 325 -21.95 24.17 -11.44
CA ARG C 325 -21.94 25.00 -12.64
C ARG C 325 -23.28 25.70 -12.88
N ASP C 326 -23.21 26.93 -13.37
CA ASP C 326 -24.38 27.66 -13.86
C ASP C 326 -24.99 26.92 -15.04
N GLY C 327 -26.30 26.70 -14.98
CA GLY C 327 -27.01 25.98 -16.04
C GLY C 327 -26.71 24.49 -16.09
N ALA C 328 -26.31 23.92 -14.96
CA ALA C 328 -26.00 22.50 -14.85
C ALA C 328 -27.22 21.64 -15.18
N PHE C 329 -26.99 20.54 -15.88
CA PHE C 329 -28.04 19.53 -16.06
C PHE C 329 -28.14 18.72 -14.79
N ALA C 330 -29.35 18.27 -14.50
CA ALA C 330 -29.59 17.42 -13.35
C ALA C 330 -29.63 15.96 -13.78
N HIS C 331 -29.07 15.10 -12.94
CA HIS C 331 -29.23 13.67 -13.07
C HIS C 331 -29.51 13.08 -11.70
N ALA C 332 -30.75 12.61 -11.53
CA ALA C 332 -31.23 12.11 -10.25
C ALA C 332 -31.33 10.59 -10.26
N GLY C 333 -31.74 10.03 -9.13
CA GLY C 333 -31.95 8.58 -9.00
C GLY C 333 -31.61 8.14 -7.58
N THR C 334 -32.65 7.81 -6.82
CA THR C 334 -32.51 7.45 -5.41
C THR C 334 -31.40 6.43 -5.14
N PHE C 335 -31.34 5.39 -5.96
CA PHE C 335 -30.41 4.28 -5.71
C PHE C 335 -29.13 4.33 -6.55
N ASN C 336 -28.91 5.46 -7.25
CA ASN C 336 -27.73 5.64 -8.10
C ASN C 336 -26.42 5.27 -7.39
N ASN C 337 -26.28 5.71 -6.14
CA ASN C 337 -25.07 5.52 -5.36
C ASN C 337 -25.23 4.49 -4.24
N ASN C 338 -26.23 3.62 -4.36
CA ASN C 338 -26.53 2.66 -3.29
C ASN C 338 -25.28 1.86 -2.93
N ILE C 339 -25.08 1.64 -1.63
CA ILE C 339 -23.83 1.10 -1.12
C ILE C 339 -23.49 -0.31 -1.64
N LEU C 340 -24.51 -1.13 -1.88
CA LEU C 340 -24.28 -2.49 -2.39
C LEU C 340 -23.67 -2.48 -3.79
N THR C 341 -24.24 -1.69 -4.69
CA THR C 341 -23.72 -1.56 -6.05
C THR C 341 -22.33 -0.94 -6.04
N MET C 342 -22.14 0.12 -5.25
CA MET C 342 -20.83 0.78 -5.16
C MET C 342 -19.74 -0.18 -4.67
N SER C 343 -20.07 -0.98 -3.66
N SER C 343 -20.07 -0.98 -3.67
CA SER C 343 -19.12 -1.92 -3.07
CA SER C 343 -19.11 -1.93 -3.08
C SER C 343 -18.85 -3.11 -4.00
C SER C 343 -18.85 -3.13 -3.98
N ALA C 344 -19.92 -3.78 -4.44
CA ALA C 344 -19.79 -4.96 -5.30
C ALA C 344 -19.21 -4.60 -6.66
N GLY C 345 -19.56 -3.42 -7.16
CA GLY C 345 -19.03 -2.93 -8.43
C GLY C 345 -17.53 -2.68 -8.39
N HIS C 346 -17.06 -2.00 -7.34
CA HIS C 346 -15.62 -1.78 -7.17
C HIS C 346 -14.88 -3.12 -7.05
N ALA C 347 -15.46 -4.05 -6.31
CA ALA C 347 -14.91 -5.41 -6.18
C ALA C 347 -14.88 -6.12 -7.53
N ALA C 348 -15.97 -6.01 -8.29
CA ALA C 348 -16.07 -6.63 -9.61
C ALA C 348 -14.93 -6.20 -10.54
N LEU C 349 -14.66 -4.89 -10.57
CA LEU C 349 -13.69 -4.34 -11.51
C LEU C 349 -12.23 -4.47 -11.05
N THR C 350 -12.00 -4.41 -9.74
CA THR C 350 -10.64 -4.36 -9.21
C THR C 350 -10.13 -5.67 -8.60
N GLN C 351 -11.05 -6.49 -8.11
CA GLN C 351 -10.67 -7.72 -7.41
C GLN C 351 -10.91 -8.99 -8.21
N ILE C 352 -11.93 -8.99 -9.06
CA ILE C 352 -12.33 -10.19 -9.78
C ILE C 352 -12.05 -10.07 -11.28
N TYR C 353 -12.86 -9.27 -11.96
CA TYR C 353 -12.76 -9.11 -13.40
C TYR C 353 -11.84 -7.96 -13.77
N THR C 354 -10.56 -8.15 -13.48
CA THR C 354 -9.52 -7.20 -13.85
C THR C 354 -9.39 -7.14 -15.38
N ARG C 355 -8.58 -6.21 -15.86
CA ARG C 355 -8.32 -6.09 -17.30
C ARG C 355 -7.75 -7.38 -17.87
N GLN C 356 -6.80 -7.98 -17.17
CA GLN C 356 -6.22 -9.27 -17.60
C GLN C 356 -7.26 -10.39 -17.60
N ALA C 357 -8.11 -10.41 -16.56
CA ALA C 357 -9.20 -11.38 -16.49
C ALA C 357 -10.14 -11.25 -17.68
N ALA C 358 -10.38 -10.02 -18.12
CA ALA C 358 -11.20 -9.75 -19.30
C ALA C 358 -10.58 -10.34 -20.56
N SER C 359 -9.27 -10.09 -20.74
N SER C 359 -9.27 -10.11 -20.74
CA SER C 359 -8.52 -10.66 -21.86
CA SER C 359 -8.53 -10.66 -21.86
C SER C 359 -8.57 -12.18 -21.86
C SER C 359 -8.56 -12.20 -21.86
N ASP C 360 -8.36 -12.78 -20.69
CA ASP C 360 -8.34 -14.24 -20.52
C ASP C 360 -9.70 -14.88 -20.83
N LEU C 361 -10.77 -14.28 -20.33
CA LEU C 361 -12.12 -14.82 -20.55
C LEU C 361 -12.56 -14.68 -22.01
N SER C 362 -12.21 -13.57 -22.64
CA SER C 362 -12.51 -13.38 -24.05
C SER C 362 -11.76 -14.41 -24.91
N ALA C 363 -10.49 -14.67 -24.57
CA ALA C 363 -9.71 -15.69 -25.27
C ALA C 363 -10.30 -17.09 -25.07
N SER C 364 -10.70 -17.38 -23.83
CA SER C 364 -11.41 -18.63 -23.50
C SER C 364 -12.71 -18.75 -24.30
N GLY C 365 -13.46 -17.65 -24.36
CA GLY C 365 -14.70 -17.60 -25.13
C GLY C 365 -14.48 -17.79 -26.62
N ASP C 366 -13.41 -17.18 -27.15
CA ASP C 366 -13.05 -17.33 -28.56
C ASP C 366 -12.75 -18.79 -28.89
N ARG C 367 -11.99 -19.46 -28.03
CA ARG C 367 -11.69 -20.88 -28.19
C ARG C 367 -12.97 -21.73 -28.12
N PHE C 368 -13.84 -21.39 -27.17
CA PHE C 368 -15.12 -22.08 -27.00
C PHE C 368 -16.01 -21.95 -28.25
N ARG C 369 -16.18 -20.72 -28.73
CA ARG C 369 -16.99 -20.46 -29.92
C ARG C 369 -16.41 -21.16 -31.15
N ALA C 370 -15.08 -21.14 -31.26
CA ALA C 370 -14.37 -21.81 -32.37
C ALA C 370 -14.64 -23.31 -32.35
N ASN C 371 -14.62 -23.89 -31.15
CA ASN C 371 -14.90 -25.32 -30.98
C ASN C 371 -16.32 -25.68 -31.40
N LEU C 372 -17.29 -24.87 -31.00
CA LEU C 372 -18.69 -25.07 -31.38
C LEU C 372 -18.87 -25.02 -32.90
N ASN C 373 -18.25 -24.02 -33.52
CA ASN C 373 -18.29 -23.87 -34.97
C ASN C 373 -17.56 -25.02 -35.69
N ARG C 374 -16.46 -25.48 -35.11
CA ARG C 374 -15.74 -26.66 -35.61
C ARG C 374 -16.65 -27.89 -35.60
N ILE C 375 -17.39 -28.07 -34.51
CA ILE C 375 -18.34 -29.18 -34.39
C ILE C 375 -19.42 -29.09 -35.48
N ALA C 376 -19.93 -27.89 -35.73
CA ALA C 376 -20.92 -27.68 -36.78
C ALA C 376 -20.37 -28.05 -38.16
N VAL C 377 -19.18 -27.54 -38.47
CA VAL C 377 -18.53 -27.78 -39.77
C VAL C 377 -18.19 -29.26 -39.99
N GLU C 378 -17.70 -29.93 -38.95
CA GLU C 378 -17.38 -31.37 -39.03
C GLU C 378 -18.60 -32.22 -39.33
N ASN C 379 -19.77 -31.77 -38.87
CA ASN C 379 -21.03 -32.48 -39.04
C ASN C 379 -21.87 -31.95 -40.19
N GLN C 380 -21.32 -31.00 -40.94
CA GLN C 380 -22.02 -30.33 -42.04
C GLN C 380 -23.36 -29.77 -41.59
N ALA C 381 -23.40 -29.24 -40.37
CA ALA C 381 -24.64 -28.73 -39.77
C ALA C 381 -24.95 -27.33 -40.27
N PRO C 382 -26.22 -27.08 -40.67
CA PRO C 382 -26.64 -25.76 -41.14
C PRO C 382 -26.86 -24.79 -39.98
N LEU C 383 -25.78 -24.50 -39.24
CA LEU C 383 -25.84 -23.63 -38.07
C LEU C 383 -24.47 -23.04 -37.80
N GLN C 384 -24.47 -21.91 -37.09
CA GLN C 384 -23.23 -21.26 -36.68
C GLN C 384 -23.44 -20.56 -35.35
N PHE C 385 -22.33 -20.28 -34.66
CA PHE C 385 -22.35 -19.42 -33.50
C PHE C 385 -21.62 -18.12 -33.83
N THR C 386 -22.31 -17.01 -33.66
CA THR C 386 -21.73 -15.70 -33.89
C THR C 386 -21.43 -15.04 -32.56
N GLY C 387 -20.53 -14.07 -32.57
CA GLY C 387 -20.26 -13.27 -31.37
C GLY C 387 -18.81 -12.86 -31.23
N LEU C 388 -18.48 -12.42 -30.02
CA LEU C 388 -17.14 -11.97 -29.68
C LEU C 388 -16.80 -12.44 -28.28
N GLY C 389 -15.53 -12.78 -28.06
CA GLY C 389 -15.06 -13.22 -26.75
C GLY C 389 -15.96 -14.27 -26.12
N SER C 390 -16.44 -13.98 -24.92
CA SER C 390 -17.24 -14.93 -24.14
C SER C 390 -18.75 -14.84 -24.41
N LEU C 391 -19.12 -14.15 -25.48
CA LEU C 391 -20.52 -13.98 -25.86
C LEU C 391 -20.81 -14.65 -27.20
N GLY C 392 -21.89 -15.41 -27.26
CA GLY C 392 -22.26 -16.10 -28.49
C GLY C 392 -23.73 -16.43 -28.60
N THR C 393 -24.21 -16.46 -29.83
CA THR C 393 -25.59 -16.85 -30.14
C THR C 393 -25.58 -17.81 -31.33
N ILE C 394 -26.38 -18.87 -31.23
CA ILE C 394 -26.59 -19.79 -32.34
C ILE C 394 -27.55 -19.21 -33.37
N HIS C 395 -27.23 -19.42 -34.65
CA HIS C 395 -28.13 -19.08 -35.75
C HIS C 395 -28.19 -20.26 -36.69
N PHE C 396 -29.41 -20.70 -36.99
CA PHE C 396 -29.60 -21.81 -37.93
C PHE C 396 -29.59 -21.32 -39.36
N SER C 397 -28.38 -21.03 -39.82
CA SER C 397 -28.08 -20.48 -41.13
C SER C 397 -26.56 -20.49 -41.26
N ARG C 398 -26.07 -20.63 -42.48
CA ARG C 398 -24.62 -20.53 -42.72
C ARG C 398 -24.30 -19.29 -43.55
N ALA C 399 -25.31 -18.46 -43.79
CA ALA C 399 -25.13 -17.15 -44.42
C ALA C 399 -24.36 -16.22 -43.48
N PRO C 400 -23.75 -15.15 -44.02
CA PRO C 400 -23.10 -14.18 -43.13
C PRO C 400 -24.16 -13.48 -42.29
N ILE C 401 -23.94 -13.45 -40.98
CA ILE C 401 -24.87 -12.80 -40.06
C ILE C 401 -24.34 -11.40 -39.79
N ARG C 402 -24.93 -10.42 -40.47
CA ARG C 402 -24.39 -9.06 -40.48
C ARG C 402 -25.40 -8.00 -40.03
N SER C 403 -26.69 -8.30 -40.17
CA SER C 403 -27.73 -7.37 -39.76
C SER C 403 -28.94 -8.11 -39.19
N ALA C 404 -29.92 -7.34 -38.71
CA ALA C 404 -31.13 -7.90 -38.11
C ALA C 404 -31.89 -8.82 -39.07
N GLY C 405 -31.91 -8.44 -40.35
CA GLY C 405 -32.53 -9.25 -41.40
C GLY C 405 -31.95 -10.65 -41.52
N ASP C 406 -30.63 -10.76 -41.39
CA ASP C 406 -29.93 -12.04 -41.43
C ASP C 406 -30.33 -12.94 -40.25
N VAL C 407 -30.42 -12.33 -39.07
CA VAL C 407 -30.84 -13.04 -37.85
C VAL C 407 -32.28 -13.55 -37.98
N ARG C 408 -33.16 -12.70 -38.51
CA ARG C 408 -34.57 -13.03 -38.69
C ARG C 408 -34.77 -14.12 -39.75
N ALA C 409 -33.92 -14.12 -40.78
CA ALA C 409 -34.02 -15.08 -41.89
C ALA C 409 -33.57 -16.49 -41.52
N ALA C 410 -32.74 -16.61 -40.48
CA ALA C 410 -32.30 -17.92 -39.98
C ALA C 410 -33.48 -18.68 -39.39
N ASP C 411 -33.35 -20.00 -39.28
CA ASP C 411 -34.46 -20.84 -38.84
C ASP C 411 -34.79 -20.64 -37.36
N GLN C 412 -35.98 -20.12 -37.09
CA GLN C 412 -36.43 -19.81 -35.73
C GLN C 412 -37.02 -21.01 -35.01
N GLN C 413 -37.54 -21.97 -35.79
CA GLN C 413 -38.11 -23.19 -35.24
C GLN C 413 -37.03 -24.09 -34.64
N LEU C 414 -35.91 -24.22 -35.36
CA LEU C 414 -34.79 -25.02 -34.88
C LEU C 414 -34.17 -24.40 -33.64
N LYS C 415 -34.21 -23.06 -33.58
CA LYS C 415 -33.76 -22.29 -32.43
C LYS C 415 -34.48 -22.70 -31.14
N GLU C 416 -35.81 -22.82 -31.22
CA GLU C 416 -36.62 -23.24 -30.08
C GLU C 416 -36.33 -24.69 -29.70
N LEU C 417 -36.20 -25.55 -30.71
CA LEU C 417 -35.85 -26.96 -30.49
C LEU C 417 -34.51 -27.11 -29.77
N PHE C 418 -33.54 -26.28 -30.17
CA PHE C 418 -32.21 -26.28 -29.55
C PHE C 418 -32.27 -25.94 -28.05
N PHE C 419 -33.08 -24.95 -27.70
CA PHE C 419 -33.26 -24.55 -26.30
C PHE C 419 -33.73 -25.72 -25.45
N PHE C 420 -34.81 -26.39 -25.89
CA PHE C 420 -35.37 -27.51 -25.15
C PHE C 420 -34.41 -28.69 -25.08
N HIS C 421 -33.71 -28.95 -26.18
CA HIS C 421 -32.69 -30.00 -26.21
C HIS C 421 -31.63 -29.77 -25.16
N MET C 422 -31.05 -28.56 -25.14
CA MET C 422 -29.99 -28.24 -24.18
C MET C 422 -30.49 -28.37 -22.74
N LEU C 423 -31.72 -27.95 -22.48
CA LEU C 423 -32.36 -28.13 -21.18
C LEU C 423 -32.40 -29.59 -20.73
N ARG C 424 -32.82 -30.47 -21.65
CA ARG C 424 -32.87 -31.91 -21.37
C ARG C 424 -31.48 -32.48 -21.07
N LYS C 425 -30.45 -31.80 -21.56
CA LYS C 425 -29.06 -32.21 -21.33
C LYS C 425 -28.43 -31.53 -20.10
N GLY C 426 -29.22 -30.78 -19.36
CA GLY C 426 -28.74 -30.09 -18.15
C GLY C 426 -27.90 -28.87 -18.46
N ILE C 427 -28.15 -28.28 -19.63
CA ILE C 427 -27.47 -27.04 -20.04
C ILE C 427 -28.49 -25.94 -20.21
N TYR C 428 -28.36 -24.85 -19.45
CA TYR C 428 -29.27 -23.73 -19.56
C TYR C 428 -28.64 -22.55 -20.30
N LEU C 429 -29.27 -22.14 -21.39
CA LEU C 429 -28.94 -20.89 -22.06
C LEU C 429 -30.22 -20.15 -22.45
N ALA C 430 -30.08 -18.97 -23.04
CA ALA C 430 -31.24 -18.16 -23.45
C ALA C 430 -32.14 -18.92 -24.41
N PRO C 431 -33.47 -18.75 -24.29
CA PRO C 431 -34.40 -19.26 -25.31
C PRO C 431 -33.99 -18.85 -26.73
N ARG C 432 -33.46 -17.65 -26.89
CA ARG C 432 -33.01 -17.15 -28.20
C ARG C 432 -31.66 -17.74 -28.64
N GLY C 433 -31.09 -18.63 -27.82
CA GLY C 433 -29.87 -19.35 -28.18
C GLY C 433 -28.57 -18.62 -27.86
N MET C 434 -28.62 -17.70 -26.91
CA MET C 434 -27.42 -16.97 -26.51
C MET C 434 -26.80 -17.55 -25.24
N TYR C 435 -25.47 -17.65 -25.24
CA TYR C 435 -24.71 -17.90 -24.02
C TYR C 435 -23.86 -16.68 -23.69
N ALA C 436 -23.54 -16.53 -22.40
CA ALA C 436 -22.65 -15.48 -21.94
C ALA C 436 -21.83 -16.10 -20.82
N LEU C 437 -20.63 -16.54 -21.16
CA LEU C 437 -19.80 -17.32 -20.24
C LEU C 437 -19.49 -16.54 -18.97
N SER C 438 -19.82 -17.13 -17.83
CA SER C 438 -19.43 -16.56 -16.54
C SER C 438 -18.00 -17.02 -16.22
N LEU C 439 -17.40 -16.41 -15.21
CA LEU C 439 -16.08 -16.80 -14.73
C LEU C 439 -16.09 -18.16 -14.03
N GLU C 440 -17.28 -18.69 -13.78
CA GLU C 440 -17.43 -19.98 -13.10
C GLU C 440 -17.55 -21.17 -14.04
N ILE C 441 -17.79 -20.90 -15.33
CA ILE C 441 -17.78 -21.94 -16.35
C ILE C 441 -16.37 -22.51 -16.46
N ALA C 442 -16.27 -23.83 -16.33
CA ALA C 442 -14.98 -24.51 -16.39
C ALA C 442 -14.98 -25.58 -17.48
N ASP C 443 -13.94 -26.40 -17.53
CA ASP C 443 -13.82 -27.47 -18.52
C ASP C 443 -15.05 -28.38 -18.61
N ALA C 444 -15.54 -28.84 -17.46
CA ALA C 444 -16.68 -29.77 -17.43
C ALA C 444 -17.93 -29.19 -18.09
N GLY C 445 -18.22 -27.92 -17.80
CA GLY C 445 -19.37 -27.24 -18.39
C GLY C 445 -19.22 -27.07 -19.90
N ARG C 446 -18.05 -26.61 -20.33
CA ARG C 446 -17.77 -26.40 -21.76
C ARG C 446 -17.82 -27.71 -22.56
N ASP C 447 -17.26 -28.77 -21.99
CA ASP C 447 -17.33 -30.10 -22.61
C ASP C 447 -18.76 -30.60 -22.75
N ALA C 448 -19.57 -30.42 -21.70
CA ALA C 448 -20.96 -30.85 -21.71
C ALA C 448 -21.77 -30.11 -22.77
N PHE C 449 -21.53 -28.80 -22.91
CA PHE C 449 -22.18 -27.98 -23.93
C PHE C 449 -21.85 -28.51 -25.33
N ALA C 450 -20.56 -28.73 -25.58
CA ALA C 450 -20.07 -29.22 -26.87
C ALA C 450 -20.65 -30.59 -27.21
N GLU C 451 -20.72 -31.47 -26.22
CA GLU C 451 -21.28 -32.80 -26.42
C GLU C 451 -22.77 -32.73 -26.71
N ALA C 452 -23.48 -31.88 -25.98
CA ALA C 452 -24.91 -31.67 -26.19
C ALA C 452 -25.20 -31.10 -27.58
N LEU C 453 -24.35 -30.18 -28.05
CA LEU C 453 -24.46 -29.65 -29.41
C LEU C 453 -24.32 -30.77 -30.44
N ALA C 454 -23.27 -31.57 -30.31
CA ALA C 454 -23.06 -32.74 -31.18
C ALA C 454 -24.27 -33.67 -31.16
N ASP C 455 -24.80 -33.93 -29.96
CA ASP C 455 -25.99 -34.76 -29.79
C ASP C 455 -27.20 -34.18 -30.49
N PHE C 456 -27.36 -32.86 -30.43
CA PHE C 456 -28.47 -32.19 -31.11
C PHE C 456 -28.40 -32.41 -32.62
N ILE C 457 -27.22 -32.18 -33.18
CA ILE C 457 -26.98 -32.33 -34.62
C ILE C 457 -27.29 -33.75 -35.07
N GLY C 458 -26.84 -34.74 -34.29
CA GLY C 458 -27.11 -36.14 -34.56
C GLY C 458 -28.58 -36.53 -34.45
N GLU C 459 -29.18 -36.21 -33.30
CA GLU C 459 -30.56 -36.59 -33.00
C GLU C 459 -31.59 -35.89 -33.89
N GLN C 460 -31.26 -34.67 -34.34
CA GLN C 460 -32.20 -33.88 -35.15
C GLN C 460 -31.77 -33.77 -36.61
N ARG C 461 -30.96 -34.73 -37.08
CA ARG C 461 -30.43 -34.75 -38.44
C ARG C 461 -31.51 -34.61 -39.53
N ALA C 462 -32.64 -35.27 -39.33
CA ALA C 462 -33.75 -35.26 -40.29
C ALA C 462 -34.34 -33.85 -40.49
N LEU C 463 -34.25 -33.01 -39.47
CA LEU C 463 -34.74 -31.63 -39.54
C LEU C 463 -33.66 -30.64 -39.96
N LEU C 464 -32.43 -31.13 -40.11
CA LEU C 464 -31.29 -30.32 -40.52
C LEU C 464 -30.84 -30.68 -41.93
N1 PLP D . 9.97 13.92 18.13
C2 PLP D . 9.11 13.91 19.15
C2A PLP D . 8.49 15.24 19.62
C3 PLP D . 8.78 12.71 19.79
O3 PLP D . 7.99 12.72 20.73
C4 PLP D . 9.35 11.50 19.36
C4A PLP D . 9.02 10.14 20.01
C5 PLP D . 10.25 11.59 18.29
C6 PLP D . 10.54 12.81 17.69
C5A PLP D . 10.94 10.31 17.74
O4P PLP D . 10.14 9.41 17.11
P PLP D . 10.69 7.89 17.13
O1P PLP D . 10.94 7.44 18.64
O2P PLP D . 12.12 7.84 16.41
O3P PLP D . 9.72 7.01 16.43
C1 AKG E . 10.01 9.89 24.76
O1 AKG E . 8.89 10.35 25.05
O2 AKG E . 10.96 9.89 25.57
C2 AKG E . 10.21 9.35 23.42
O5 AKG E . 10.51 10.10 22.52
C3 AKG E . 10.06 7.87 23.18
C4 AKG E . 11.26 7.34 22.39
C5 AKG E . 11.55 5.92 22.78
O3 AKG E . 10.61 5.20 23.14
O4 AKG E . 12.73 5.52 22.72
C1 GOL F . -8.37 9.28 2.66
O1 GOL F . -8.81 8.74 3.89
C2 GOL F . -9.12 8.60 1.53
O2 GOL F . -8.88 9.27 0.32
C3 GOL F . -8.63 7.17 1.43
O3 GOL F . -9.55 6.32 2.07
C1 EDO G . 18.57 30.89 -0.16
O1 EDO G . 18.57 30.08 1.02
C2 EDO G . 19.76 30.49 -1.04
O2 EDO G . 20.98 30.60 -0.31
C1 GOL H . 4.89 35.49 10.09
O1 GOL H . 3.81 35.94 10.89
C2 GOL H . 4.39 35.03 8.74
O2 GOL H . 5.18 33.95 8.31
C3 GOL H . 4.51 36.17 7.74
O3 GOL H . 5.86 36.38 7.40
N1 PLP I . 22.62 -0.43 3.98
C2 PLP I . 22.49 -1.34 3.01
C2A PLP I . 23.73 -2.05 2.47
C3 PLP I . 21.22 -1.62 2.49
O3 PLP I . 21.11 -2.47 1.59
C4 PLP I . 20.09 -0.97 2.98
C4A PLP I . 18.67 -1.27 2.45
C5 PLP I . 20.29 -0.02 4.00
C6 PLP I . 21.58 0.21 4.48
C5A PLP I . 19.11 0.74 4.60
O4P PLP I . 18.17 0.05 5.29
P PLP I . 16.72 0.73 5.36
O1P PLP I . 16.15 0.93 3.86
O2P PLP I . 16.88 2.22 5.95
O3P PLP I . 15.83 -0.10 6.21
C1 AKG J . 18.18 -0.52 -2.27
O1 AKG J . 18.29 0.38 -3.12
O2 AKG J . 18.60 -1.68 -2.47
C2 AKG J . 17.52 -0.24 -1.00
O5 AKG J . 18.17 -0.22 0.02
C3 AKG J . 16.03 0.03 -0.96
C4 AKG J . 15.76 1.38 -0.31
C5 AKG J . 14.28 1.66 -0.37
O3 AKG J . 13.49 0.70 -0.43
O4 AKG J . 13.88 2.84 -0.36
N1 PLP K . -28.33 -2.06 -23.78
C2 PLP K . -27.78 -3.26 -24.02
C2A PLP K . -26.85 -3.45 -25.23
C3 PLP K . -28.06 -4.33 -23.17
O3 PLP K . -27.55 -5.42 -23.39
C4 PLP K . -28.90 -4.16 -22.06
C4A PLP K . -29.21 -5.31 -21.10
C5 PLP K . -29.46 -2.88 -21.88
C6 PLP K . -29.14 -1.85 -22.77
C5A PLP K . -30.39 -2.61 -20.70
O4P PLP K . -29.84 -2.65 -19.45
P PLP K . -30.91 -2.93 -18.28
O1P PLP K . -31.70 -4.29 -18.63
O2P PLP K . -32.05 -1.79 -18.39
O3P PLP K . -30.27 -2.99 -16.95
C1 EDO L . -36.97 0.72 -18.48
O1 EDO L . -37.04 0.35 -19.87
C2 EDO L . -38.31 0.48 -17.82
O2 EDO L . -38.70 -0.89 -18.03
C1 AKG M . -31.27 -8.98 -23.10
O1 AKG M . -30.12 -9.45 -23.26
O2 AKG M . -32.19 -9.19 -23.92
C2 AKG M . -31.54 -8.18 -21.91
O5 AKG M . -31.13 -7.02 -21.87
C3 AKG M . -32.32 -8.74 -20.76
C4 AKG M . -33.58 -7.88 -20.54
C5 AKG M . -34.31 -8.35 -19.32
O3 AKG M . -33.72 -9.08 -18.49
O4 AKG M . -35.49 -7.99 -19.15
C1 EDO N . -20.41 -23.11 -38.53
O1 EDO N . -21.17 -23.30 -39.73
C2 EDO N . -19.27 -22.14 -38.77
O2 EDO N . -19.77 -20.90 -39.27
C1 EDO O . -9.98 3.45 -6.39
O1 EDO O . -9.91 2.37 -5.45
C2 EDO O . -9.43 3.03 -7.73
O2 EDO O . -10.17 1.91 -8.20
#